data_1DKI
#
_entry.id   1DKI
#
_cell.length_a   46.664
_cell.length_b   116.556
_cell.length_c   144.726
_cell.angle_alpha   90.00
_cell.angle_beta   94.17
_cell.angle_gamma   90.00
#
_symmetry.space_group_name_H-M   'P 1 21 1'
#
loop_
_entity.id
_entity.type
_entity.pdbx_description
1 polymer 'PYROGENIC EXOTOXIN B ZYMOGEN'
2 non-polymer 'SULFATE ION'
3 water water
#
_entity_poly.entity_id   1
_entity_poly.type   'polypeptide(L)'
_entity_poly.pdbx_seq_one_letter_code
;DQNFARNEKEAKDSAITFIQKSAAIKAGARSAEDIKLDKVNLGGELSGSNMYVYNISTGGFVIVSGDKRSPEILGYSTSG
SFDVNGKENIASFMESYVEQIKENKKLDSTYAGTAEIKQPVVKSLLDSKGIHYNQGNPYNLLTPVIEKVKPGEQSFVGQH
AATGSVATATAQIMKYHNYPNKGLKDYTYTLSSNNPYFNHPKNLFAAISTRQYNWNNILPTYSGRESNVQKMAISELMAD
VGISVDMDYGPSSGSAGSSRVQRALKENFGYNQSVHQINRGDFSKQDWEAQIDKELSQNQPVYYQGVGKVGGHAFVIDGA
DGRNFYHVNWGWGGVSDGFFRLDALNPSALGTGGGAGGFNGYQSAVVGIKP
;
_entity_poly.pdbx_strand_id   A,B,C,D
#
# COMPACT_ATOMS: atom_id res chain seq x y z
N LEU A 37 44.37 20.07 11.33
CA LEU A 37 43.13 20.45 10.67
C LEU A 37 43.20 20.17 9.18
N ASP A 38 42.08 19.68 8.64
CA ASP A 38 41.96 19.36 7.22
C ASP A 38 40.71 20.05 6.69
N LYS A 39 40.90 21.20 6.07
CA LYS A 39 39.77 21.98 5.54
C LYS A 39 38.85 21.17 4.64
N VAL A 40 37.60 21.61 4.57
CA VAL A 40 36.59 20.97 3.73
C VAL A 40 36.30 21.92 2.58
N ASN A 41 36.11 21.37 1.37
CA ASN A 41 35.80 22.19 0.21
C ASN A 41 34.28 22.23 0.07
N LEU A 42 33.66 23.15 0.80
CA LEU A 42 32.20 23.32 0.80
C LEU A 42 31.57 23.40 -0.59
N GLY A 43 32.17 24.20 -1.46
CA GLY A 43 31.66 24.35 -2.81
C GLY A 43 30.24 24.86 -2.85
N GLY A 44 29.59 24.69 -3.99
CA GLY A 44 28.21 25.15 -4.14
C GLY A 44 27.99 26.61 -3.84
N GLU A 45 27.17 26.88 -2.84
CA GLU A 45 26.85 28.25 -2.43
C GLU A 45 27.74 28.68 -1.27
N LEU A 46 28.58 27.77 -0.81
CA LEU A 46 29.47 28.05 0.31
C LEU A 46 30.92 28.01 -0.17
N SER A 47 31.08 28.20 -1.49
CA SER A 47 32.40 28.16 -2.12
C SER A 47 33.17 29.48 -2.08
N GLY A 48 32.81 30.37 -1.16
CA GLY A 48 33.51 31.65 -1.07
C GLY A 48 34.62 31.65 -0.06
N SER A 49 34.97 32.83 0.44
CA SER A 49 36.02 32.98 1.43
C SER A 49 35.49 33.71 2.66
N ASN A 50 34.16 33.77 2.76
CA ASN A 50 33.50 34.43 3.87
C ASN A 50 33.39 33.51 5.08
N MET A 51 33.72 32.24 4.88
CA MET A 51 33.67 31.26 5.96
C MET A 51 34.51 30.05 5.62
N TYR A 52 35.17 29.48 6.64
CA TYR A 52 36.02 28.31 6.45
C TYR A 52 35.76 27.23 7.50
N VAL A 53 35.78 25.98 7.07
CA VAL A 53 35.55 24.85 7.97
C VAL A 53 36.70 23.86 7.92
N TYR A 54 37.18 23.43 9.09
CA TYR A 54 38.28 22.47 9.17
C TYR A 54 37.93 21.31 10.09
N ASN A 55 38.13 20.09 9.58
CA ASN A 55 37.84 18.88 10.37
C ASN A 55 38.97 18.49 11.31
N GLY A 60 36.86 15.95 15.68
CA GLY A 60 35.97 17.09 15.78
C GLY A 60 36.13 18.00 14.58
N PHE A 61 35.61 19.22 14.69
CA PHE A 61 35.72 20.21 13.60
C PHE A 61 35.53 21.63 14.14
N VAL A 62 35.88 22.62 13.31
CA VAL A 62 35.74 24.01 13.71
C VAL A 62 35.28 24.88 12.54
N ILE A 63 34.46 25.88 12.83
CA ILE A 63 33.96 26.78 11.79
C ILE A 63 34.32 28.23 12.15
N VAL A 64 35.11 28.86 11.28
CA VAL A 64 35.56 30.24 11.50
C VAL A 64 35.19 31.13 10.32
N SER A 65 34.75 32.35 10.60
CA SER A 65 34.37 33.29 9.56
C SER A 65 35.61 33.99 9.02
N GLY A 66 35.47 34.65 7.87
CA GLY A 66 36.60 35.35 7.27
C GLY A 66 36.40 36.85 7.17
N ASP A 67 35.91 37.45 8.26
CA ASP A 67 35.67 38.89 8.31
C ASP A 67 35.33 39.24 9.76
N LYS A 68 36.26 39.93 10.42
CA LYS A 68 36.10 40.31 11.81
C LYS A 68 34.91 41.19 12.17
N ARG A 69 34.05 41.48 11.20
CA ARG A 69 32.87 42.28 11.50
C ARG A 69 31.76 41.32 11.94
N SER A 70 32.17 40.07 12.16
CA SER A 70 31.27 39.01 12.60
C SER A 70 32.05 38.09 13.54
N PRO A 71 31.36 37.33 14.40
CA PRO A 71 32.04 36.42 15.33
C PRO A 71 33.12 35.60 14.64
N GLU A 72 34.12 35.18 15.42
CA GLU A 72 35.23 34.40 14.89
C GLU A 72 34.87 32.92 14.74
N ILE A 73 34.56 32.28 15.86
CA ILE A 73 34.19 30.87 15.86
C ILE A 73 32.67 30.75 15.77
N LEU A 74 32.20 30.16 14.66
CA LEU A 74 30.77 30.00 14.43
C LEU A 74 30.22 28.68 14.98
N GLY A 75 30.94 27.59 14.73
CA GLY A 75 30.50 26.30 15.22
C GLY A 75 31.68 25.39 15.47
N TYR A 76 31.48 24.32 16.25
CA TYR A 76 32.58 23.42 16.55
C TYR A 76 32.10 22.12 17.17
N SER A 77 33.03 21.18 17.30
CA SER A 77 32.78 19.89 17.93
C SER A 77 34.11 19.17 18.17
N THR A 78 34.15 18.33 19.20
CA THR A 78 35.35 17.58 19.53
C THR A 78 35.31 16.16 18.95
N SER A 79 34.23 15.83 18.26
CA SER A 79 34.10 14.50 17.66
C SER A 79 33.42 14.53 16.31
N GLY A 80 33.66 13.50 15.51
CA GLY A 80 33.06 13.42 14.19
C GLY A 80 33.63 14.48 13.26
N SER A 81 32.94 14.72 12.15
CA SER A 81 33.38 15.72 11.17
C SER A 81 32.20 16.55 10.69
N PHE A 82 32.49 17.47 9.78
CA PHE A 82 31.46 18.33 9.23
C PHE A 82 31.43 18.14 7.72
N ASP A 83 30.24 18.15 7.15
CA ASP A 83 30.06 17.96 5.71
C ASP A 83 28.65 18.45 5.39
N VAL A 84 28.41 18.81 4.13
CA VAL A 84 27.08 19.29 3.74
C VAL A 84 26.66 18.79 2.37
N ASN A 85 27.45 17.89 1.78
CA ASN A 85 27.12 17.36 0.47
C ASN A 85 25.85 16.54 0.57
N GLY A 86 24.86 16.90 -0.25
CA GLY A 86 23.60 16.19 -0.27
C GLY A 86 22.73 16.40 0.95
N LYS A 87 23.18 17.26 1.87
CA LYS A 87 22.42 17.53 3.08
C LYS A 87 21.98 18.99 3.11
N GLU A 88 20.93 19.26 2.35
CA GLU A 88 20.35 20.58 2.19
C GLU A 88 19.99 21.35 3.45
N ASN A 89 19.60 20.67 4.52
CA ASN A 89 19.26 21.40 5.74
C ASN A 89 20.50 22.00 6.44
N ILE A 90 21.65 21.35 6.28
CA ILE A 90 22.88 21.84 6.88
C ILE A 90 23.41 22.99 6.00
N ALA A 91 23.38 22.76 4.69
CA ALA A 91 23.84 23.75 3.72
C ALA A 91 23.04 25.06 3.77
N SER A 92 21.73 24.94 4.00
CA SER A 92 20.84 26.10 4.09
C SER A 92 21.26 26.95 5.28
N PHE A 93 21.56 26.31 6.39
CA PHE A 93 21.96 27.02 7.60
C PHE A 93 23.30 27.73 7.35
N MET A 94 24.23 27.02 6.72
CA MET A 94 25.53 27.61 6.42
C MET A 94 25.39 28.80 5.49
N GLU A 95 24.52 28.67 4.49
CA GLU A 95 24.31 29.75 3.54
C GLU A 95 23.76 31.01 4.22
N SER A 96 23.12 30.84 5.37
CA SER A 96 22.59 31.97 6.12
C SER A 96 23.73 32.67 6.86
N TYR A 97 24.71 31.90 7.31
CA TYR A 97 25.87 32.48 8.00
C TYR A 97 26.56 33.41 7.02
N VAL A 98 26.78 32.92 5.80
CA VAL A 98 27.43 33.69 4.76
C VAL A 98 26.69 34.99 4.47
N GLU A 99 25.37 34.91 4.31
CA GLU A 99 24.56 36.11 4.05
C GLU A 99 24.71 37.06 5.22
N GLN A 100 24.79 36.49 6.42
CA GLN A 100 24.94 37.25 7.66
C GLN A 100 26.27 38.00 7.70
N ILE A 101 27.36 37.28 7.49
CA ILE A 101 28.68 37.88 7.52
C ILE A 101 28.78 38.99 6.48
N LYS A 102 28.24 38.76 5.29
CA LYS A 102 28.27 39.77 4.24
C LYS A 102 27.47 41.00 4.65
N GLU A 103 26.47 40.80 5.51
CA GLU A 103 25.66 41.91 5.99
C GLU A 103 26.51 42.71 6.97
N ASN A 104 27.44 42.03 7.63
CA ASN A 104 28.32 42.69 8.57
C ASN A 104 29.35 43.52 7.82
N LYS A 105 29.36 43.40 6.49
CA LYS A 105 30.31 44.16 5.67
C LYS A 105 29.96 45.63 5.58
N LYS A 106 28.68 45.94 5.75
CA LYS A 106 28.22 47.32 5.68
C LYS A 106 28.63 48.12 6.92
N LEU A 107 29.35 47.47 7.83
CA LEU A 107 29.82 48.13 9.05
C LEU A 107 31.32 48.36 8.98
N PRO A 120 23.43 28.78 30.88
CA PRO A 120 23.24 27.40 31.38
C PRO A 120 23.87 26.36 30.45
N VAL A 121 24.35 25.31 31.06
CA VAL A 121 24.95 24.29 30.24
C VAL A 121 24.04 23.08 30.22
N VAL A 122 23.61 22.67 29.03
CA VAL A 122 22.72 21.54 28.88
C VAL A 122 23.38 20.50 27.98
N LYS A 123 23.66 19.33 28.54
CA LYS A 123 24.28 18.24 27.78
C LYS A 123 23.27 17.75 26.75
N SER A 124 23.69 17.56 25.51
CA SER A 124 22.84 17.08 24.43
C SER A 124 21.78 16.11 24.95
N LEU A 125 20.52 16.51 24.90
CA LEU A 125 19.45 15.66 25.38
C LEU A 125 19.28 14.40 24.52
N LEU A 126 19.41 14.52 23.20
CA LEU A 126 19.26 13.35 22.34
C LEU A 126 20.42 12.39 22.54
N ASP A 127 21.64 12.92 22.58
CA ASP A 127 22.82 12.06 22.78
C ASP A 127 22.67 11.27 24.08
N SER A 128 22.08 11.90 25.09
CA SER A 128 21.89 11.26 26.39
C SER A 128 20.99 10.03 26.33
N LYS A 129 20.22 9.93 25.26
CA LYS A 129 19.32 8.79 25.10
C LYS A 129 19.73 7.97 23.88
N GLY A 130 20.86 8.36 23.28
CA GLY A 130 21.39 7.64 22.12
C GLY A 130 20.52 7.74 20.89
N ILE A 131 19.85 8.88 20.73
CA ILE A 131 18.98 9.09 19.58
C ILE A 131 19.71 9.70 18.40
N HIS A 132 19.82 8.94 17.31
CA HIS A 132 20.46 9.42 16.10
C HIS A 132 19.72 8.81 14.91
N TYR A 133 18.77 9.57 14.36
CA TYR A 133 17.99 9.09 13.20
C TYR A 133 18.57 9.65 11.93
N ASN A 134 18.11 9.17 10.78
CA ASN A 134 18.62 9.61 9.49
C ASN A 134 17.43 9.76 8.58
N GLN A 135 17.67 9.97 7.29
CA GLN A 135 16.58 10.13 6.35
C GLN A 135 16.39 8.99 5.38
N GLY A 136 17.35 8.06 5.34
CA GLY A 136 17.22 6.95 4.40
C GLY A 136 16.94 5.66 5.12
N ASN A 137 17.45 4.55 4.57
CA ASN A 137 17.21 3.24 5.16
C ASN A 137 17.73 3.15 6.58
N PRO A 138 16.96 2.52 7.50
CA PRO A 138 15.64 1.89 7.35
C PRO A 138 14.53 2.85 7.75
N TYR A 139 14.90 4.08 8.06
CA TYR A 139 13.92 5.08 8.45
C TYR A 139 12.85 5.35 7.39
N ASN A 140 13.22 5.25 6.12
CA ASN A 140 12.28 5.56 5.03
C ASN A 140 11.66 4.32 4.39
N LEU A 141 11.73 3.18 5.07
CA LEU A 141 11.19 1.96 4.45
C LEU A 141 9.68 2.00 4.14
N LEU A 142 8.93 2.96 4.67
CA LEU A 142 7.52 3.01 4.37
C LEU A 142 7.09 4.33 3.70
N THR A 143 8.07 5.16 3.32
CA THR A 143 7.71 6.39 2.62
C THR A 143 7.32 5.97 1.18
N PRO A 144 6.63 6.84 0.44
CA PRO A 144 6.25 6.46 -0.93
C PRO A 144 7.45 6.11 -1.83
N VAL A 145 7.28 5.12 -2.69
CA VAL A 145 8.34 4.69 -3.61
C VAL A 145 8.28 5.51 -4.89
N ILE A 146 9.40 6.17 -5.20
CA ILE A 146 9.49 7.02 -6.38
C ILE A 146 9.12 6.23 -7.63
N GLU A 147 8.25 6.83 -8.44
CA GLU A 147 7.71 6.19 -9.65
C GLU A 147 8.20 6.75 -10.98
N LYS A 148 8.64 7.99 -10.98
CA LYS A 148 9.06 8.63 -12.22
C LYS A 148 10.44 9.26 -12.14
N VAL A 149 11.09 9.35 -13.30
CA VAL A 149 12.40 10.00 -13.35
C VAL A 149 12.09 11.45 -13.70
N LYS A 150 12.67 12.37 -12.94
CA LYS A 150 12.50 13.81 -13.17
C LYS A 150 13.33 14.16 -14.39
N PRO A 151 12.71 14.80 -15.42
CA PRO A 151 13.45 15.17 -16.63
C PRO A 151 14.82 15.76 -16.33
N GLY A 152 15.84 15.16 -16.94
CA GLY A 152 17.21 15.65 -16.77
C GLY A 152 17.96 15.18 -15.54
N GLU A 153 17.31 14.42 -14.66
CA GLU A 153 17.95 13.95 -13.44
C GLU A 153 18.16 12.44 -13.51
N GLN A 154 19.10 11.92 -12.71
CA GLN A 154 19.37 10.48 -12.68
C GLN A 154 18.16 9.80 -12.03
N SER A 155 17.86 8.57 -12.42
CA SER A 155 16.69 7.87 -11.87
C SER A 155 16.79 7.36 -10.44
N PHE A 156 15.71 7.57 -9.69
CA PHE A 156 15.61 7.08 -8.33
C PHE A 156 14.37 6.22 -8.27
N VAL A 157 13.84 5.85 -9.44
CA VAL A 157 12.64 5.02 -9.50
C VAL A 157 12.84 3.71 -8.72
N GLY A 158 11.88 3.39 -7.85
CA GLY A 158 11.99 2.18 -7.07
C GLY A 158 12.57 2.39 -5.68
N GLN A 159 13.14 3.57 -5.43
CA GLN A 159 13.69 3.86 -4.11
C GLN A 159 12.61 4.54 -3.29
N HIS A 160 12.67 4.34 -1.98
CA HIS A 160 11.74 5.02 -1.08
C HIS A 160 12.23 6.45 -0.93
N ALA A 161 11.30 7.41 -0.98
CA ALA A 161 11.69 8.79 -0.85
C ALA A 161 12.32 9.09 0.50
N ALA A 162 13.07 10.17 0.58
CA ALA A 162 13.70 10.59 1.83
C ALA A 162 12.59 10.89 2.84
N THR A 163 12.88 10.72 4.13
CA THR A 163 11.86 11.02 5.13
C THR A 163 11.61 12.52 5.25
N GLY A 164 12.63 13.32 4.95
CA GLY A 164 12.52 14.78 5.04
C GLY A 164 13.10 15.26 6.37
N SER A 165 13.90 16.35 6.38
CA SER A 165 14.46 16.80 7.64
C SER A 165 13.39 17.14 8.65
N VAL A 166 12.27 17.68 8.17
CA VAL A 166 11.20 18.02 9.08
C VAL A 166 10.69 16.79 9.85
N ALA A 167 10.49 15.68 9.15
CA ALA A 167 10.03 14.49 9.83
C ALA A 167 11.11 13.86 10.70
N THR A 168 12.36 13.84 10.25
CA THR A 168 13.42 13.25 11.06
C THR A 168 13.62 14.07 12.34
N ALA A 169 13.57 15.40 12.24
CA ALA A 169 13.71 16.22 13.45
C ALA A 169 12.56 15.93 14.42
N THR A 170 11.35 15.96 13.90
CA THR A 170 10.18 15.68 14.72
C THR A 170 10.21 14.29 15.36
N ALA A 171 10.58 13.27 14.58
CA ALA A 171 10.63 11.92 15.11
C ALA A 171 11.63 11.72 16.25
N GLN A 172 12.77 12.39 16.16
CA GLN A 172 13.78 12.28 17.21
C GLN A 172 13.26 12.89 18.49
N ILE A 173 12.58 14.04 18.38
CA ILE A 173 12.02 14.65 19.56
C ILE A 173 10.95 13.75 20.16
N MET A 174 10.13 13.12 19.31
CA MET A 174 9.10 12.24 19.83
C MET A 174 9.71 11.04 20.53
N LYS A 175 10.79 10.51 19.98
CA LYS A 175 11.45 9.36 20.59
C LYS A 175 12.01 9.75 21.96
N TYR A 176 12.47 11.00 22.09
CA TYR A 176 13.00 11.45 23.37
C TYR A 176 11.94 11.32 24.46
N HIS A 177 10.70 11.61 24.07
CA HIS A 177 9.59 11.53 25.00
C HIS A 177 8.88 10.18 25.00
N ASN A 178 9.22 9.32 24.03
CA ASN A 178 8.55 8.03 23.88
C ASN A 178 7.05 8.26 24.00
N TYR A 179 6.56 9.18 23.15
CA TYR A 179 5.16 9.54 23.18
C TYR A 179 4.70 9.90 21.76
N PRO A 180 3.42 9.63 21.45
CA PRO A 180 2.39 9.02 22.30
C PRO A 180 2.36 7.51 22.20
N ASN A 181 1.59 6.91 23.09
CA ASN A 181 1.42 5.47 23.05
C ASN A 181 0.34 5.17 22.05
N LYS A 182 -0.65 6.06 21.97
CA LYS A 182 -1.76 5.89 21.03
C LYS A 182 -1.91 7.11 20.15
N GLY A 183 -1.99 6.89 18.84
CA GLY A 183 -2.21 7.99 17.91
C GLY A 183 -3.62 8.50 18.11
N LEU A 184 -3.87 9.80 17.86
CA LEU A 184 -5.22 10.35 18.07
C LEU A 184 -6.14 10.63 16.87
N LYS A 185 -5.57 11.15 15.79
CA LYS A 185 -6.35 11.51 14.61
C LYS A 185 -5.64 11.15 13.32
N ASP A 186 -6.42 10.67 12.36
CA ASP A 186 -5.90 10.30 11.05
C ASP A 186 -5.52 11.56 10.30
N TYR A 187 -4.80 11.39 9.20
CA TYR A 187 -4.39 12.55 8.41
C TYR A 187 -4.30 12.18 6.93
N THR A 188 -4.71 13.11 6.07
CA THR A 188 -4.64 12.89 4.64
C THR A 188 -4.26 14.21 3.98
N TYR A 189 -3.65 14.11 2.80
CA TYR A 189 -3.31 15.29 2.00
C TYR A 189 -3.05 14.83 0.58
N THR A 190 -3.07 15.78 -0.36
CA THR A 190 -2.86 15.44 -1.77
C THR A 190 -1.47 15.89 -2.14
N LEU A 191 -0.73 15.04 -2.84
CA LEU A 191 0.62 15.38 -3.23
C LEU A 191 0.61 16.55 -4.20
N SER A 192 1.56 17.45 -4.03
CA SER A 192 1.73 18.63 -4.88
C SER A 192 1.68 18.28 -6.36
N SER A 193 0.81 18.96 -7.07
CA SER A 193 0.62 18.70 -8.49
C SER A 193 1.89 18.82 -9.31
N ASN A 194 2.85 19.60 -8.83
CA ASN A 194 4.09 19.77 -9.57
C ASN A 194 5.20 18.76 -9.26
N ASN A 195 4.96 17.85 -8.32
CA ASN A 195 5.96 16.86 -7.94
C ASN A 195 6.22 15.97 -9.14
N PRO A 196 7.46 15.95 -9.66
CA PRO A 196 7.78 15.14 -10.84
C PRO A 196 8.15 13.67 -10.56
N TYR A 197 8.05 13.26 -9.30
CA TYR A 197 8.43 11.90 -8.93
C TYR A 197 7.31 10.87 -8.84
N PHE A 198 6.06 11.33 -8.87
CA PHE A 198 4.92 10.43 -8.75
C PHE A 198 3.83 10.76 -9.74
N ASN A 199 3.08 9.73 -10.10
CA ASN A 199 1.96 9.89 -11.00
C ASN A 199 0.87 10.66 -10.24
N HIS A 200 0.09 11.44 -10.96
CA HIS A 200 -0.98 12.21 -10.37
C HIS A 200 -2.30 11.77 -10.95
N PRO A 201 -3.39 11.92 -10.17
CA PRO A 201 -3.39 12.49 -8.80
C PRO A 201 -2.92 11.50 -7.74
N LYS A 202 -2.45 12.01 -6.61
CA LYS A 202 -2.01 11.14 -5.54
C LYS A 202 -2.42 11.70 -4.18
N ASN A 203 -3.16 10.89 -3.43
CA ASN A 203 -3.60 11.29 -2.10
C ASN A 203 -2.93 10.38 -1.11
N LEU A 204 -2.35 10.98 -0.07
CA LEU A 204 -1.66 10.19 0.96
C LEU A 204 -2.51 10.18 2.23
N PHE A 205 -2.46 9.05 2.94
CA PHE A 205 -3.25 8.85 4.16
C PHE A 205 -2.49 8.03 5.20
N ALA A 206 -2.61 8.43 6.45
CA ALA A 206 -2.01 7.72 7.59
C ALA A 206 -3.09 7.55 8.64
N ALA A 207 -3.38 6.30 9.01
CA ALA A 207 -4.41 5.97 10.02
C ALA A 207 -3.82 6.11 11.42
N ILE A 208 -3.38 7.30 11.74
CA ILE A 208 -2.75 7.56 13.00
C ILE A 208 -3.69 7.30 14.19
N SER A 209 -5.00 7.54 14.03
CA SER A 209 -5.93 7.29 15.13
C SER A 209 -5.96 5.81 15.52
N THR A 210 -5.44 4.93 14.67
CA THR A 210 -5.44 3.49 14.97
C THR A 210 -4.10 2.96 15.50
N ARG A 211 -3.12 3.83 15.62
CA ARG A 211 -1.79 3.44 16.02
C ARG A 211 -1.57 3.22 17.49
N GLN A 212 -0.86 2.14 17.79
CA GLN A 212 -0.45 1.84 19.16
C GLN A 212 1.05 1.71 18.95
N TYR A 213 1.77 2.81 19.20
CA TYR A 213 3.21 2.86 19.01
C TYR A 213 3.95 2.14 20.14
N ASN A 214 4.77 1.17 19.78
CA ASN A 214 5.54 0.47 20.81
C ASN A 214 6.96 1.06 20.83
N TRP A 215 7.20 1.95 21.78
CA TRP A 215 8.48 2.61 21.89
C TRP A 215 9.69 1.71 22.23
N ASN A 216 9.44 0.47 22.63
CA ASN A 216 10.53 -0.48 22.87
C ASN A 216 11.04 -0.95 21.50
N ASN A 217 10.14 -1.02 20.53
CA ASN A 217 10.49 -1.44 19.16
C ASN A 217 10.99 -0.28 18.30
N ILE A 218 10.62 0.95 18.67
CA ILE A 218 11.12 2.10 17.93
C ILE A 218 12.47 2.43 18.62
N LEU A 219 13.55 1.89 18.08
CA LEU A 219 14.87 2.07 18.69
C LEU A 219 15.45 3.48 18.60
N PRO A 220 16.36 3.83 19.53
CA PRO A 220 16.99 5.16 19.52
C PRO A 220 17.85 5.39 18.28
N THR A 221 18.39 4.32 17.70
CA THR A 221 19.17 4.41 16.46
C THR A 221 19.18 3.03 15.80
N TYR A 222 19.49 3.00 14.50
CA TYR A 222 19.50 1.76 13.75
C TYR A 222 20.82 1.49 13.07
N SER A 223 21.30 0.25 13.22
CA SER A 223 22.56 -0.23 12.65
C SER A 223 22.38 -0.76 11.24
N GLY A 224 21.43 -1.67 11.06
CA GLY A 224 21.21 -2.22 9.74
C GLY A 224 20.57 -3.59 9.66
N ARG A 225 21.01 -4.51 10.50
CA ARG A 225 20.41 -5.83 10.42
C ARG A 225 19.37 -6.08 11.51
N GLU A 226 18.52 -5.08 11.77
CA GLU A 226 17.47 -5.25 12.77
C GLU A 226 16.34 -6.06 12.15
N SER A 227 15.56 -6.74 12.97
CA SER A 227 14.46 -7.56 12.48
C SER A 227 13.30 -6.68 12.00
N ASN A 228 12.32 -7.31 11.38
CA ASN A 228 11.13 -6.61 10.86
C ASN A 228 10.43 -5.87 12.00
N VAL A 229 10.40 -6.48 13.18
CA VAL A 229 9.70 -5.85 14.32
C VAL A 229 10.19 -4.43 14.54
N GLN A 230 11.50 -4.29 14.62
CA GLN A 230 12.10 -3.00 14.85
C GLN A 230 12.12 -2.08 13.64
N LYS A 231 12.34 -2.63 12.45
CA LYS A 231 12.37 -1.80 11.27
C LYS A 231 11.00 -1.27 10.95
N MET A 232 9.99 -2.12 11.13
CA MET A 232 8.62 -1.68 10.85
C MET A 232 8.23 -0.55 11.80
N ALA A 233 8.62 -0.69 13.06
CA ALA A 233 8.26 0.33 14.05
C ALA A 233 8.80 1.70 13.71
N ILE A 234 10.07 1.79 13.36
CA ILE A 234 10.61 3.12 13.05
C ILE A 234 10.12 3.65 11.72
N SER A 235 9.95 2.77 10.73
CA SER A 235 9.53 3.24 9.43
C SER A 235 8.09 3.70 9.46
N GLU A 236 7.29 3.05 10.30
CA GLU A 236 5.89 3.43 10.40
C GLU A 236 5.82 4.82 11.05
N LEU A 237 6.59 5.02 12.10
CA LEU A 237 6.57 6.34 12.76
C LEU A 237 7.01 7.44 11.75
N MET A 238 8.12 7.22 11.05
CA MET A 238 8.61 8.21 10.10
C MET A 238 7.60 8.51 8.97
N ALA A 239 6.90 7.47 8.51
CA ALA A 239 5.93 7.65 7.45
C ALA A 239 4.71 8.40 8.01
N ASP A 240 4.30 8.08 9.23
CA ASP A 240 3.15 8.79 9.81
C ASP A 240 3.49 10.27 10.02
N VAL A 241 4.67 10.54 10.57
CA VAL A 241 5.08 11.91 10.84
C VAL A 241 5.18 12.72 9.55
N GLY A 242 5.83 12.13 8.54
CA GLY A 242 5.97 12.82 7.27
C GLY A 242 4.61 13.14 6.66
N ILE A 243 3.68 12.19 6.71
CA ILE A 243 2.35 12.45 6.15
C ILE A 243 1.65 13.56 6.93
N SER A 244 1.78 13.54 8.25
CA SER A 244 1.11 14.56 9.07
C SER A 244 1.61 15.96 8.79
N VAL A 245 2.75 16.08 8.11
CA VAL A 245 3.27 17.41 7.76
C VAL A 245 3.24 17.66 6.24
N ASP A 246 2.35 16.97 5.52
CA ASP A 246 2.19 17.13 4.07
C ASP A 246 3.54 17.07 3.31
N MET A 247 4.34 16.04 3.59
CA MET A 247 5.64 15.93 2.96
C MET A 247 5.62 15.78 1.44
N ASP A 248 6.40 16.62 0.74
CA ASP A 248 6.49 16.55 -0.71
C ASP A 248 7.68 15.63 -0.96
N TYR A 249 7.37 14.36 -1.15
CA TYR A 249 8.39 13.34 -1.28
C TYR A 249 9.24 13.30 -2.53
N GLY A 250 10.51 12.97 -2.33
CA GLY A 250 11.41 12.87 -3.46
C GLY A 250 12.75 12.36 -2.98
N PRO A 251 13.78 12.40 -3.85
CA PRO A 251 15.12 11.97 -3.46
C PRO A 251 15.45 12.81 -2.23
N SER A 252 14.92 14.03 -2.21
CA SER A 252 15.01 14.93 -1.07
C SER A 252 13.50 15.20 -0.86
N SER A 253 13.08 15.38 0.39
CA SER A 253 11.65 15.57 0.72
C SER A 253 11.42 16.86 1.51
N GLY A 254 10.46 17.67 1.07
CA GLY A 254 10.23 18.95 1.75
C GLY A 254 8.83 19.18 2.29
N SER A 255 8.78 19.98 3.36
CA SER A 255 7.54 20.33 4.07
C SER A 255 7.63 21.79 4.52
N ALA A 256 6.48 22.45 4.70
CA ALA A 256 6.49 23.85 5.18
C ALA A 256 7.13 23.87 6.56
N GLY A 257 7.06 22.74 7.25
CA GLY A 257 7.70 22.62 8.54
C GLY A 257 6.94 23.04 9.78
N SER A 258 7.53 23.96 10.55
CA SER A 258 6.96 24.44 11.81
C SER A 258 5.45 24.51 11.94
N SER A 259 4.78 25.20 11.01
CA SER A 259 3.33 25.36 11.07
C SER A 259 2.61 24.01 11.06
N ARG A 260 3.14 23.09 10.27
CA ARG A 260 2.58 21.75 10.15
C ARG A 260 2.94 20.90 11.37
N VAL A 261 4.19 21.00 11.81
CA VAL A 261 4.71 20.25 12.94
C VAL A 261 3.96 20.54 14.23
N GLN A 262 3.74 21.82 14.54
CA GLN A 262 3.04 22.11 15.79
C GLN A 262 1.61 21.60 15.79
N ARG A 263 0.94 21.70 14.65
CA ARG A 263 -0.43 21.23 14.56
C ARG A 263 -0.48 19.71 14.64
N ALA A 264 0.42 19.03 13.94
CA ALA A 264 0.44 17.55 13.95
C ALA A 264 0.74 17.00 15.35
N LEU A 265 1.71 17.60 16.03
CA LEU A 265 2.06 17.11 17.36
C LEU A 265 0.87 17.17 18.32
N LYS A 266 0.07 18.24 18.25
CA LYS A 266 -1.11 18.30 19.10
C LYS A 266 -2.31 17.50 18.55
N GLU A 267 -2.74 17.79 17.32
CA GLU A 267 -3.91 17.15 16.74
C GLU A 267 -3.81 15.67 16.46
N ASN A 268 -2.68 15.26 15.90
CA ASN A 268 -2.53 13.87 15.53
C ASN A 268 -1.86 13.00 16.56
N PHE A 269 -0.89 13.56 17.28
CA PHE A 269 -0.14 12.77 18.24
C PHE A 269 -0.41 13.03 19.74
N GLY A 270 -1.30 13.98 20.02
CA GLY A 270 -1.66 14.21 21.41
C GLY A 270 -0.71 14.88 22.37
N TYR A 271 0.23 15.65 21.84
CA TYR A 271 1.16 16.35 22.72
C TYR A 271 0.40 17.49 23.40
N ASN A 272 1.00 18.05 24.44
CA ASN A 272 0.41 19.14 25.23
C ASN A 272 0.07 20.41 24.44
N GLN A 273 -1.01 21.08 24.83
CA GLN A 273 -1.43 22.30 24.16
C GLN A 273 -0.34 23.38 24.22
N SER A 274 0.67 23.13 25.03
CA SER A 274 1.79 24.06 25.16
C SER A 274 2.59 24.13 23.86
N VAL A 275 2.48 23.10 23.02
CA VAL A 275 3.20 23.11 21.76
C VAL A 275 2.76 24.27 20.86
N HIS A 276 3.71 25.05 20.35
CA HIS A 276 3.38 26.14 19.45
C HIS A 276 4.61 26.60 18.68
N GLN A 277 4.36 27.22 17.53
CA GLN A 277 5.41 27.75 16.69
C GLN A 277 5.78 29.17 17.15
N ILE A 278 7.07 29.47 17.12
CA ILE A 278 7.53 30.82 17.44
C ILE A 278 8.44 31.26 16.29
N ASN A 279 8.26 32.50 15.84
CA ASN A 279 9.06 33.02 14.74
C ASN A 279 10.17 33.91 15.28
N ARG A 280 11.36 33.76 14.71
CA ARG A 280 12.53 34.54 15.15
C ARG A 280 12.27 36.03 15.10
N GLY A 281 11.58 36.48 14.07
CA GLY A 281 11.28 37.90 13.90
C GLY A 281 10.37 38.53 14.92
N ASP A 282 9.72 37.71 15.76
CA ASP A 282 8.82 38.25 16.77
C ASP A 282 9.48 38.39 18.13
N PHE A 283 10.75 38.02 18.20
CA PHE A 283 11.48 38.07 19.47
C PHE A 283 12.79 38.83 19.37
N SER A 284 13.19 39.42 20.50
CA SER A 284 14.45 40.13 20.58
C SER A 284 15.43 38.97 20.77
N LYS A 285 16.71 39.18 20.44
CA LYS A 285 17.69 38.10 20.60
C LYS A 285 17.67 37.50 22.00
N GLN A 286 17.62 38.35 23.02
CA GLN A 286 17.61 37.88 24.41
C GLN A 286 16.38 37.03 24.74
N ASP A 287 15.22 37.48 24.29
CA ASP A 287 13.98 36.77 24.54
C ASP A 287 13.99 35.44 23.78
N TRP A 288 14.54 35.46 22.56
CA TRP A 288 14.60 34.26 21.72
C TRP A 288 15.41 33.16 22.38
N GLU A 289 16.66 33.50 22.72
CA GLU A 289 17.55 32.56 23.35
C GLU A 289 17.04 32.15 24.73
N ALA A 290 16.35 33.07 25.41
CA ALA A 290 15.81 32.75 26.73
C ALA A 290 14.71 31.69 26.59
N GLN A 291 14.01 31.71 25.46
CA GLN A 291 12.96 30.74 25.18
C GLN A 291 13.61 29.37 25.04
N ILE A 292 14.61 29.31 24.18
CA ILE A 292 15.34 28.08 23.94
C ILE A 292 15.96 27.56 25.24
N ASP A 293 16.59 28.46 25.99
CA ASP A 293 17.21 28.03 27.24
C ASP A 293 16.19 27.46 28.23
N LYS A 294 14.99 28.03 28.27
CA LYS A 294 13.97 27.54 29.20
C LYS A 294 13.53 26.12 28.82
N GLU A 295 13.39 25.87 27.51
CA GLU A 295 12.99 24.56 27.01
C GLU A 295 14.03 23.54 27.42
N LEU A 296 15.27 23.82 27.09
CA LEU A 296 16.37 22.92 27.42
C LEU A 296 16.50 22.76 28.94
N SER A 297 16.25 23.83 29.69
CA SER A 297 16.35 23.75 31.14
C SER A 297 15.27 22.82 31.67
N GLN A 298 14.24 22.59 30.86
CA GLN A 298 13.13 21.72 31.24
C GLN A 298 13.21 20.35 30.56
N ASN A 299 14.37 20.02 30.01
CA ASN A 299 14.57 18.75 29.32
C ASN A 299 13.58 18.61 28.16
N GLN A 300 13.49 19.66 27.36
CA GLN A 300 12.59 19.67 26.20
C GLN A 300 13.31 20.09 24.93
N PRO A 301 13.80 19.12 24.14
CA PRO A 301 14.50 19.43 22.89
C PRO A 301 13.62 20.35 22.05
N VAL A 302 14.25 21.18 21.24
CA VAL A 302 13.54 22.14 20.39
C VAL A 302 13.60 21.87 18.90
N TYR A 303 12.46 21.95 18.23
CA TYR A 303 12.43 21.79 16.77
C TYR A 303 12.83 23.18 16.23
N TYR A 304 13.75 23.23 15.27
CA TYR A 304 14.22 24.49 14.70
C TYR A 304 14.32 24.37 13.18
N GLN A 305 14.13 25.47 12.47
CA GLN A 305 14.26 25.43 11.01
C GLN A 305 14.55 26.78 10.36
N GLY A 306 15.13 26.69 9.16
CA GLY A 306 15.40 27.86 8.36
C GLY A 306 14.49 27.63 7.17
N VAL A 307 14.26 28.62 6.33
CA VAL A 307 13.37 28.40 5.19
C VAL A 307 14.04 28.47 3.82
N GLY A 308 13.69 27.51 2.96
CA GLY A 308 14.23 27.49 1.61
C GLY A 308 13.07 27.52 0.64
N LYS A 309 13.38 27.53 -0.65
CA LYS A 309 12.34 27.54 -1.66
C LYS A 309 11.51 26.25 -1.63
N VAL A 310 12.05 25.21 -1.03
CA VAL A 310 11.34 23.94 -0.97
C VAL A 310 10.68 23.67 0.39
N GLY A 311 10.73 24.67 1.27
CA GLY A 311 10.12 24.50 2.57
C GLY A 311 11.09 24.65 3.72
N GLY A 312 10.69 24.15 4.88
CA GLY A 312 11.52 24.21 6.07
C GLY A 312 12.71 23.27 6.06
N HIS A 313 13.86 23.78 6.46
CA HIS A 313 15.07 22.96 6.54
C HIS A 313 15.32 22.83 8.03
N ALA A 314 14.82 21.74 8.58
CA ALA A 314 14.85 21.49 10.01
C ALA A 314 15.98 20.69 10.63
N PHE A 315 16.06 20.84 11.94
CA PHE A 315 17.03 20.16 12.77
C PHE A 315 16.58 20.28 14.21
N VAL A 316 17.27 19.61 15.12
CA VAL A 316 16.92 19.66 16.53
C VAL A 316 17.96 20.36 17.40
N ILE A 317 17.52 21.30 18.23
CA ILE A 317 18.45 21.94 19.18
C ILE A 317 18.18 21.23 20.49
N ASP A 318 19.21 20.60 21.06
CA ASP A 318 19.03 19.83 22.28
C ASP A 318 20.09 20.05 23.36
N GLY A 319 20.91 21.08 23.18
CA GLY A 319 21.94 21.38 24.18
C GLY A 319 22.52 22.78 24.08
N ALA A 320 23.34 23.14 25.06
CA ALA A 320 23.99 24.45 25.09
C ALA A 320 25.31 24.36 25.86
N ASP A 321 26.34 25.03 25.37
CA ASP A 321 27.66 24.99 26.03
C ASP A 321 27.84 26.08 27.08
N GLY A 322 27.02 27.12 27.02
CA GLY A 322 27.13 28.21 27.97
C GLY A 322 27.80 29.42 27.36
N ARG A 323 28.44 29.24 26.22
CA ARG A 323 29.10 30.35 25.53
C ARG A 323 28.27 30.80 24.34
N ASN A 324 26.95 30.60 24.44
CA ASN A 324 26.01 30.99 23.39
C ASN A 324 25.98 30.06 22.18
N PHE A 325 26.61 28.90 22.29
CA PHE A 325 26.60 27.90 21.22
C PHE A 325 25.53 26.87 21.60
N TYR A 326 24.75 26.44 20.63
CA TYR A 326 23.71 25.45 20.90
C TYR A 326 24.02 24.13 20.19
N HIS A 327 23.80 23.02 20.87
CA HIS A 327 24.07 21.72 20.26
C HIS A 327 22.98 21.41 19.24
N VAL A 328 23.39 20.91 18.08
CA VAL A 328 22.47 20.61 17.00
C VAL A 328 22.62 19.20 16.45
N ASN A 329 21.48 18.57 16.20
CA ASN A 329 21.39 17.23 15.62
C ASN A 329 20.70 17.47 14.28
N TRP A 330 21.45 17.30 13.19
CA TRP A 330 20.96 17.58 11.86
C TRP A 330 20.10 16.47 11.26
N GLY A 331 19.99 15.36 11.99
CA GLY A 331 19.16 14.27 11.53
C GLY A 331 19.76 13.50 10.38
N TRP A 332 21.09 13.45 10.33
CA TRP A 332 21.74 12.70 9.26
C TRP A 332 22.61 11.58 9.82
N GLY A 333 22.16 11.01 10.94
CA GLY A 333 22.86 9.91 11.56
C GLY A 333 24.00 10.28 12.47
N GLY A 334 24.36 11.56 12.51
CA GLY A 334 25.46 11.99 13.37
C GLY A 334 26.43 12.94 12.71
N VAL A 335 26.69 12.77 11.42
CA VAL A 335 27.61 13.65 10.72
C VAL A 335 27.20 15.12 10.90
N SER A 336 28.20 15.99 11.04
CA SER A 336 28.03 17.43 11.23
C SER A 336 27.40 17.90 12.54
N ASP A 337 27.01 16.99 13.43
CA ASP A 337 26.41 17.41 14.70
C ASP A 337 27.46 18.13 15.56
N GLY A 338 27.01 19.06 16.39
CA GLY A 338 27.92 19.80 17.23
C GLY A 338 27.31 21.09 17.76
N PHE A 339 28.17 22.03 18.16
CA PHE A 339 27.70 23.31 18.69
C PHE A 339 27.74 24.40 17.63
N PHE A 340 26.64 25.14 17.53
CA PHE A 340 26.54 26.22 16.56
C PHE A 340 25.89 27.46 17.13
N ARG A 341 26.24 28.62 16.56
CA ARG A 341 25.63 29.88 17.00
C ARG A 341 24.31 29.98 16.26
N LEU A 342 23.29 30.53 16.90
CA LEU A 342 22.01 30.66 16.24
C LEU A 342 22.21 31.55 15.02
N ASP A 343 23.19 32.44 15.11
CA ASP A 343 23.48 33.35 14.00
C ASP A 343 24.91 33.88 14.06
N ALA A 344 25.36 34.43 12.93
CA ALA A 344 26.69 35.00 12.82
C ALA A 344 26.52 36.51 12.61
N LEU A 345 25.64 37.10 13.42
CA LEU A 345 25.37 38.54 13.33
C LEU A 345 25.91 39.25 14.55
N TYR A 362 14.21 33.53 7.67
CA TYR A 362 12.83 33.28 8.08
C TYR A 362 12.78 32.13 9.10
N GLN A 363 13.73 32.14 10.04
CA GLN A 363 13.81 31.09 11.05
C GLN A 363 12.64 30.97 12.02
N SER A 364 12.33 29.74 12.40
CA SER A 364 11.27 29.49 13.35
C SER A 364 11.58 28.24 14.16
N ALA A 365 10.77 28.03 15.18
CA ALA A 365 10.94 26.88 16.04
C ALA A 365 9.61 26.43 16.58
N VAL A 366 9.57 25.20 17.07
CA VAL A 366 8.37 24.71 17.70
C VAL A 366 8.87 24.38 19.10
N VAL A 367 8.28 25.01 20.10
CA VAL A 367 8.65 24.80 21.48
C VAL A 367 7.45 24.32 22.28
N GLY A 368 7.69 24.06 23.57
CA GLY A 368 6.65 23.58 24.46
C GLY A 368 6.31 22.15 24.13
N ILE A 369 7.25 21.43 23.53
CA ILE A 369 6.99 20.04 23.18
C ILE A 369 7.14 19.11 24.37
N LYS A 370 6.02 18.61 24.84
CA LYS A 370 5.97 17.68 25.96
C LYS A 370 4.61 17.00 25.98
N PRO A 371 4.51 15.82 26.59
CA PRO A 371 3.21 15.14 26.63
C PRO A 371 2.22 15.98 27.43
N ALA B 5 47.08 -11.80 34.56
CA ALA B 5 46.13 -11.73 35.70
C ALA B 5 45.66 -10.29 35.90
N ARG B 6 45.75 -9.50 34.83
CA ARG B 6 45.35 -8.09 34.86
C ARG B 6 43.88 -7.92 35.21
N ASN B 7 43.53 -6.75 35.72
CA ASN B 7 42.15 -6.46 36.09
C ASN B 7 41.68 -5.13 35.51
N GLU B 8 40.41 -4.82 35.78
CA GLU B 8 39.78 -3.59 35.30
C GLU B 8 40.73 -2.40 35.36
N LYS B 9 41.06 -1.98 36.59
CA LYS B 9 41.96 -0.86 36.79
C LYS B 9 43.28 -1.04 36.05
N GLU B 10 43.95 -2.17 36.31
CA GLU B 10 45.22 -2.47 35.67
C GLU B 10 45.21 -2.23 34.16
N ALA B 11 44.29 -2.87 33.45
CA ALA B 11 44.19 -2.74 32.00
C ALA B 11 43.87 -1.31 31.56
N LYS B 12 43.17 -0.58 32.42
CA LYS B 12 42.80 0.80 32.11
C LYS B 12 44.06 1.64 31.89
N ASP B 38 33.22 2.67 29.50
CA ASP B 38 34.45 2.45 28.75
C ASP B 38 34.59 0.98 28.39
N LYS B 39 34.54 0.11 29.40
CA LYS B 39 34.65 -1.33 29.20
C LYS B 39 33.55 -1.83 28.26
N VAL B 40 33.85 -1.84 26.97
CA VAL B 40 32.93 -2.29 25.94
C VAL B 40 32.32 -3.63 26.29
N ASN B 41 31.02 -3.76 26.09
CA ASN B 41 30.32 -5.01 26.38
C ASN B 41 30.49 -5.94 25.19
N LEU B 42 31.34 -6.94 25.37
CA LEU B 42 31.61 -7.93 24.33
C LEU B 42 30.61 -9.07 24.52
N GLY B 43 30.08 -9.15 25.73
CA GLY B 43 29.10 -10.16 26.11
C GLY B 43 29.27 -11.57 25.60
N GLY B 44 28.17 -12.32 25.68
CA GLY B 44 28.11 -13.71 25.25
C GLY B 44 29.40 -14.47 24.97
N GLU B 45 29.83 -14.43 23.72
CA GLU B 45 31.03 -15.15 23.29
C GLU B 45 32.35 -14.68 23.93
N LEU B 46 32.36 -13.44 24.44
CA LEU B 46 33.56 -12.88 25.04
C LEU B 46 33.27 -12.35 26.46
N SER B 47 32.65 -13.18 27.28
CA SER B 47 32.26 -12.80 28.64
C SER B 47 33.35 -12.52 29.68
N GLY B 48 34.19 -13.51 29.97
CA GLY B 48 35.23 -13.35 30.98
C GLY B 48 36.04 -12.07 31.04
N SER B 49 37.16 -12.12 31.75
CA SER B 49 38.04 -10.97 31.89
C SER B 49 39.42 -11.34 31.36
N ASN B 50 39.45 -12.24 30.39
CA ASN B 50 40.70 -12.69 29.79
C ASN B 50 41.13 -11.66 28.75
N MET B 51 40.28 -10.66 28.52
CA MET B 51 40.56 -9.61 27.55
C MET B 51 39.57 -8.47 27.76
N TYR B 52 40.03 -7.23 27.57
CA TYR B 52 39.15 -6.07 27.75
C TYR B 52 39.24 -5.11 26.57
N VAL B 53 38.16 -4.37 26.35
CA VAL B 53 38.11 -3.41 25.27
C VAL B 53 37.67 -2.06 25.81
N TYR B 54 38.33 -0.99 25.37
CA TYR B 54 37.97 0.35 25.83
C TYR B 54 37.89 1.31 24.66
N ASN B 55 36.76 2.03 24.57
CA ASN B 55 36.59 3.00 23.51
C ASN B 55 36.98 4.38 24.05
N ILE B 56 37.84 5.07 23.32
CA ILE B 56 38.26 6.40 23.73
C ILE B 56 37.08 7.33 23.55
N SER B 57 36.76 8.10 24.59
CA SER B 57 35.64 9.04 24.55
C SER B 57 35.70 9.92 23.31
N THR B 58 36.88 10.44 23.00
CA THR B 58 37.03 11.31 21.83
C THR B 58 37.16 10.51 20.54
N GLY B 59 37.49 9.23 20.66
CA GLY B 59 37.63 8.38 19.50
C GLY B 59 38.80 7.41 19.61
N GLY B 60 38.68 6.26 18.96
CA GLY B 60 39.74 5.28 19.02
C GLY B 60 39.42 4.25 20.08
N PHE B 61 40.16 3.15 20.10
CA PHE B 61 39.93 2.09 21.08
C PHE B 61 41.21 1.32 21.35
N VAL B 62 41.23 0.55 22.44
CA VAL B 62 42.40 -0.25 22.79
C VAL B 62 41.96 -1.59 23.36
N ILE B 63 42.56 -2.66 22.86
CA ILE B 63 42.25 -4.01 23.34
C ILE B 63 43.38 -4.49 24.24
N VAL B 64 43.06 -4.76 25.49
CA VAL B 64 44.04 -5.21 26.47
C VAL B 64 43.77 -6.63 26.95
N SER B 65 44.82 -7.45 26.99
CA SER B 65 44.68 -8.84 27.44
C SER B 65 44.54 -8.88 28.95
N GLY B 66 43.78 -9.87 29.43
CA GLY B 66 43.56 -10.00 30.87
C GLY B 66 44.56 -10.85 31.62
N ASP B 67 45.65 -11.23 30.94
CA ASP B 67 46.68 -12.04 31.59
C ASP B 67 48.06 -11.52 31.22
N LYS B 68 48.96 -11.53 32.20
CA LYS B 68 50.33 -11.05 32.03
C LYS B 68 51.20 -11.98 31.17
N ARG B 69 50.71 -13.19 30.93
CA ARG B 69 51.45 -14.17 30.12
C ARG B 69 51.17 -13.99 28.62
N SER B 70 50.36 -12.98 28.30
CA SER B 70 50.00 -12.67 26.92
C SER B 70 50.38 -11.22 26.64
N PRO B 71 50.62 -10.89 25.35
CA PRO B 71 50.99 -9.50 25.03
C PRO B 71 49.97 -8.51 25.61
N GLU B 72 50.47 -7.40 26.12
CA GLU B 72 49.64 -6.36 26.73
C GLU B 72 48.55 -5.84 25.81
N ILE B 73 48.95 -5.35 24.65
CA ILE B 73 48.01 -4.79 23.69
C ILE B 73 47.78 -5.77 22.53
N LEU B 74 46.51 -5.95 22.17
CA LEU B 74 46.13 -6.86 21.09
C LEU B 74 45.66 -6.11 19.86
N GLY B 75 45.05 -4.96 20.09
CA GLY B 75 44.54 -4.17 18.99
C GLY B 75 44.26 -2.76 19.44
N TYR B 76 44.23 -1.84 18.48
CA TYR B 76 43.99 -0.44 18.81
C TYR B 76 43.69 0.35 17.54
N SER B 77 43.37 1.63 17.74
CA SER B 77 43.11 2.55 16.64
C SER B 77 43.02 3.95 17.23
N THR B 78 43.40 4.95 16.43
CA THR B 78 43.34 6.35 16.87
C THR B 78 42.10 7.01 16.30
N SER B 79 41.09 6.19 15.98
CA SER B 79 39.85 6.69 15.40
C SER B 79 38.72 5.70 15.66
N GLY B 80 37.51 6.11 15.32
CA GLY B 80 36.33 5.27 15.49
C GLY B 80 36.16 4.63 16.85
N SER B 81 35.57 3.44 16.88
CA SER B 81 35.32 2.70 18.10
C SER B 81 35.29 1.20 17.78
N PHE B 82 35.26 0.37 18.81
CA PHE B 82 35.24 -1.08 18.62
C PHE B 82 33.94 -1.67 19.13
N ASP B 83 33.35 -2.58 18.35
CA ASP B 83 32.10 -3.24 18.71
C ASP B 83 31.98 -4.56 17.95
N VAL B 84 31.36 -5.57 18.56
CA VAL B 84 31.19 -6.86 17.91
C VAL B 84 29.73 -7.28 17.84
N ASN B 85 28.83 -6.41 18.30
CA ASN B 85 27.38 -6.67 18.30
C ASN B 85 26.83 -6.97 16.91
N GLY B 86 26.38 -8.21 16.70
CA GLY B 86 25.84 -8.61 15.41
C GLY B 86 26.89 -8.69 14.32
N LYS B 87 28.16 -8.65 14.70
CA LYS B 87 29.25 -8.71 13.73
C LYS B 87 30.08 -9.94 14.07
N GLU B 88 29.59 -11.10 13.61
CA GLU B 88 30.22 -12.38 13.89
C GLU B 88 31.64 -12.56 13.38
N ASN B 89 31.99 -11.96 12.25
CA ASN B 89 33.36 -12.14 11.77
C ASN B 89 34.32 -11.50 12.76
N ILE B 90 33.90 -10.41 13.39
CA ILE B 90 34.75 -9.74 14.38
C ILE B 90 34.77 -10.55 15.67
N ALA B 91 33.59 -10.98 16.09
CA ALA B 91 33.45 -11.76 17.31
C ALA B 91 34.31 -13.01 17.19
N SER B 92 34.26 -13.64 16.03
CA SER B 92 35.03 -14.86 15.80
C SER B 92 36.52 -14.64 15.97
N PHE B 93 37.05 -13.58 15.37
CA PHE B 93 38.47 -13.31 15.48
C PHE B 93 38.85 -13.00 16.94
N MET B 94 38.01 -12.23 17.62
CA MET B 94 38.28 -11.91 19.02
C MET B 94 38.29 -13.19 19.86
N GLU B 95 37.39 -14.13 19.54
CA GLU B 95 37.33 -15.39 20.27
C GLU B 95 38.64 -16.18 20.14
N SER B 96 39.31 -16.07 19.00
CA SER B 96 40.58 -16.79 18.82
C SER B 96 41.57 -16.17 19.82
N TYR B 97 41.51 -14.85 19.96
CA TYR B 97 42.38 -14.13 20.90
C TYR B 97 42.19 -14.72 22.29
N VAL B 98 40.94 -14.85 22.72
CA VAL B 98 40.66 -15.40 24.04
C VAL B 98 41.14 -16.83 24.14
N GLU B 99 41.01 -17.58 23.05
CA GLU B 99 41.44 -18.98 23.02
N GLN B 100 43.65 -18.41 22.85
CA GLN B 100 45.09 -18.18 22.80
C GLN B 100 45.54 -17.62 24.14
N ILE B 101 44.89 -16.55 24.60
CA ILE B 101 45.22 -15.94 25.89
C ILE B 101 45.18 -17.00 26.96
N LYS B 102 44.17 -17.88 26.92
CA LYS B 102 44.07 -18.96 27.89
C LYS B 102 45.19 -19.95 27.61
N GLU B 103 45.50 -20.14 26.34
CA GLU B 103 46.55 -21.06 25.94
C GLU B 103 47.87 -20.75 26.65
N ASN B 104 48.28 -19.48 26.59
CA ASN B 104 49.54 -19.06 27.21
C ASN B 104 49.54 -19.27 28.71
N LYS B 105 48.38 -19.15 29.33
CA LYS B 105 48.25 -19.33 30.77
C LYS B 105 48.77 -20.70 31.22
N LYS B 106 49.20 -21.51 30.28
CA LYS B 106 49.72 -22.85 30.57
C LYS B 106 51.21 -22.76 30.89
N LEU B 107 51.71 -21.54 31.04
CA LEU B 107 53.12 -21.31 31.35
C LEU B 107 53.30 -20.36 32.54
N GLN B 119 59.41 -4.45 11.25
CA GLN B 119 58.39 -4.84 10.23
C GLN B 119 58.09 -3.64 9.33
N PRO B 120 57.87 -3.88 8.03
CA PRO B 120 57.57 -2.79 7.11
C PRO B 120 56.27 -2.06 7.48
N VAL B 121 56.24 -0.74 7.31
CA VAL B 121 55.04 0.03 7.60
C VAL B 121 54.29 0.30 6.30
N VAL B 122 53.01 -0.07 6.27
CA VAL B 122 52.19 0.14 5.08
C VAL B 122 50.87 0.76 5.51
N LYS B 123 50.62 1.98 5.05
CA LYS B 123 49.38 2.68 5.37
C LYS B 123 48.19 1.95 4.76
N SER B 124 47.10 1.84 5.52
CA SER B 124 45.90 1.14 5.06
C SER B 124 45.61 1.35 3.58
N LEU B 125 45.79 0.30 2.79
CA LEU B 125 45.57 0.38 1.35
C LEU B 125 44.13 0.75 0.99
N LEU B 126 43.16 0.09 1.62
CA LEU B 126 41.76 0.39 1.32
C LEU B 126 41.40 1.82 1.71
N ASP B 127 41.92 2.28 2.85
CA ASP B 127 41.66 3.64 3.36
C ASP B 127 42.19 4.69 2.39
N SER B 128 43.28 4.36 1.69
CA SER B 128 43.89 5.29 0.75
C SER B 128 43.02 5.51 -0.48
N LYS B 129 42.06 4.62 -0.71
CA LYS B 129 41.15 4.79 -1.84
C LYS B 129 39.73 5.04 -1.35
N GLY B 130 39.59 5.15 -0.03
CA GLY B 130 38.31 5.41 0.61
C GLY B 130 37.30 4.28 0.54
N ILE B 131 37.77 3.04 0.56
CA ILE B 131 36.86 1.90 0.44
C ILE B 131 36.34 1.40 1.79
N HIS B 132 35.03 1.47 1.96
CA HIS B 132 34.41 1.03 3.20
C HIS B 132 33.04 0.43 2.87
N TYR B 133 33.02 -0.87 2.59
CA TYR B 133 31.77 -1.53 2.26
C TYR B 133 31.11 -2.10 3.50
N ASN B 134 29.85 -2.53 3.35
CA ASN B 134 29.13 -3.07 4.49
C ASN B 134 28.35 -4.28 4.01
N GLN B 135 27.51 -4.86 4.87
CA GLN B 135 26.74 -6.05 4.49
C GLN B 135 25.26 -5.83 4.25
N GLY B 136 24.76 -4.66 4.65
CA GLY B 136 23.34 -4.35 4.48
C GLY B 136 23.05 -3.40 3.34
N ASN B 137 22.03 -2.54 3.51
CA ASN B 137 21.67 -1.62 2.45
C ASN B 137 22.76 -0.56 2.27
N PRO B 138 23.07 -0.18 1.02
CA PRO B 138 22.52 -0.64 -0.27
C PRO B 138 23.28 -1.82 -0.89
N TYR B 139 24.31 -2.27 -0.20
CA TYR B 139 25.14 -3.36 -0.70
C TYR B 139 24.37 -4.64 -0.98
N ASN B 140 23.32 -4.89 -0.21
CA ASN B 140 22.55 -6.12 -0.36
C ASN B 140 21.22 -5.99 -1.14
N LEU B 141 21.03 -4.90 -1.89
CA LEU B 141 19.79 -4.72 -2.64
C LEU B 141 19.43 -5.80 -3.65
N LEU B 142 20.40 -6.60 -4.07
CA LEU B 142 20.12 -7.65 -5.02
C LEU B 142 20.33 -9.08 -4.50
N THR B 143 20.61 -9.21 -3.20
CA THR B 143 20.73 -10.57 -2.65
C THR B 143 19.30 -11.13 -2.53
N PRO B 144 19.17 -12.44 -2.34
CA PRO B 144 17.87 -13.09 -2.21
C PRO B 144 17.06 -12.54 -1.06
N VAL B 145 15.75 -12.41 -1.27
CA VAL B 145 14.85 -11.93 -0.21
C VAL B 145 14.44 -13.11 0.68
N ILE B 146 14.64 -12.95 1.98
CA ILE B 146 14.34 -13.99 2.97
C ILE B 146 12.86 -14.32 2.93
N GLU B 147 12.54 -15.62 2.88
CA GLU B 147 11.18 -16.07 2.75
C GLU B 147 10.53 -16.64 3.97
N LYS B 148 11.36 -17.12 4.89
CA LYS B 148 10.86 -17.80 6.10
C LYS B 148 11.53 -17.35 7.39
N VAL B 149 10.82 -17.57 8.50
CA VAL B 149 11.35 -17.25 9.82
C VAL B 149 11.97 -18.53 10.38
N LYS B 150 13.14 -18.40 11.01
CA LYS B 150 13.80 -19.55 11.63
C LYS B 150 13.17 -19.69 13.02
N PRO B 151 12.73 -20.90 13.37
CA PRO B 151 12.12 -21.12 14.68
C PRO B 151 13.01 -20.58 15.80
N GLY B 152 12.44 -19.73 16.66
CA GLY B 152 13.20 -19.15 17.76
C GLY B 152 13.87 -17.82 17.49
N GLU B 153 13.70 -17.31 16.27
CA GLU B 153 14.31 -16.04 15.87
C GLU B 153 13.23 -15.08 15.38
N GLN B 154 13.48 -13.77 15.45
CA GLN B 154 12.49 -12.83 14.95
C GLN B 154 12.44 -12.93 13.41
N SER B 155 11.34 -12.47 12.81
CA SER B 155 11.20 -12.52 11.37
C SER B 155 12.01 -11.45 10.63
N PHE B 156 12.64 -11.89 9.55
CA PHE B 156 13.39 -10.98 8.65
C PHE B 156 12.76 -11.22 7.29
N VAL B 157 11.57 -11.83 7.27
CA VAL B 157 10.93 -12.11 5.99
C VAL B 157 10.69 -10.83 5.19
N GLY B 158 11.03 -10.86 3.91
CA GLY B 158 10.86 -9.67 3.09
C GLY B 158 12.11 -8.80 3.01
N GLN B 159 13.12 -9.08 3.84
CA GLN B 159 14.36 -8.31 3.82
C GLN B 159 15.35 -9.01 2.92
N HIS B 160 16.22 -8.22 2.31
CA HIS B 160 17.29 -8.81 1.50
C HIS B 160 18.28 -9.40 2.49
N ALA B 161 18.82 -10.56 2.13
CA ALA B 161 19.78 -11.25 3.00
C ALA B 161 21.10 -10.47 3.05
N ALA B 162 21.88 -10.67 4.12
CA ALA B 162 23.18 -10.02 4.28
C ALA B 162 24.07 -10.46 3.12
N THR B 163 24.98 -9.59 2.71
CA THR B 163 25.90 -9.97 1.62
C THR B 163 26.86 -11.07 2.01
N GLY B 164 27.18 -11.17 3.30
CA GLY B 164 28.14 -12.15 3.78
C GLY B 164 29.53 -11.54 3.91
N SER B 165 30.22 -11.78 5.01
CA SER B 165 31.56 -11.21 5.23
C SER B 165 32.51 -11.66 4.12
N VAL B 166 32.31 -12.86 3.58
CA VAL B 166 33.19 -13.36 2.53
C VAL B 166 33.02 -12.52 1.26
N ALA B 167 31.78 -12.20 0.92
CA ALA B 167 31.50 -11.41 -0.27
C ALA B 167 31.94 -9.95 -0.08
N THR B 168 31.72 -9.39 1.11
CA THR B 168 32.11 -8.00 1.35
C THR B 168 33.63 -7.82 1.35
N ALA B 169 34.37 -8.79 1.89
CA ALA B 169 35.83 -8.71 1.89
C ALA B 169 36.31 -8.80 0.44
N THR B 170 35.81 -9.80 -0.30
CA THR B 170 36.23 -9.94 -1.68
C THR B 170 35.91 -8.71 -2.54
N ALA B 171 34.73 -8.15 -2.34
CA ALA B 171 34.29 -6.99 -3.09
C ALA B 171 35.16 -5.77 -2.84
N GLN B 172 35.54 -5.55 -1.59
CA GLN B 172 36.38 -4.40 -1.26
C GLN B 172 37.71 -4.54 -1.97
N ILE B 173 38.25 -5.76 -1.96
CA ILE B 173 39.52 -5.99 -2.63
C ILE B 173 39.37 -5.79 -4.15
N MET B 174 38.26 -6.26 -4.70
CA MET B 174 38.02 -6.09 -6.14
C MET B 174 37.90 -4.61 -6.50
N LYS B 175 37.31 -3.82 -5.61
CA LYS B 175 37.15 -2.39 -5.86
C LYS B 175 38.50 -1.68 -5.80
N TYR B 176 39.40 -2.17 -4.95
CA TYR B 176 40.73 -1.58 -4.81
C TYR B 176 41.49 -1.69 -6.14
N HIS B 177 41.19 -2.71 -6.92
CA HIS B 177 41.85 -2.95 -8.21
C HIS B 177 40.97 -2.49 -9.37
N ASN B 178 39.70 -2.19 -9.09
CA ASN B 178 38.76 -1.79 -10.14
C ASN B 178 38.83 -2.79 -11.27
N TYR B 179 38.70 -4.07 -10.91
CA TYR B 179 38.80 -5.15 -11.87
C TYR B 179 37.83 -6.26 -11.48
N PRO B 180 37.29 -7.00 -12.46
CA PRO B 180 37.52 -6.87 -13.91
C PRO B 180 36.59 -5.88 -14.58
N ASN B 181 36.87 -5.61 -15.85
CA ASN B 181 36.02 -4.71 -16.62
C ASN B 181 34.91 -5.56 -17.19
N LYS B 182 35.23 -6.83 -17.47
CA LYS B 182 34.26 -7.77 -18.00
C LYS B 182 34.31 -9.06 -17.19
N GLY B 183 33.13 -9.57 -16.79
CA GLY B 183 33.12 -10.82 -16.05
C GLY B 183 33.38 -11.92 -17.06
N LEU B 184 33.93 -13.05 -16.62
CA LEU B 184 34.23 -14.13 -17.56
C LEU B 184 33.23 -15.26 -17.70
N LYS B 185 32.75 -15.80 -16.58
CA LYS B 185 31.82 -16.92 -16.63
C LYS B 185 30.67 -16.85 -15.64
N ASP B 186 29.51 -17.34 -16.07
CA ASP B 186 28.33 -17.37 -15.23
C ASP B 186 28.57 -18.38 -14.12
N TYR B 187 27.70 -18.38 -13.12
CA TYR B 187 27.80 -19.31 -12.02
C TYR B 187 26.41 -19.63 -11.50
N THR B 188 26.20 -20.89 -11.12
CA THR B 188 24.92 -21.31 -10.56
C THR B 188 25.20 -22.36 -9.48
N TYR B 189 24.35 -22.40 -8.47
CA TYR B 189 24.49 -23.39 -7.41
C TYR B 189 23.14 -23.55 -6.75
N THR B 190 22.99 -24.62 -5.99
CA THR B 190 21.76 -24.94 -5.29
C THR B 190 21.92 -24.56 -3.84
N LEU B 191 20.96 -23.82 -3.30
CA LEU B 191 21.07 -23.41 -1.92
C LEU B 191 21.03 -24.65 -1.01
N SER B 192 21.83 -24.61 0.05
CA SER B 192 21.88 -25.68 1.03
C SER B 192 20.48 -26.11 1.46
N SER B 193 20.23 -27.42 1.46
CA SER B 193 18.93 -27.94 1.84
C SER B 193 18.58 -27.62 3.30
N ASN B 194 19.60 -27.38 4.11
CA ASN B 194 19.38 -27.07 5.53
C ASN B 194 19.10 -25.58 5.80
N ASN B 195 19.10 -24.75 4.77
CA ASN B 195 18.87 -23.31 4.96
C ASN B 195 17.43 -23.11 5.39
N PRO B 196 17.22 -22.57 6.59
CA PRO B 196 15.83 -22.39 7.05
C PRO B 196 15.12 -21.13 6.54
N TYR B 197 15.83 -20.30 5.80
CA TYR B 197 15.24 -19.04 5.35
C TYR B 197 14.59 -19.02 3.99
N PHE B 198 14.78 -20.08 3.20
CA PHE B 198 14.21 -20.14 1.87
C PHE B 198 13.49 -21.45 1.62
N ASN B 199 12.54 -21.43 0.69
CA ASN B 199 11.82 -22.62 0.29
C ASN B 199 12.74 -23.43 -0.59
N HIS B 200 12.64 -24.76 -0.53
CA HIS B 200 13.51 -25.61 -1.34
C HIS B 200 12.72 -26.40 -2.38
N PRO B 201 13.37 -26.75 -3.51
CA PRO B 201 14.76 -26.47 -3.87
C PRO B 201 14.92 -25.04 -4.36
N LYS B 202 16.09 -24.46 -4.13
CA LYS B 202 16.36 -23.08 -4.53
C LYS B 202 17.69 -23.00 -5.30
N ASN B 203 17.60 -22.61 -6.56
CA ASN B 203 18.78 -22.48 -7.40
C ASN B 203 19.09 -21.00 -7.65
N LEU B 204 20.34 -20.62 -7.46
CA LEU B 204 20.73 -19.22 -7.68
C LEU B 204 21.63 -19.14 -8.88
N PHE B 205 21.49 -18.08 -9.66
CA PHE B 205 22.28 -17.92 -10.88
C PHE B 205 22.75 -16.49 -11.09
N ALA B 206 24.01 -16.33 -11.51
CA ALA B 206 24.56 -15.01 -11.81
C ALA B 206 25.18 -15.01 -13.20
N ALA B 207 24.65 -14.18 -14.09
CA ALA B 207 25.13 -14.05 -15.48
C ALA B 207 26.36 -13.16 -15.56
N ILE B 208 27.41 -13.57 -14.86
CA ILE B 208 28.66 -12.81 -14.79
C ILE B 208 29.38 -12.67 -16.14
N SER B 209 29.18 -13.63 -17.04
CA SER B 209 29.84 -13.54 -18.34
C SER B 209 29.29 -12.39 -19.18
N THR B 210 28.08 -11.92 -18.85
CA THR B 210 27.47 -10.84 -19.61
C THR B 210 27.73 -9.47 -18.98
N ARG B 211 28.48 -9.46 -17.90
CA ARG B 211 28.76 -8.24 -17.18
C ARG B 211 29.85 -7.33 -17.69
N GLN B 212 29.51 -6.06 -17.81
CA GLN B 212 30.46 -5.03 -18.19
C GLN B 212 30.38 -4.14 -16.95
N TYR B 213 31.32 -4.33 -16.02
CA TYR B 213 31.32 -3.55 -14.79
C TYR B 213 31.86 -2.15 -14.98
N ASN B 214 31.07 -1.16 -14.59
CA ASN B 214 31.54 0.22 -14.70
C ASN B 214 32.04 0.60 -13.32
N TRP B 215 33.35 0.66 -13.16
CA TRP B 215 33.94 0.98 -11.86
C TRP B 215 33.82 2.44 -11.48
N ASN B 216 33.23 3.27 -12.34
CA ASN B 216 33.01 4.66 -11.99
C ASN B 216 31.72 4.70 -11.18
N ASN B 217 30.82 3.78 -11.51
CA ASN B 217 29.53 3.67 -10.84
C ASN B 217 29.57 2.86 -9.56
N ILE B 218 30.57 1.99 -9.42
CA ILE B 218 30.75 1.19 -8.21
C ILE B 218 31.63 2.02 -7.29
N LEU B 219 31.00 2.80 -6.42
CA LEU B 219 31.72 3.68 -5.51
C LEU B 219 32.51 3.00 -4.42
N PRO B 220 33.50 3.71 -3.84
CA PRO B 220 34.33 3.16 -2.77
C PRO B 220 33.52 3.02 -1.51
N THR B 221 32.46 3.82 -1.39
CA THR B 221 31.60 3.72 -0.24
C THR B 221 30.25 4.36 -0.53
N TYR B 222 29.26 4.04 0.31
CA TYR B 222 27.91 4.55 0.13
C TYR B 222 27.31 5.16 1.39
N SER B 223 26.61 6.28 1.20
CA SER B 223 25.94 7.02 2.26
C SER B 223 24.47 6.58 2.26
N GLY B 224 24.00 6.19 1.09
CA GLY B 224 22.61 5.76 0.93
C GLY B 224 21.72 6.74 0.16
N ARG B 225 22.27 7.90 -0.20
CA ARG B 225 21.48 8.89 -0.96
C ARG B 225 21.78 8.78 -2.46
N GLU B 226 22.54 7.78 -2.85
CA GLU B 226 22.91 7.57 -4.24
C GLU B 226 21.75 7.19 -5.16
N SER B 227 21.90 7.46 -6.45
CA SER B 227 20.86 7.15 -7.45
C SER B 227 20.86 5.67 -7.81
N ASN B 228 19.93 5.28 -8.67
CA ASN B 228 19.83 3.87 -9.08
C ASN B 228 21.11 3.38 -9.75
N VAL B 229 21.71 4.21 -10.59
CA VAL B 229 22.95 3.82 -11.29
C VAL B 229 24.04 3.32 -10.36
N GLN B 230 24.35 4.09 -9.32
CA GLN B 230 25.37 3.69 -8.37
C GLN B 230 24.94 2.56 -7.44
N LYS B 231 23.68 2.58 -7.01
CA LYS B 231 23.20 1.52 -6.12
C LYS B 231 23.13 0.18 -6.83
N MET B 232 22.66 0.19 -8.07
CA MET B 232 22.59 -1.06 -8.81
C MET B 232 23.99 -1.58 -9.07
N ALA B 233 24.93 -0.68 -9.35
CA ALA B 233 26.28 -1.12 -9.65
C ALA B 233 26.92 -1.88 -8.49
N ILE B 234 26.86 -1.33 -7.28
CA ILE B 234 27.45 -2.02 -6.13
C ILE B 234 26.66 -3.26 -5.72
N SER B 235 25.33 -3.18 -5.74
CA SER B 235 24.54 -4.33 -5.32
C SER B 235 24.65 -5.51 -6.29
N GLU B 236 24.84 -5.19 -7.57
CA GLU B 236 25.02 -6.22 -8.58
C GLU B 236 26.36 -6.91 -8.32
N LEU B 237 27.38 -6.14 -7.99
CA LEU B 237 28.70 -6.71 -7.70
C LEU B 237 28.63 -7.65 -6.50
N MET B 238 28.00 -7.19 -5.42
CA MET B 238 27.87 -7.99 -4.20
C MET B 238 27.08 -9.27 -4.44
N ALA B 239 26.03 -9.20 -5.27
CA ALA B 239 25.21 -10.38 -5.54
C ALA B 239 26.01 -11.35 -6.42
N ASP B 240 26.75 -10.81 -7.39
CA ASP B 240 27.52 -11.70 -8.27
C ASP B 240 28.60 -12.43 -7.47
N VAL B 241 29.31 -11.69 -6.63
CA VAL B 241 30.40 -12.25 -5.83
C VAL B 241 29.81 -13.29 -4.87
N GLY B 242 28.74 -12.92 -4.19
CA GLY B 242 28.14 -13.87 -3.27
C GLY B 242 27.70 -15.17 -3.94
N ILE B 243 27.10 -15.08 -5.12
CA ILE B 243 26.65 -16.30 -5.80
C ILE B 243 27.88 -17.14 -6.18
N SER B 244 28.95 -16.48 -6.62
CA SER B 244 30.16 -17.19 -7.03
C SER B 244 30.84 -17.95 -5.90
N VAL B 245 30.52 -17.64 -4.65
CA VAL B 245 31.12 -18.36 -3.53
C VAL B 245 30.07 -19.18 -2.78
N ASP B 246 29.00 -19.55 -3.51
CA ASP B 246 27.92 -20.39 -2.99
C ASP B 246 27.42 -19.87 -1.65
N MET B 247 27.11 -18.58 -1.60
CA MET B 247 26.66 -18.01 -0.33
C MET B 247 25.39 -18.66 0.24
N ASP B 248 25.43 -18.97 1.53
CA ASP B 248 24.26 -19.55 2.21
C ASP B 248 23.57 -18.35 2.87
N TYR B 249 22.67 -17.75 2.10
CA TYR B 249 21.99 -16.53 2.53
C TYR B 249 21.06 -16.58 3.72
N GLY B 250 21.09 -15.49 4.49
CA GLY B 250 20.21 -15.37 5.63
C GLY B 250 20.41 -13.99 6.26
N PRO B 251 19.87 -13.76 7.46
CA PRO B 251 19.99 -12.49 8.20
C PRO B 251 21.52 -12.31 8.33
N SER B 252 22.22 -13.44 8.48
CA SER B 252 23.69 -13.45 8.39
C SER B 252 23.88 -14.44 7.23
N SER B 253 24.95 -14.31 6.46
CA SER B 253 25.13 -15.18 5.30
C SER B 253 26.52 -15.82 5.33
N GLY B 254 26.58 -17.14 5.10
CA GLY B 254 27.87 -17.82 5.17
C GLY B 254 28.37 -18.53 3.93
N SER B 255 29.70 -18.62 3.84
CA SER B 255 30.35 -19.29 2.70
C SER B 255 31.61 -19.98 3.22
N ALA B 256 32.05 -21.05 2.55
CA ALA B 256 33.28 -21.72 2.97
C ALA B 256 34.44 -20.71 2.88
N GLY B 257 34.27 -19.70 2.04
CA GLY B 257 35.28 -18.65 1.93
C GLY B 257 36.46 -18.88 0.99
N SER B 258 37.67 -18.81 1.54
CA SER B 258 38.93 -18.95 0.79
C SER B 258 38.94 -19.86 -0.44
N SER B 259 38.54 -21.12 -0.29
CA SER B 259 38.54 -22.04 -1.42
C SER B 259 37.65 -21.59 -2.56
N ARG B 260 36.47 -21.05 -2.21
CA ARG B 260 35.52 -20.57 -3.21
C ARG B 260 36.04 -19.26 -3.83
N VAL B 261 36.56 -18.39 -2.97
CA VAL B 261 37.06 -17.10 -3.39
C VAL B 261 38.19 -17.18 -4.39
N GLN B 262 39.20 -18.01 -4.13
CA GLN B 262 40.30 -18.08 -5.10
C GLN B 262 39.79 -18.59 -6.43
N ARG B 263 38.90 -19.58 -6.41
CA ARG B 263 38.39 -20.11 -7.65
C ARG B 263 37.55 -19.07 -8.38
N ALA B 264 36.69 -18.38 -7.64
CA ALA B 264 35.83 -17.37 -8.25
C ALA B 264 36.59 -16.23 -8.90
N LEU B 265 37.55 -15.67 -8.18
CA LEU B 265 38.33 -14.57 -8.70
C LEU B 265 38.96 -14.90 -10.05
N LYS B 266 39.43 -16.14 -10.21
CA LYS B 266 40.05 -16.49 -11.50
C LYS B 266 39.08 -16.95 -12.56
N GLU B 267 38.24 -17.93 -12.24
CA GLU B 267 37.31 -18.46 -13.22
C GLU B 267 36.17 -17.55 -13.62
N ASN B 268 35.56 -16.87 -12.64
CA ASN B 268 34.44 -16.02 -13.00
C ASN B 268 34.83 -14.58 -13.22
N PHE B 269 35.84 -14.10 -12.49
CA PHE B 269 36.22 -12.71 -12.63
C PHE B 269 37.52 -12.41 -13.38
N GLY B 270 38.19 -13.44 -13.84
CA GLY B 270 39.41 -13.22 -14.63
C GLY B 270 40.61 -12.60 -13.97
N TYR B 271 40.79 -12.85 -12.68
CA TYR B 271 41.95 -12.33 -12.00
C TYR B 271 43.13 -13.22 -12.38
N ASN B 272 44.33 -12.75 -12.07
CA ASN B 272 45.59 -13.43 -12.39
C ASN B 272 45.72 -14.83 -11.79
N GLN B 273 46.48 -15.69 -12.47
CA GLN B 273 46.70 -17.05 -12.00
C GLN B 273 47.46 -17.07 -10.66
N SER B 274 48.06 -15.94 -10.29
CA SER B 274 48.80 -15.87 -9.02
C SER B 274 47.89 -15.98 -7.81
N VAL B 275 46.59 -15.77 -8.02
CA VAL B 275 45.63 -15.86 -6.92
C VAL B 275 45.60 -17.28 -6.37
N HIS B 276 45.82 -17.44 -5.07
CA HIS B 276 45.72 -18.77 -4.47
C HIS B 276 45.55 -18.69 -2.97
N GLN B 277 44.99 -19.77 -2.44
CA GLN B 277 44.76 -19.91 -1.01
C GLN B 277 46.01 -20.43 -0.29
N ILE B 278 46.28 -19.90 0.88
CA ILE B 278 47.37 -20.36 1.72
C ILE B 278 46.70 -20.61 3.06
N ASN B 279 47.21 -21.58 3.82
CA ASN B 279 46.65 -21.93 5.15
C ASN B 279 47.62 -21.69 6.30
N ARG B 280 47.14 -21.08 7.37
CA ARG B 280 47.99 -20.78 8.51
C ARG B 280 48.74 -22.03 9.01
N GLY B 281 48.04 -23.16 9.01
CA GLY B 281 48.62 -24.41 9.49
C GLY B 281 49.79 -24.93 8.69
N ASP B 282 50.02 -24.36 7.51
CA ASP B 282 51.12 -24.77 6.66
C ASP B 282 52.41 -23.99 6.96
N PHE B 283 52.31 -22.99 7.83
CA PHE B 283 53.46 -22.13 8.13
C PHE B 283 53.81 -21.87 9.59
N SER B 284 55.05 -21.45 9.81
CA SER B 284 55.47 -21.07 11.15
C SER B 284 54.98 -19.62 11.21
N LYS B 285 54.85 -19.06 12.40
CA LYS B 285 54.38 -17.68 12.52
C LYS B 285 55.11 -16.71 11.60
N GLN B 286 56.44 -16.79 11.61
CA GLN B 286 57.27 -15.91 10.79
C GLN B 286 57.05 -16.04 9.30
N ASP B 287 56.99 -17.27 8.80
CA ASP B 287 56.77 -17.47 7.37
C ASP B 287 55.38 -17.01 6.98
N TRP B 288 54.45 -17.06 7.94
CA TRP B 288 53.07 -16.65 7.69
C TRP B 288 53.06 -15.14 7.50
N GLU B 289 53.50 -14.42 8.55
CA GLU B 289 53.56 -12.97 8.52
C GLU B 289 54.33 -12.44 7.32
N ALA B 290 55.36 -13.20 6.91
CA ALA B 290 56.17 -12.81 5.77
C ALA B 290 55.36 -12.83 4.49
N GLN B 291 54.49 -13.83 4.36
CA GLN B 291 53.63 -13.95 3.17
C GLN B 291 52.69 -12.75 3.09
N ILE B 292 52.21 -12.32 4.26
CA ILE B 292 51.30 -11.19 4.34
C ILE B 292 52.05 -9.89 4.06
N ASP B 293 53.19 -9.69 4.71
CA ASP B 293 54.00 -8.49 4.50
C ASP B 293 54.39 -8.37 3.02
N LYS B 294 54.67 -9.50 2.39
CA LYS B 294 55.05 -9.48 0.99
C LYS B 294 53.90 -8.93 0.14
N GLU B 295 52.69 -9.38 0.42
CA GLU B 295 51.52 -8.91 -0.32
C GLU B 295 51.35 -7.42 -0.18
N LEU B 296 51.48 -6.92 1.04
CA LEU B 296 51.34 -5.51 1.31
C LEU B 296 52.43 -4.68 0.63
N SER B 297 53.66 -5.21 0.61
CA SER B 297 54.78 -4.52 -0.01
C SER B 297 54.51 -4.29 -1.49
N GLN B 298 53.57 -5.05 -2.04
CA GLN B 298 53.21 -4.93 -3.45
C GLN B 298 51.84 -4.27 -3.62
N ASN B 299 51.36 -3.61 -2.58
CA ASN B 299 50.05 -2.95 -2.61
C ASN B 299 48.97 -3.91 -3.04
N GLN B 300 48.97 -5.08 -2.41
CA GLN B 300 47.98 -6.10 -2.71
C GLN B 300 47.25 -6.49 -1.45
N PRO B 301 46.03 -5.94 -1.26
CA PRO B 301 45.25 -6.27 -0.08
C PRO B 301 45.08 -7.78 0.01
N VAL B 302 45.00 -8.30 1.23
CA VAL B 302 44.87 -9.73 1.47
C VAL B 302 43.51 -10.14 2.05
N TYR B 303 42.91 -11.16 1.45
CA TYR B 303 41.65 -11.70 1.93
C TYR B 303 42.07 -12.64 3.07
N TYR B 304 41.46 -12.47 4.24
CA TYR B 304 41.82 -13.29 5.39
C TYR B 304 40.57 -13.81 6.08
N GLN B 305 40.64 -15.01 6.65
CA GLN B 305 39.48 -15.52 7.36
C GLN B 305 39.81 -16.56 8.40
N GLY B 306 38.88 -16.67 9.35
CA GLY B 306 38.94 -17.64 10.41
C GLY B 306 37.77 -18.53 10.02
N VAL B 307 37.66 -19.72 10.61
CA VAL B 307 36.56 -20.62 10.29
C VAL B 307 35.70 -20.87 11.51
N GLY B 308 34.39 -20.86 11.31
CA GLY B 308 33.45 -21.12 12.38
C GLY B 308 32.47 -22.19 11.91
N LYS B 309 31.43 -22.42 12.71
CA LYS B 309 30.43 -23.42 12.34
C LYS B 309 29.73 -23.14 11.01
N VAL B 310 29.42 -21.87 10.70
CA VAL B 310 28.73 -21.55 9.45
C VAL B 310 29.62 -21.35 8.23
N GLY B 311 30.94 -21.31 8.45
CA GLY B 311 31.83 -21.10 7.33
C GLY B 311 32.94 -20.12 7.64
N GLY B 312 33.49 -19.49 6.62
CA GLY B 312 34.56 -18.55 6.86
C GLY B 312 34.08 -17.20 7.35
N HIS B 313 34.80 -16.61 8.30
CA HIS B 313 34.46 -15.28 8.82
C HIS B 313 35.61 -14.43 8.33
N ALA B 314 35.34 -13.72 7.25
CA ALA B 314 36.35 -12.96 6.54
C ALA B 314 36.52 -11.49 6.82
N PHE B 315 37.71 -11.01 6.44
CA PHE B 315 38.07 -9.60 6.56
C PHE B 315 39.27 -9.32 5.65
N VAL B 316 39.61 -8.05 5.48
CA VAL B 316 40.73 -7.69 4.62
C VAL B 316 41.89 -7.13 5.44
N ILE B 317 43.10 -7.63 5.19
CA ILE B 317 44.29 -7.10 5.85
C ILE B 317 44.89 -6.21 4.76
N ASP B 318 45.01 -4.92 5.07
CA ASP B 318 45.51 -3.96 4.08
C ASP B 318 46.57 -2.99 4.57
N GLY B 319 47.21 -3.31 5.68
CA GLY B 319 48.25 -2.45 6.23
C GLY B 319 49.02 -3.03 7.41
N ALA B 320 50.08 -2.34 7.80
CA ALA B 320 50.92 -2.79 8.90
C ALA B 320 51.52 -1.58 9.65
N ASP B 321 51.57 -1.67 10.97
CA ASP B 321 52.11 -0.57 11.76
C ASP B 321 53.61 -0.68 11.98
N GLY B 322 54.22 -1.74 11.45
CA GLY B 322 55.65 -1.93 11.61
C GLY B 322 56.04 -2.35 13.01
N ARG B 323 55.04 -2.76 13.80
CA ARG B 323 55.27 -3.20 15.17
C ARG B 323 54.49 -4.47 15.49
N ASN B 324 54.32 -5.32 14.47
CA ASN B 324 53.62 -6.60 14.59
C ASN B 324 52.09 -6.55 14.50
N PHE B 325 51.54 -5.37 14.22
CA PHE B 325 50.10 -5.24 14.09
C PHE B 325 49.76 -5.02 12.63
N TYR B 326 48.62 -5.56 12.20
CA TYR B 326 48.18 -5.41 10.82
C TYR B 326 46.88 -4.65 10.79
N HIS B 327 46.68 -3.83 9.75
CA HIS B 327 45.44 -3.07 9.65
C HIS B 327 44.33 -3.95 9.08
N VAL B 328 43.19 -3.96 9.74
CA VAL B 328 42.07 -4.76 9.31
C VAL B 328 40.83 -3.94 8.96
N ASN B 329 40.14 -4.36 7.92
CA ASN B 329 38.89 -3.75 7.48
C ASN B 329 37.88 -4.89 7.62
N TRP B 330 37.02 -4.79 8.61
CA TRP B 330 36.04 -5.82 8.89
C TRP B 330 34.82 -5.89 7.97
N GLY B 331 34.67 -4.89 7.10
CA GLY B 331 33.54 -4.89 6.18
C GLY B 331 32.21 -4.54 6.82
N TRP B 332 32.27 -3.77 7.90
CA TRP B 332 31.06 -3.35 8.60
C TRP B 332 30.88 -1.83 8.61
N GLY B 333 31.33 -1.18 7.54
CA GLY B 333 31.18 0.26 7.41
C GLY B 333 32.29 1.11 8.00
N GLY B 334 33.17 0.48 8.77
CA GLY B 334 34.27 1.23 9.37
C GLY B 334 34.40 0.92 10.84
N VAL B 335 33.29 0.59 11.48
CA VAL B 335 33.34 0.27 12.90
C VAL B 335 34.29 -0.91 13.15
N SER B 336 35.08 -0.78 14.20
CA SER B 336 36.07 -1.78 14.64
C SER B 336 37.34 -1.86 13.81
N ASP B 337 37.41 -1.18 12.68
CA ASP B 337 38.62 -1.21 11.86
C ASP B 337 39.77 -0.66 12.71
N GLY B 338 40.97 -1.21 12.52
CA GLY B 338 42.12 -0.77 13.28
C GLY B 338 43.27 -1.75 13.08
N PHE B 339 44.23 -1.73 13.99
CA PHE B 339 45.39 -2.61 13.94
C PHE B 339 45.23 -3.77 14.92
N PHE B 340 45.53 -4.97 14.44
CA PHE B 340 45.38 -6.16 15.26
C PHE B 340 46.55 -7.12 15.08
N ARG B 341 46.92 -7.80 16.16
CA ARG B 341 47.97 -8.79 16.10
C ARG B 341 47.28 -9.98 15.41
N LEU B 342 48.03 -10.77 14.68
CA LEU B 342 47.42 -11.93 14.03
C LEU B 342 47.08 -12.97 15.09
N ASP B 343 47.66 -12.81 16.27
CA ASP B 343 47.42 -13.71 17.40
N ALA B 344 47.54 -13.54 19.58
CA ALA B 344 47.65 -13.37 21.04
C ALA B 344 48.40 -14.54 21.65
N LEU B 345 49.15 -15.24 20.80
CA LEU B 345 49.91 -16.40 21.24
C LEU B 345 51.30 -16.04 21.74
N ASN B 346 51.77 -16.80 22.72
CA ASN B 346 53.09 -16.60 23.31
C ASN B 346 54.00 -17.77 22.93
N PRO B 347 55.09 -17.48 22.21
CA PRO B 347 56.01 -18.54 21.80
C PRO B 347 56.84 -19.06 22.98
N PHE B 359 45.97 -22.58 19.16
CA PHE B 359 44.78 -22.45 18.31
C PHE B 359 44.99 -21.35 17.27
N ASN B 360 44.75 -21.69 16.02
CA ASN B 360 44.92 -20.75 14.92
C ASN B 360 43.61 -20.45 14.19
N GLY B 361 42.48 -20.78 14.82
CA GLY B 361 41.18 -20.54 14.20
C GLY B 361 41.03 -21.08 12.79
N TYR B 362 41.72 -22.19 12.51
CA TYR B 362 41.69 -22.81 11.20
C TYR B 362 41.82 -21.77 10.10
N GLN B 363 42.59 -20.72 10.41
CA GLN B 363 42.75 -19.61 9.49
C GLN B 363 43.38 -19.88 8.13
N SER B 364 42.97 -19.08 7.15
CA SER B 364 43.53 -19.18 5.81
C SER B 364 43.46 -17.81 5.20
N ALA B 365 44.01 -17.67 3.99
CA ALA B 365 43.99 -16.40 3.30
C ALA B 365 44.08 -16.63 1.81
N VAL B 366 43.79 -15.57 1.05
CA VAL B 366 43.91 -15.67 -0.39
C VAL B 366 44.85 -14.54 -0.76
N VAL B 367 46.00 -14.90 -1.33
CA VAL B 367 47.00 -13.93 -1.71
C VAL B 367 47.23 -13.94 -3.21
N GLY B 368 48.10 -13.07 -3.69
CA GLY B 368 48.36 -13.02 -5.12
C GLY B 368 47.19 -12.43 -5.89
N ILE B 369 46.36 -11.64 -5.20
CA ILE B 369 45.21 -11.01 -5.83
C ILE B 369 45.62 -9.76 -6.61
N LYS B 370 45.52 -9.85 -7.93
CA LYS B 370 45.85 -8.76 -8.84
C LYS B 370 45.33 -9.15 -10.20
N PRO B 371 45.05 -8.15 -11.06
CA PRO B 371 44.55 -8.43 -12.40
C PRO B 371 45.50 -9.31 -13.19
N PHE C 4 -60.31 0.39 8.73
CA PHE C 4 -59.60 0.66 7.44
C PHE C 4 -58.18 0.13 7.45
N ALA C 5 -57.81 -0.63 8.48
CA ALA C 5 -56.46 -1.14 8.58
C ALA C 5 -56.16 -2.36 7.70
N ARG C 6 -55.06 -2.28 6.95
CA ARG C 6 -54.65 -3.40 6.11
C ARG C 6 -53.42 -4.05 6.74
N ASN C 7 -53.58 -5.28 7.22
CA ASN C 7 -52.48 -6.00 7.85
N GLU C 8 -50.93 -6.85 7.59
CA GLU C 8 -49.71 -7.53 7.20
C GLU C 8 -50.03 -8.64 6.22
N LYS C 9 -50.78 -9.63 6.68
CA LYS C 9 -51.17 -10.76 5.86
C LYS C 9 -51.99 -10.23 4.67
N GLU C 10 -52.81 -9.22 4.92
CA GLU C 10 -53.63 -8.62 3.87
C GLU C 10 -52.74 -7.93 2.85
N ALA C 11 -51.79 -7.15 3.35
CA ALA C 11 -50.86 -6.43 2.49
C ALA C 11 -50.14 -7.40 1.56
N LYS C 12 -49.70 -8.52 2.12
CA LYS C 12 -49.01 -9.55 1.35
C LYS C 12 -49.87 -9.98 0.17
N ASP C 13 -51.13 -10.28 0.45
CA ASP C 13 -52.08 -10.70 -0.58
C ASP C 13 -52.26 -9.58 -1.60
N SER C 14 -52.34 -8.34 -1.11
CA SER C 14 -52.51 -7.20 -1.99
C SER C 14 -51.40 -7.18 -3.03
N ALA C 15 -50.17 -7.42 -2.58
CA ALA C 15 -49.01 -7.43 -3.47
C ALA C 15 -49.15 -8.57 -4.47
N ILE C 16 -49.48 -9.75 -3.97
CA ILE C 16 -49.64 -10.93 -4.82
C ILE C 16 -50.74 -10.71 -5.86
N THR C 17 -51.84 -10.10 -5.44
CA THR C 17 -52.95 -9.84 -6.35
C THR C 17 -52.47 -8.90 -7.45
N PHE C 18 -51.78 -7.84 -7.03
CA PHE C 18 -51.27 -6.84 -7.94
C PHE C 18 -50.32 -7.41 -8.99
N ILE C 19 -49.45 -8.30 -8.56
CA ILE C 19 -48.49 -8.93 -9.46
C ILE C 19 -49.21 -9.70 -10.57
N GLN C 20 -50.25 -10.42 -10.18
CA GLN C 20 -51.04 -11.22 -11.12
C GLN C 20 -51.95 -10.38 -12.00
N LYS C 21 -52.64 -9.43 -11.40
CA LYS C 21 -53.55 -8.55 -12.15
C LYS C 21 -52.80 -7.42 -12.82
N ILE C 35 -45.81 -16.87 -6.37
CA ILE C 35 -44.72 -15.97 -6.08
C ILE C 35 -44.31 -16.04 -4.62
N LYS C 36 -43.04 -15.78 -4.35
CA LYS C 36 -42.52 -15.80 -2.98
C LYS C 36 -42.10 -14.40 -2.58
N LEU C 37 -42.75 -13.85 -1.56
CA LEU C 37 -42.44 -12.50 -1.11
C LEU C 37 -41.61 -12.44 0.16
N ASP C 38 -40.72 -11.44 0.21
CA ASP C 38 -39.84 -11.22 1.35
C ASP C 38 -40.03 -9.79 1.87
N LYS C 39 -40.61 -9.65 3.06
CA LYS C 39 -40.83 -8.33 3.62
C LYS C 39 -39.51 -7.62 3.93
N VAL C 40 -39.45 -6.34 3.57
CA VAL C 40 -38.25 -5.56 3.81
C VAL C 40 -38.31 -4.90 5.18
N ASN C 41 -37.25 -5.07 5.96
CA ASN C 41 -37.17 -4.51 7.29
C ASN C 41 -36.95 -3.01 7.22
N LEU C 42 -37.97 -2.25 7.59
CA LEU C 42 -37.87 -0.80 7.58
C LEU C 42 -37.78 -0.30 9.03
N GLY C 43 -36.73 0.46 9.31
CA GLY C 43 -36.56 0.98 10.66
C GLY C 43 -36.50 2.49 10.70
N GLY C 44 -36.23 3.03 11.88
CA GLY C 44 -36.16 4.48 12.02
C GLY C 44 -37.46 5.15 11.61
N GLU C 45 -37.33 6.24 10.85
CA GLU C 45 -38.48 7.01 10.39
C GLU C 45 -39.51 6.20 9.60
N LEU C 46 -39.12 5.02 9.14
CA LEU C 46 -40.03 4.17 8.35
C LEU C 46 -40.53 2.98 9.16
N SER C 47 -40.28 3.01 10.46
CA SER C 47 -40.72 1.95 11.34
C SER C 47 -42.22 2.08 11.48
N GLY C 48 -42.92 0.96 11.59
CA GLY C 48 -44.36 1.03 11.75
C GLY C 48 -45.15 0.19 10.76
N SER C 49 -46.47 0.22 10.93
CA SER C 49 -47.38 -0.55 10.10
C SER C 49 -48.14 0.28 9.06
N ASN C 50 -47.68 1.51 8.81
CA ASN C 50 -48.35 2.37 7.85
C ASN C 50 -48.02 2.03 6.41
N MET C 51 -46.97 1.25 6.21
CA MET C 51 -46.57 0.89 4.86
C MET C 51 -45.72 -0.39 4.86
N TYR C 52 -45.89 -1.22 3.84
CA TYR C 52 -45.14 -2.47 3.72
C TYR C 52 -44.45 -2.59 2.36
N VAL C 53 -43.22 -3.11 2.37
CA VAL C 53 -42.49 -3.31 1.13
C VAL C 53 -42.10 -4.77 0.99
N TYR C 54 -42.39 -5.34 -0.18
CA TYR C 54 -42.07 -6.74 -0.45
C TYR C 54 -41.19 -6.93 -1.68
N ASN C 55 -40.07 -7.62 -1.50
CA ASN C 55 -39.19 -7.94 -2.61
C ASN C 55 -39.59 -9.33 -3.11
N ILE C 56 -39.82 -9.45 -4.41
CA ILE C 56 -40.20 -10.73 -5.00
C ILE C 56 -38.90 -11.53 -5.13
N SER C 57 -38.92 -12.79 -4.67
CA SER C 57 -37.72 -13.64 -4.72
C SER C 57 -37.03 -13.72 -6.08
N THR C 58 -37.81 -13.74 -7.16
CA THR C 58 -37.25 -13.85 -8.51
C THR C 58 -36.89 -12.52 -9.13
N GLY C 59 -37.23 -11.43 -8.45
CA GLY C 59 -36.94 -10.10 -8.96
C GLY C 59 -38.21 -9.27 -8.89
N GLY C 60 -38.07 -7.97 -8.68
CA GLY C 60 -39.22 -7.08 -8.58
C GLY C 60 -39.60 -6.79 -7.13
N PHE C 61 -40.50 -5.84 -6.93
CA PHE C 61 -40.96 -5.50 -5.58
C PHE C 61 -42.30 -4.81 -5.67
N VAL C 62 -42.96 -4.67 -4.52
CA VAL C 62 -44.27 -4.01 -4.45
C VAL C 62 -44.37 -3.31 -3.11
N ILE C 63 -44.86 -2.08 -3.11
CA ILE C 63 -45.02 -1.31 -1.90
C ILE C 63 -46.53 -1.20 -1.65
N VAL C 64 -46.97 -1.60 -0.45
CA VAL C 64 -48.39 -1.58 -0.11
C VAL C 64 -48.67 -0.65 1.07
N SER C 65 -49.81 0.06 1.03
CA SER C 65 -50.17 0.96 2.12
C SER C 65 -50.79 0.12 3.24
N GLY C 66 -50.70 0.60 4.48
CA GLY C 66 -51.24 -0.17 5.59
C GLY C 66 -52.60 0.32 6.06
N ASP C 67 -53.22 1.20 5.29
CA ASP C 67 -54.53 1.74 5.64
C ASP C 67 -55.35 1.89 4.36
N LYS C 68 -56.61 1.49 4.42
CA LYS C 68 -57.51 1.51 3.27
C LYS C 68 -58.06 2.87 2.85
N ARG C 69 -57.67 3.92 3.57
CA ARG C 69 -58.06 5.28 3.24
C ARG C 69 -56.99 5.89 2.31
N SER C 70 -56.02 5.05 1.93
CA SER C 70 -54.92 5.45 1.06
C SER C 70 -54.89 4.49 -0.13
N PRO C 71 -54.32 4.92 -1.27
CA PRO C 71 -54.26 4.01 -2.42
C PRO C 71 -53.59 2.73 -1.95
N GLU C 72 -54.01 1.60 -2.52
CA GLU C 72 -53.47 0.30 -2.11
C GLU C 72 -52.00 0.09 -2.46
N ILE C 73 -51.65 0.22 -3.73
CA ILE C 73 -50.28 0.03 -4.20
C ILE C 73 -49.60 1.39 -4.35
N LEU C 74 -48.46 1.57 -3.69
CA LEU C 74 -47.74 2.83 -3.77
C LEU C 74 -46.56 2.85 -4.75
N GLY C 75 -46.06 1.68 -5.10
CA GLY C 75 -44.92 1.61 -6.00
C GLY C 75 -44.62 0.15 -6.29
N TYR C 76 -43.84 -0.09 -7.33
CA TYR C 76 -43.51 -1.45 -7.70
C TYR C 76 -42.50 -1.49 -8.83
N SER C 77 -42.03 -2.70 -9.10
CA SER C 77 -41.13 -2.95 -10.22
C SER C 77 -41.24 -4.42 -10.54
N THR C 78 -41.08 -4.79 -11.81
CA THR C 78 -41.15 -6.19 -12.19
C THR C 78 -39.76 -6.80 -12.15
N SER C 79 -38.76 -5.97 -11.82
CA SER C 79 -37.38 -6.45 -11.71
C SER C 79 -36.64 -5.78 -10.55
N GLY C 80 -35.48 -6.32 -10.20
CA GLY C 80 -34.69 -5.75 -9.13
C GLY C 80 -35.23 -5.93 -7.73
N SER C 81 -34.92 -4.98 -6.85
CA SER C 81 -35.36 -5.06 -5.47
C SER C 81 -35.42 -3.68 -4.85
N PHE C 82 -36.01 -3.58 -3.68
CA PHE C 82 -36.13 -2.29 -3.01
C PHE C 82 -35.36 -2.27 -1.69
N ASP C 83 -34.62 -1.20 -1.47
CA ASP C 83 -33.82 -1.05 -0.27
C ASP C 83 -33.60 0.44 -0.02
N VAL C 84 -33.57 0.85 1.24
CA VAL C 84 -33.31 2.24 1.58
C VAL C 84 -32.11 2.40 2.52
N ASN C 85 -31.47 1.30 2.88
CA ASN C 85 -30.32 1.39 3.78
C ASN C 85 -29.20 2.26 3.22
N GLY C 86 -28.89 3.32 3.95
CA GLY C 86 -27.85 4.25 3.57
C GLY C 86 -28.18 5.04 2.32
N LYS C 87 -29.46 5.10 1.95
CA LYS C 87 -29.81 5.84 0.75
C LYS C 87 -30.91 6.80 1.18
N GLU C 88 -30.47 7.93 1.71
CA GLU C 88 -31.38 8.92 2.28
C GLU C 88 -32.36 9.58 1.34
N ASN C 89 -32.04 9.69 0.04
CA ASN C 89 -33.02 10.32 -0.83
C ASN C 89 -34.23 9.40 -1.00
N ILE C 90 -34.01 8.09 -0.95
CA ILE C 90 -35.10 7.13 -1.07
C ILE C 90 -35.94 7.14 0.22
N ALA C 91 -35.26 7.02 1.35
CA ALA C 91 -35.93 7.03 2.67
C ALA C 91 -36.77 8.27 2.84
N SER C 92 -36.20 9.42 2.49
CA SER C 92 -36.91 10.68 2.59
C SER C 92 -38.23 10.64 1.84
N PHE C 93 -38.20 10.19 0.58
CA PHE C 93 -39.43 10.12 -0.18
C PHE C 93 -40.45 9.17 0.46
N MET C 94 -39.98 8.00 0.89
CA MET C 94 -40.83 7.02 1.55
C MET C 94 -41.44 7.61 2.82
N GLU C 95 -40.69 8.50 3.46
CA GLU C 95 -41.18 9.13 4.69
C GLU C 95 -42.37 10.02 4.37
N SER C 96 -42.38 10.63 3.19
CA SER C 96 -43.51 11.46 2.81
C SER C 96 -44.74 10.59 2.62
N TYR C 97 -44.55 9.38 2.10
CA TYR C 97 -45.70 8.47 1.95
C TYR C 97 -46.29 8.18 3.32
N VAL C 98 -45.43 7.85 4.29
CA VAL C 98 -45.92 7.55 5.62
C VAL C 98 -46.72 8.70 6.22
N GLU C 99 -46.17 9.92 6.15
CA GLU C 99 -46.87 11.07 6.70
N GLN C 100 -48.28 11.15 4.69
CA GLN C 100 -49.51 11.25 3.90
C GLN C 100 -50.53 10.19 4.29
N ILE C 101 -50.06 8.95 4.48
CA ILE C 101 -50.93 7.85 4.85
C ILE C 101 -51.58 8.14 6.21
N LYS C 102 -50.83 8.78 7.09
CA LYS C 102 -51.32 9.14 8.42
C LYS C 102 -52.34 10.27 8.30
N GLU C 103 -52.07 11.23 7.42
CA GLU C 103 -52.98 12.35 7.23
C GLU C 103 -54.31 11.92 6.62
N ASN C 104 -54.32 10.79 5.90
CA ASN C 104 -55.54 10.29 5.30
C ASN C 104 -56.45 9.66 6.35
N LYS C 105 -55.87 9.28 7.48
CA LYS C 105 -56.64 8.67 8.55
C LYS C 105 -57.68 9.62 9.13
N LYS C 106 -57.56 10.91 8.79
CA LYS C 106 -58.50 11.93 9.26
C LYS C 106 -59.84 11.77 8.54
N LEU C 107 -59.88 10.91 7.53
CA LEU C 107 -61.10 10.67 6.79
C LEU C 107 -61.83 9.43 7.31
N ASP C 108 -62.94 9.09 6.67
CA ASP C 108 -63.76 7.94 7.07
C ASP C 108 -64.35 7.15 5.91
N SER C 109 -63.72 7.24 4.74
CA SER C 109 -64.21 6.52 3.57
C SER C 109 -63.08 5.86 2.78
N THR C 110 -63.34 4.66 2.28
CA THR C 110 -62.38 3.92 1.48
C THR C 110 -61.76 4.81 0.41
N TYR C 111 -60.55 4.48 -0.01
CA TYR C 111 -59.84 5.27 -1.03
C TYR C 111 -60.62 5.46 -2.33
N ALA C 112 -60.48 6.66 -2.91
CA ALA C 112 -61.14 7.07 -4.14
C ALA C 112 -61.00 6.11 -5.32
N GLN C 119 -53.43 9.28 -17.89
CA GLN C 119 -51.96 9.48 -18.03
C GLN C 119 -51.42 8.65 -19.20
N PRO C 120 -50.59 9.27 -20.06
CA PRO C 120 -50.05 8.49 -21.17
C PRO C 120 -48.84 7.68 -20.69
N VAL C 121 -48.49 6.63 -21.40
CA VAL C 121 -47.37 5.78 -21.03
C VAL C 121 -46.06 6.22 -21.68
N VAL C 122 -45.00 6.26 -20.87
CA VAL C 122 -43.67 6.67 -21.35
C VAL C 122 -42.65 5.72 -20.72
N LYS C 123 -42.00 4.92 -21.55
CA LYS C 123 -41.01 3.96 -21.06
C LYS C 123 -39.79 4.72 -20.52
N SER C 124 -39.19 4.19 -19.46
CA SER C 124 -38.03 4.83 -18.84
C SER C 124 -37.03 5.42 -19.83
N LEU C 125 -36.89 6.75 -19.79
CA LEU C 125 -35.97 7.41 -20.69
C LEU C 125 -34.51 7.05 -20.36
N LEU C 126 -34.11 7.11 -19.09
CA LEU C 126 -32.73 6.76 -18.75
C LEU C 126 -32.45 5.30 -19.04
N ASP C 127 -33.44 4.42 -18.80
CA ASP C 127 -33.23 3.00 -19.07
C ASP C 127 -33.01 2.77 -20.56
N SER C 128 -33.71 3.55 -21.38
CA SER C 128 -33.61 3.41 -22.83
C SER C 128 -32.18 3.66 -23.31
N LYS C 129 -31.39 4.37 -22.51
CA LYS C 129 -30.01 4.67 -22.87
C LYS C 129 -29.01 3.99 -21.92
N GLY C 130 -29.53 3.11 -21.07
CA GLY C 130 -28.71 2.35 -20.14
C GLY C 130 -27.98 3.20 -19.10
N ILE C 131 -28.60 4.31 -18.68
CA ILE C 131 -27.97 5.22 -17.74
C ILE C 131 -28.27 4.85 -16.29
N HIS C 132 -27.23 4.48 -15.55
CA HIS C 132 -27.38 4.10 -14.16
C HIS C 132 -26.16 4.56 -13.36
N TYR C 133 -26.22 5.78 -12.82
CA TYR C 133 -25.09 6.30 -12.05
C TYR C 133 -25.28 6.06 -10.55
N ASN C 134 -24.22 6.30 -9.78
CA ASN C 134 -24.24 6.08 -8.34
C ASN C 134 -23.51 7.27 -7.69
N GLN C 135 -23.26 7.19 -6.38
CA GLN C 135 -22.60 8.27 -5.65
C GLN C 135 -21.19 7.97 -5.15
N GLY C 136 -20.78 6.70 -5.30
CA GLY C 136 -19.47 6.27 -4.82
C GLY C 136 -18.50 5.98 -5.94
N ASN C 137 -17.60 5.04 -5.71
CA ASN C 137 -16.62 4.77 -6.75
C ASN C 137 -17.25 4.19 -8.00
N PRO C 138 -16.78 4.62 -9.21
CA PRO C 138 -15.74 5.59 -9.58
C PRO C 138 -16.30 7.00 -9.80
N TYR C 139 -17.61 7.12 -9.59
CA TYR C 139 -18.26 8.41 -9.79
C TYR C 139 -17.67 9.51 -8.93
N ASN C 140 -17.23 9.16 -7.73
CA ASN C 140 -16.70 10.15 -6.83
C ASN C 140 -15.17 10.24 -6.77
N LEU C 141 -14.46 9.73 -7.77
CA LEU C 141 -13.00 9.78 -7.72
C LEU C 141 -12.35 11.15 -7.65
N LEU C 142 -13.11 12.19 -7.99
CA LEU C 142 -12.59 13.55 -7.97
C LEU C 142 -13.25 14.50 -6.98
N THR C 143 -14.10 13.97 -6.10
CA THR C 143 -14.69 14.84 -5.10
C THR C 143 -13.62 15.06 -4.01
N PRO C 144 -13.84 16.05 -3.15
CA PRO C 144 -12.87 16.32 -2.08
C PRO C 144 -12.69 15.13 -1.16
N VAL C 145 -11.44 14.88 -0.76
CA VAL C 145 -11.14 13.78 0.14
C VAL C 145 -11.36 14.20 1.59
N ILE C 146 -12.18 13.42 2.29
CA ILE C 146 -12.51 13.72 3.69
C ILE C 146 -11.27 13.83 4.58
N GLU C 147 -11.19 14.91 5.35
CA GLU C 147 -10.02 15.18 6.19
C GLU C 147 -10.14 14.91 7.66
N LYS C 148 -11.37 14.95 8.18
CA LYS C 148 -11.62 14.80 9.62
C LYS C 148 -12.77 13.84 9.94
N VAL C 149 -12.79 13.34 11.18
CA VAL C 149 -13.82 12.43 11.67
C VAL C 149 -14.88 13.30 12.36
N LYS C 150 -16.15 13.00 12.15
CA LYS C 150 -17.21 13.75 12.82
C LYS C 150 -17.39 13.08 14.19
N PRO C 151 -17.37 13.87 15.29
CA PRO C 151 -17.53 13.27 16.61
C PRO C 151 -18.73 12.36 16.67
N GLY C 152 -18.54 11.15 17.20
CA GLY C 152 -19.62 10.19 17.28
C GLY C 152 -19.79 9.30 16.06
N GLU C 153 -18.96 9.49 15.04
CA GLU C 153 -19.04 8.69 13.81
C GLU C 153 -17.71 7.98 13.50
N GLN C 154 -17.75 6.87 12.76
CA GLN C 154 -16.49 6.20 12.45
C GLN C 154 -15.75 7.07 11.41
N SER C 155 -14.45 6.84 11.26
CA SER C 155 -13.65 7.63 10.36
C SER C 155 -13.82 7.25 8.90
N PHE C 156 -13.90 8.30 8.08
CA PHE C 156 -13.94 8.20 6.61
C PHE C 156 -12.78 9.00 6.06
N VAL C 157 -11.85 9.38 6.93
CA VAL C 157 -10.69 10.17 6.50
C VAL C 157 -9.91 9.44 5.39
N GLY C 158 -9.57 10.17 4.34
CA GLY C 158 -8.86 9.54 3.23
C GLY C 158 -9.78 9.06 2.14
N GLN C 159 -11.09 9.02 2.41
CA GLN C 159 -12.07 8.61 1.39
C GLN C 159 -12.59 9.81 0.62
N HIS C 160 -12.94 9.58 -0.64
CA HIS C 160 -13.53 10.67 -1.41
C HIS C 160 -14.97 10.80 -0.92
N ALA C 161 -15.46 12.03 -0.79
CA ALA C 161 -16.83 12.28 -0.37
C ALA C 161 -17.83 11.77 -1.40
N ALA C 162 -19.07 11.53 -0.99
CA ALA C 162 -20.11 11.06 -1.91
C ALA C 162 -20.38 12.17 -2.91
N THR C 163 -20.83 11.79 -4.10
CA THR C 163 -21.11 12.84 -5.10
C THR C 163 -22.30 13.70 -4.70
N GLY C 164 -23.23 13.13 -3.95
CA GLY C 164 -24.44 13.86 -3.55
C GLY C 164 -25.60 13.44 -4.45
N SER C 165 -26.82 13.22 -3.92
CA SER C 165 -27.94 12.81 -4.80
C SER C 165 -28.29 13.90 -5.84
N VAL C 166 -28.06 15.14 -5.44
CA VAL C 166 -28.34 16.28 -6.30
C VAL C 166 -27.42 16.23 -7.53
N ALA C 167 -26.15 15.93 -7.30
CA ALA C 167 -25.21 15.84 -8.40
C ALA C 167 -25.45 14.59 -9.26
N THR C 168 -25.72 13.44 -8.64
CA THR C 168 -25.97 12.23 -9.41
C THR C 168 -27.26 12.36 -10.27
N ALA C 169 -28.35 12.91 -9.71
CA ALA C 169 -29.57 13.09 -10.50
C ALA C 169 -29.26 14.01 -11.69
N THR C 170 -28.63 15.16 -11.42
CA THR C 170 -28.31 16.09 -12.48
C THR C 170 -27.41 15.47 -13.53
N ALA C 171 -26.39 14.73 -13.10
CA ALA C 171 -25.46 14.12 -14.08
C ALA C 171 -26.11 13.10 -15.00
N GLN C 172 -27.06 12.35 -14.47
CA GLN C 172 -27.76 11.35 -15.25
C GLN C 172 -28.61 12.03 -16.31
N ILE C 173 -29.15 13.19 -15.98
CA ILE C 173 -29.98 13.90 -16.96
C ILE C 173 -29.08 14.49 -18.04
N MET C 174 -27.91 14.96 -17.64
CA MET C 174 -26.99 15.54 -18.60
C MET C 174 -26.52 14.44 -19.54
N LYS C 175 -26.28 13.24 -19.01
CA LYS C 175 -25.82 12.16 -19.86
C LYS C 175 -26.89 11.82 -20.89
N TYR C 176 -28.16 11.86 -20.46
CA TYR C 176 -29.26 11.56 -21.36
C TYR C 176 -29.22 12.45 -22.59
N HIS C 177 -28.86 13.71 -22.39
CA HIS C 177 -28.77 14.68 -23.49
C HIS C 177 -27.38 14.74 -24.11
N ASN C 178 -26.38 14.16 -23.44
CA ASN C 178 -24.97 14.18 -23.90
C ASN C 178 -24.63 15.62 -24.23
N TYR C 179 -24.81 16.48 -23.25
CA TYR C 179 -24.61 17.90 -23.42
C TYR C 179 -24.19 18.49 -22.08
N PRO C 180 -23.35 19.54 -22.10
CA PRO C 180 -22.77 20.23 -23.26
C PRO C 180 -21.46 19.58 -23.71
N ASN C 181 -20.99 19.95 -24.90
CA ASN C 181 -19.71 19.40 -25.34
C ASN C 181 -18.62 20.31 -24.80
N LYS C 182 -18.99 21.57 -24.54
CA LYS C 182 -18.07 22.57 -24.02
C LYS C 182 -18.65 23.28 -22.78
N GLY C 183 -17.90 23.31 -21.69
CA GLY C 183 -18.36 23.99 -20.49
C GLY C 183 -18.47 25.47 -20.76
N LEU C 184 -19.39 26.16 -20.08
CA LEU C 184 -19.58 27.59 -20.31
C LEU C 184 -18.90 28.55 -19.37
N LYS C 185 -19.04 28.34 -18.07
CA LYS C 185 -18.48 29.26 -17.11
C LYS C 185 -18.00 28.56 -15.84
N ASP C 186 -16.89 29.04 -15.28
CA ASP C 186 -16.35 28.45 -14.05
C ASP C 186 -17.24 28.75 -12.85
N TYR C 187 -17.01 28.00 -11.78
CA TYR C 187 -17.78 28.19 -10.57
C TYR C 187 -16.89 28.00 -9.37
N THR C 188 -17.19 28.71 -8.30
CA THR C 188 -16.42 28.59 -7.07
C THR C 188 -17.29 28.95 -5.89
N TYR C 189 -17.06 28.30 -4.77
CA TYR C 189 -17.83 28.60 -3.58
C TYR C 189 -16.99 28.23 -2.38
N THR C 190 -17.44 28.70 -1.23
CA THR C 190 -16.76 28.42 0.03
C THR C 190 -17.54 27.33 0.74
N LEU C 191 -16.85 26.28 1.18
CA LEU C 191 -17.54 25.20 1.88
C LEU C 191 -18.11 25.76 3.18
N SER C 192 -19.28 25.24 3.56
CA SER C 192 -19.93 25.67 4.78
C SER C 192 -19.04 25.62 6.02
N SER C 193 -19.09 26.68 6.81
CA SER C 193 -18.29 26.75 8.01
C SER C 193 -18.60 25.64 9.02
N ASN C 194 -19.80 25.07 8.99
CA ASN C 194 -20.10 24.02 9.97
C ASN C 194 -19.81 22.60 9.49
N ASN C 195 -19.24 22.47 8.29
CA ASN C 195 -18.91 21.13 7.77
C ASN C 195 -17.83 20.54 8.67
N PRO C 196 -18.11 19.41 9.33
CA PRO C 196 -17.10 18.83 10.23
C PRO C 196 -16.08 17.94 9.59
N TYR C 197 -16.17 17.76 8.29
CA TYR C 197 -15.25 16.85 7.60
C TYR C 197 -13.99 17.45 6.97
N PHE C 198 -13.94 18.77 6.88
CA PHE C 198 -12.83 19.44 6.24
C PHE C 198 -12.30 20.58 7.06
N ASN C 199 -11.05 20.91 6.83
CA ASN C 199 -10.46 22.05 7.53
C ASN C 199 -10.96 23.32 6.87
N HIS C 200 -11.15 24.37 7.66
CA HIS C 200 -11.66 25.66 7.19
C HIS C 200 -10.61 26.75 7.32
N PRO C 201 -10.65 27.77 6.45
CA PRO C 201 -11.61 27.93 5.35
C PRO C 201 -11.29 26.97 4.21
N LYS C 202 -12.30 26.68 3.39
CA LYS C 202 -12.16 25.76 2.28
C LYS C 202 -12.94 26.27 1.07
N ASN C 203 -12.23 26.68 0.02
CA ASN C 203 -12.87 27.17 -1.20
C ASN C 203 -12.69 26.12 -2.28
N LEU C 204 -13.77 25.85 -3.02
CA LEU C 204 -13.70 24.85 -4.08
C LEU C 204 -13.91 25.53 -5.42
N PHE C 205 -13.16 25.07 -6.42
CA PHE C 205 -13.21 25.64 -7.77
C PHE C 205 -13.27 24.60 -8.88
N ALA C 206 -14.14 24.81 -9.86
CA ALA C 206 -14.26 23.91 -11.00
C ALA C 206 -14.06 24.79 -12.23
N ALA C 207 -13.08 24.46 -13.07
CA ALA C 207 -12.78 25.23 -14.28
C ALA C 207 -13.66 24.78 -15.42
N ILE C 208 -14.97 24.83 -15.21
CA ILE C 208 -15.93 24.40 -16.20
C ILE C 208 -15.80 25.10 -17.56
N SER C 209 -15.45 26.37 -17.56
CA SER C 209 -15.31 27.11 -18.83
C SER C 209 -14.26 26.51 -19.78
N THR C 210 -13.37 25.70 -19.23
CA THR C 210 -12.30 25.09 -20.01
C THR C 210 -12.60 23.66 -20.40
N ARG C 211 -13.81 23.18 -20.13
CA ARG C 211 -14.12 21.79 -20.42
C ARG C 211 -14.63 21.41 -21.80
N GLN C 212 -14.08 20.33 -22.33
CA GLN C 212 -14.50 19.74 -23.58
C GLN C 212 -14.91 18.35 -23.14
N TYR C 213 -16.16 18.20 -22.73
CA TYR C 213 -16.67 16.93 -22.25
C TYR C 213 -16.81 15.95 -23.41
N ASN C 214 -16.14 14.81 -23.31
CA ASN C 214 -16.26 13.80 -24.35
C ASN C 214 -17.30 12.78 -23.92
N TRP C 215 -18.53 12.92 -24.44
CA TRP C 215 -19.60 12.02 -24.05
C TRP C 215 -19.44 10.58 -24.47
N ASN C 216 -18.44 10.28 -25.28
CA ASN C 216 -18.22 8.88 -25.63
C ASN C 216 -17.41 8.25 -24.47
N ASN C 217 -16.69 9.08 -23.74
CA ASN C 217 -15.90 8.62 -22.60
C ASN C 217 -16.69 8.60 -21.29
N ILE C 218 -17.74 9.43 -21.23
CA ILE C 218 -18.60 9.49 -20.04
C ILE C 218 -19.63 8.41 -20.32
N LEU C 219 -19.37 7.19 -19.84
CA LEU C 219 -20.26 6.07 -20.12
C LEU C 219 -21.62 6.15 -19.41
N PRO C 220 -22.63 5.41 -19.91
CA PRO C 220 -23.96 5.41 -19.30
C PRO C 220 -23.98 4.73 -17.93
N THR C 221 -23.01 3.84 -17.68
CA THR C 221 -22.91 3.22 -16.36
C THR C 221 -21.51 2.63 -16.23
N TYR C 222 -21.06 2.47 -14.99
CA TYR C 222 -19.73 1.94 -14.71
C TYR C 222 -19.74 0.67 -13.89
N SER C 223 -18.85 -0.26 -14.25
CA SER C 223 -18.71 -1.52 -13.55
C SER C 223 -17.56 -1.42 -12.56
N GLY C 224 -16.67 -0.45 -12.83
CA GLY C 224 -15.51 -0.24 -11.99
C GLY C 224 -14.23 -0.80 -12.62
N ARG C 225 -14.38 -1.50 -13.75
CA ARG C 225 -13.26 -2.13 -14.45
C ARG C 225 -12.70 -1.26 -15.57
N GLU C 226 -13.27 -0.07 -15.73
CA GLU C 226 -12.89 0.83 -16.80
C GLU C 226 -11.51 1.44 -16.68
N SER C 227 -10.96 1.89 -17.81
CA SER C 227 -9.64 2.51 -17.80
C SER C 227 -9.74 3.92 -17.23
N ASN C 228 -8.59 4.55 -17.06
CA ASN C 228 -8.55 5.91 -16.56
C ASN C 228 -9.36 6.87 -17.46
N VAL C 229 -9.33 6.62 -18.78
CA VAL C 229 -10.03 7.52 -19.70
C VAL C 229 -11.51 7.66 -19.33
N GLN C 230 -12.19 6.54 -19.15
CA GLN C 230 -13.61 6.60 -18.82
C GLN C 230 -13.85 6.99 -17.36
N LYS C 231 -12.99 6.54 -16.46
CA LYS C 231 -13.20 6.89 -15.04
C LYS C 231 -12.95 8.37 -14.81
N MET C 232 -11.93 8.96 -15.44
CA MET C 232 -11.67 10.36 -15.24
C MET C 232 -12.83 11.15 -15.84
N ALA C 233 -13.38 10.67 -16.95
CA ALA C 233 -14.49 11.36 -17.64
C ALA C 233 -15.70 11.53 -16.74
N ILE C 234 -16.17 10.43 -16.16
CA ILE C 234 -17.35 10.53 -15.29
C ILE C 234 -17.07 11.25 -13.96
N SER C 235 -15.88 11.05 -13.38
CA SER C 235 -15.63 11.68 -12.09
C SER C 235 -15.44 13.17 -12.23
N GLU C 236 -14.88 13.58 -13.36
CA GLU C 236 -14.71 15.00 -13.62
C GLU C 236 -16.11 15.63 -13.72
N LEU C 237 -17.03 14.97 -14.43
CA LEU C 237 -18.39 15.51 -14.59
C LEU C 237 -19.07 15.61 -13.21
N MET C 238 -18.99 14.54 -12.43
CA MET C 238 -19.60 14.53 -11.09
C MET C 238 -19.02 15.63 -10.19
N ALA C 239 -17.71 15.85 -10.29
CA ALA C 239 -17.05 16.85 -9.47
C ALA C 239 -17.44 18.25 -9.91
N ASP C 240 -17.59 18.46 -11.23
CA ASP C 240 -17.98 19.77 -11.76
C ASP C 240 -19.43 20.09 -11.38
N VAL C 241 -20.31 19.12 -11.55
CA VAL C 241 -21.71 19.31 -11.22
C VAL C 241 -21.87 19.60 -9.73
N GLY C 242 -21.18 18.81 -8.91
CA GLY C 242 -21.26 18.99 -7.46
C GLY C 242 -20.80 20.34 -7.02
N ILE C 243 -19.72 20.82 -7.60
CA ILE C 243 -19.22 22.12 -7.22
C ILE C 243 -20.21 23.20 -7.68
N SER C 244 -20.77 23.02 -8.87
CA SER C 244 -21.72 24.03 -9.40
C SER C 244 -22.97 24.18 -8.54
N VAL C 245 -23.26 23.21 -7.66
CA VAL C 245 -24.45 23.32 -6.80
C VAL C 245 -24.08 23.45 -5.32
N ASP C 246 -22.88 23.99 -5.09
CA ASP C 246 -22.35 24.24 -3.72
C ASP C 246 -22.50 23.02 -2.82
N MET C 247 -22.05 21.88 -3.31
CA MET C 247 -22.16 20.64 -2.54
C MET C 247 -21.44 20.70 -1.19
N ASP C 248 -22.13 20.31 -0.12
CA ASP C 248 -21.55 20.28 1.23
C ASP C 248 -21.11 18.81 1.37
N TYR C 249 -19.86 18.57 1.03
CA TYR C 249 -19.34 17.21 1.00
C TYR C 249 -19.12 16.47 2.32
N GLY C 250 -19.37 15.16 2.27
CA GLY C 250 -19.12 14.29 3.41
C GLY C 250 -19.39 12.86 2.99
N PRO C 251 -19.48 11.93 3.94
CA PRO C 251 -19.75 10.50 3.72
C PRO C 251 -21.07 10.50 2.94
N SER C 252 -21.97 11.44 3.31
CA SER C 252 -23.18 11.70 2.53
C SER C 252 -22.94 13.20 2.18
N SER C 253 -23.40 13.66 1.02
CA SER C 253 -23.14 15.04 0.59
C SER C 253 -24.48 15.74 0.23
N GLY C 254 -24.63 16.97 0.71
CA GLY C 254 -25.88 17.71 0.51
C GLY C 254 -25.81 19.06 -0.17
N SER C 255 -26.88 19.36 -0.89
CA SER C 255 -27.01 20.61 -1.63
C SER C 255 -28.45 21.11 -1.53
N ALA C 256 -28.64 22.44 -1.60
CA ALA C 256 -29.99 22.99 -1.58
C ALA C 256 -30.76 22.40 -2.76
N GLY C 257 -30.05 21.98 -3.80
CA GLY C 257 -30.74 21.34 -4.90
C GLY C 257 -31.31 22.20 -6.02
N SER C 258 -32.61 22.03 -6.26
CA SER C 258 -33.31 22.70 -7.35
C SER C 258 -32.87 24.12 -7.67
N SER C 259 -32.83 24.99 -6.67
CA SER C 259 -32.44 26.38 -6.93
C SER C 259 -31.02 26.51 -7.50
N ARG C 260 -30.12 25.63 -7.08
CA ARG C 260 -28.75 25.65 -7.55
C ARG C 260 -28.65 24.94 -8.90
N VAL C 261 -29.40 23.86 -9.04
CA VAL C 261 -29.39 23.07 -10.25
C VAL C 261 -29.90 23.84 -11.47
N GLN C 262 -31.03 24.52 -11.33
CA GLN C 262 -31.52 25.24 -12.51
C GLN C 262 -30.52 26.31 -12.96
N ARG C 263 -29.92 27.00 -12.01
CA ARG C 263 -28.93 28.03 -12.31
C ARG C 263 -27.67 27.47 -12.94
N ALA C 264 -27.14 26.39 -12.37
CA ALA C 264 -25.92 25.77 -12.90
C ALA C 264 -26.12 25.25 -14.32
N LEU C 265 -27.23 24.55 -14.55
CA LEU C 265 -27.48 24.01 -15.88
C LEU C 265 -27.42 25.06 -16.98
N LYS C 266 -27.91 26.26 -16.69
CA LYS C 266 -27.93 27.34 -17.68
C LYS C 266 -26.63 28.12 -17.74
N GLU C 267 -26.22 28.65 -16.59
CA GLU C 267 -25.04 29.50 -16.47
C GLU C 267 -23.71 28.81 -16.63
N ASN C 268 -23.60 27.61 -16.10
CA ASN C 268 -22.33 26.90 -16.19
C ASN C 268 -22.25 25.86 -17.28
N PHE C 269 -23.37 25.21 -17.58
CA PHE C 269 -23.38 24.15 -18.59
C PHE C 269 -24.11 24.50 -19.88
N GLY C 270 -24.58 25.73 -19.98
CA GLY C 270 -25.23 26.19 -21.20
C GLY C 270 -26.51 25.55 -21.69
N TYR C 271 -27.35 25.04 -20.79
CA TYR C 271 -28.62 24.47 -21.23
C TYR C 271 -29.52 25.64 -21.56
N ASN C 272 -30.63 25.31 -22.21
CA ASN C 272 -31.64 26.27 -22.67
C ASN C 272 -32.29 27.09 -21.56
N GLN C 273 -32.69 28.32 -21.88
CA GLN C 273 -33.34 29.20 -20.91
C GLN C 273 -34.64 28.58 -20.41
N SER C 274 -35.12 27.55 -21.08
CA SER C 274 -36.34 26.89 -20.65
C SER C 274 -36.19 26.22 -19.29
N VAL C 275 -34.95 26.01 -18.88
CA VAL C 275 -34.68 25.37 -17.59
C VAL C 275 -35.16 26.24 -16.44
N HIS C 276 -36.00 25.67 -15.58
CA HIS C 276 -36.42 26.41 -14.43
C HIS C 276 -36.99 25.51 -13.35
N GLN C 277 -36.96 26.06 -12.13
CA GLN C 277 -37.49 25.38 -10.96
C GLN C 277 -38.99 25.60 -10.82
N ILE C 278 -39.70 24.57 -10.37
CA ILE C 278 -41.13 24.68 -10.10
C ILE C 278 -41.32 24.01 -8.74
N ASN C 279 -42.24 24.57 -7.95
CA ASN C 279 -42.51 24.06 -6.62
C ASN C 279 -43.87 23.43 -6.51
N ARG C 280 -43.93 22.28 -5.86
CA ARG C 280 -45.17 21.55 -5.71
C ARG C 280 -46.25 22.44 -5.09
N GLY C 281 -45.85 23.28 -4.13
CA GLY C 281 -46.79 24.15 -3.46
C GLY C 281 -47.46 25.20 -4.32
N ASP C 282 -47.01 25.36 -5.57
CA ASP C 282 -47.59 26.35 -6.50
C ASP C 282 -48.63 25.74 -7.44
N PHE C 283 -48.92 24.46 -7.30
CA PHE C 283 -49.85 23.78 -8.19
C PHE C 283 -50.84 22.89 -7.48
N SER C 284 -51.97 22.65 -8.15
CA SER C 284 -52.97 21.73 -7.64
C SER C 284 -52.30 20.41 -7.99
N LYS C 285 -52.72 19.31 -7.37
CA LYS C 285 -52.11 18.01 -7.67
C LYS C 285 -52.18 17.66 -9.15
N GLN C 286 -53.36 17.83 -9.74
CA GLN C 286 -53.57 17.52 -11.14
C GLN C 286 -52.67 18.35 -12.07
N ASP C 287 -52.49 19.63 -11.75
CA ASP C 287 -51.65 20.48 -12.58
C ASP C 287 -50.17 20.18 -12.40
N TRP C 288 -49.80 19.68 -11.22
CA TRP C 288 -48.41 19.33 -10.94
C TRP C 288 -48.08 18.13 -11.80
N GLU C 289 -48.95 17.12 -11.77
CA GLU C 289 -48.72 15.94 -12.58
C GLU C 289 -48.66 16.31 -14.07
N ALA C 290 -49.42 17.32 -14.46
CA ALA C 290 -49.45 17.77 -15.85
C ALA C 290 -48.11 18.34 -16.27
N GLN C 291 -47.43 19.01 -15.34
CA GLN C 291 -46.11 19.60 -15.62
C GLN C 291 -45.14 18.45 -15.90
N ILE C 292 -45.23 17.40 -15.10
CA ILE C 292 -44.35 16.27 -15.26
C ILE C 292 -44.68 15.52 -16.53
N ASP C 293 -45.97 15.29 -16.80
CA ASP C 293 -46.38 14.59 -18.01
C ASP C 293 -45.90 15.30 -19.27
N LYS C 294 -45.99 16.64 -19.27
CA LYS C 294 -45.55 17.42 -20.42
C LYS C 294 -44.07 17.14 -20.69
N GLU C 295 -43.26 17.20 -19.65
CA GLU C 295 -41.84 16.94 -19.79
C GLU C 295 -41.60 15.54 -20.36
N LEU C 296 -42.27 14.53 -19.80
CA LEU C 296 -42.06 13.18 -20.30
C LEU C 296 -42.49 13.02 -21.75
N SER C 297 -43.52 13.78 -22.15
CA SER C 297 -44.02 13.73 -23.52
C SER C 297 -43.01 14.27 -24.53
N GLN C 298 -42.06 15.07 -24.05
CA GLN C 298 -41.03 15.66 -24.90
C GLN C 298 -39.70 14.93 -24.71
N ASN C 299 -39.76 13.75 -24.11
CA ASN C 299 -38.55 12.97 -23.86
C ASN C 299 -37.54 13.77 -23.03
N GLN C 300 -38.04 14.45 -22.01
CA GLN C 300 -37.19 15.24 -21.13
C GLN C 300 -37.30 14.73 -19.70
N PRO C 301 -36.27 14.02 -19.20
CA PRO C 301 -36.33 13.53 -17.82
C PRO C 301 -36.42 14.74 -16.90
N VAL C 302 -37.03 14.58 -15.74
CA VAL C 302 -37.22 15.66 -14.79
C VAL C 302 -36.38 15.49 -13.51
N TYR C 303 -35.73 16.57 -13.08
CA TYR C 303 -34.96 16.56 -11.83
C TYR C 303 -36.03 16.79 -10.75
N TYR C 304 -36.09 15.90 -9.76
CA TYR C 304 -37.11 16.03 -8.72
C TYR C 304 -36.48 15.91 -7.33
N GLN C 305 -37.10 16.49 -6.33
CA GLN C 305 -36.57 16.36 -4.98
C GLN C 305 -37.57 16.67 -3.90
N GLY C 306 -37.31 16.12 -2.71
CA GLY C 306 -38.09 16.42 -1.54
C GLY C 306 -37.05 17.18 -0.73
N VAL C 307 -37.42 17.88 0.34
CA VAL C 307 -36.43 18.60 1.11
C VAL C 307 -36.29 18.04 2.51
N GLY C 308 -35.04 17.95 2.96
CA GLY C 308 -34.76 17.44 4.30
C GLY C 308 -33.93 18.49 5.02
N LYS C 309 -33.50 18.18 6.24
CA LYS C 309 -32.70 19.14 7.00
C LYS C 309 -31.34 19.35 6.34
N VAL C 310 -30.81 18.31 5.69
CA VAL C 310 -29.50 18.40 5.06
C VAL C 310 -29.53 18.93 3.62
N GLY C 311 -30.71 19.21 3.10
CA GLY C 311 -30.78 19.72 1.73
C GLY C 311 -31.77 18.96 0.88
N GLY C 312 -31.69 19.16 -0.43
CA GLY C 312 -32.60 18.46 -1.32
C GLY C 312 -32.26 17.00 -1.50
N HIS C 313 -33.26 16.13 -1.46
CA HIS C 313 -33.00 14.70 -1.64
C HIS C 313 -33.56 14.42 -2.99
N ALA C 314 -32.65 14.37 -3.95
CA ALA C 314 -32.96 14.28 -5.37
C ALA C 314 -32.99 12.94 -6.06
N PHE C 315 -33.75 12.90 -7.17
CA PHE C 315 -33.86 11.73 -8.02
C PHE C 315 -34.37 12.19 -9.38
N VAL C 316 -34.46 11.26 -10.32
CA VAL C 316 -34.92 11.57 -11.67
C VAL C 316 -36.23 10.84 -11.99
N ILE C 317 -37.24 11.57 -12.49
CA ILE C 317 -38.48 10.96 -12.94
C ILE C 317 -38.25 10.90 -14.46
N ASP C 318 -38.38 9.71 -15.03
CA ASP C 318 -38.10 9.55 -16.45
C ASP C 318 -39.08 8.63 -17.19
N GLY C 319 -40.24 8.37 -16.57
CA GLY C 319 -41.22 7.51 -17.21
C GLY C 319 -42.55 7.57 -16.51
N ALA C 320 -43.55 6.92 -17.09
CA ALA C 320 -44.90 6.87 -16.54
C ALA C 320 -45.53 5.54 -16.95
N ASP C 321 -46.41 4.99 -16.12
CA ASP C 321 -47.01 3.72 -16.47
C ASP C 321 -48.45 3.84 -16.99
N GLY C 322 -48.93 5.07 -17.13
CA GLY C 322 -50.28 5.29 -17.62
C GLY C 322 -51.33 5.08 -16.56
N ARG C 323 -50.89 4.60 -15.40
CA ARG C 323 -51.77 4.34 -14.26
C ARG C 323 -51.48 5.27 -13.08
N ASN C 324 -50.86 6.41 -13.38
CA ASN C 324 -50.50 7.42 -12.39
C ASN C 324 -49.24 7.16 -11.55
N PHE C 325 -48.45 6.18 -11.98
CA PHE C 325 -47.18 5.89 -11.32
C PHE C 325 -46.10 6.45 -12.23
N TYR C 326 -45.04 6.98 -11.63
CA TYR C 326 -43.95 7.57 -12.39
C TYR C 326 -42.68 6.77 -12.19
N HIS C 327 -41.93 6.53 -13.26
CA HIS C 327 -40.70 5.78 -13.11
C HIS C 327 -39.63 6.67 -12.49
N VAL C 328 -38.95 6.14 -11.47
CA VAL C 328 -37.92 6.88 -10.75
C VAL C 328 -36.56 6.18 -10.81
N ASN C 329 -35.50 6.97 -10.98
CA ASN C 329 -34.11 6.48 -10.95
C ASN C 329 -33.54 7.22 -9.74
N TRP C 330 -33.28 6.45 -8.67
CA TRP C 330 -32.78 7.03 -7.42
C TRP C 330 -31.28 7.38 -7.38
N GLY C 331 -30.55 7.02 -8.43
CA GLY C 331 -29.13 7.34 -8.47
C GLY C 331 -28.22 6.49 -7.58
N TRP C 332 -28.61 5.24 -7.38
CA TRP C 332 -27.84 4.30 -6.56
C TRP C 332 -27.48 3.06 -7.38
N GLY C 333 -27.29 3.27 -8.69
CA GLY C 333 -26.89 2.19 -9.58
C GLY C 333 -27.99 1.27 -10.07
N GLY C 334 -29.22 1.50 -9.63
CA GLY C 334 -30.33 0.68 -10.05
C GLY C 334 -31.19 0.16 -8.91
N VAL C 335 -30.61 -0.04 -7.73
CA VAL C 335 -31.42 -0.52 -6.62
C VAL C 335 -32.60 0.43 -6.35
N SER C 336 -33.77 -0.15 -6.09
CA SER C 336 -34.99 0.59 -5.78
C SER C 336 -35.65 1.33 -6.96
N ASP C 337 -35.04 1.31 -8.13
CA ASP C 337 -35.65 1.99 -9.26
C ASP C 337 -36.96 1.28 -9.58
N GLY C 338 -37.97 2.04 -9.98
CA GLY C 338 -39.24 1.41 -10.30
C GLY C 338 -40.30 2.46 -10.48
N PHE C 339 -41.56 2.05 -10.36
CA PHE C 339 -42.67 2.96 -10.54
C PHE C 339 -43.22 3.39 -9.19
N PHE C 340 -43.44 4.69 -9.03
CA PHE C 340 -43.94 5.27 -7.76
C PHE C 340 -45.02 6.35 -7.92
N ARG C 341 -45.96 6.40 -6.99
CA ARG C 341 -46.97 7.47 -7.04
C ARG C 341 -46.27 8.71 -6.52
N LEU C 342 -46.67 9.89 -6.99
CA LEU C 342 -46.05 11.14 -6.55
C LEU C 342 -46.38 11.43 -5.09
N ASP C 343 -47.44 10.81 -4.61
CA ASP C 343 -47.85 10.95 -3.22
C ASP C 343 -48.90 9.89 -2.90
N ALA C 344 -49.12 9.65 -1.61
CA ALA C 344 -50.10 8.67 -1.19
C ALA C 344 -51.32 9.40 -0.62
N LEU C 345 -51.50 10.67 -0.98
CA LEU C 345 -52.63 11.46 -0.49
C LEU C 345 -53.97 11.08 -1.11
N ASN C 346 -55.01 11.00 -0.27
CA ASN C 346 -56.36 10.69 -0.75
C ASN C 346 -56.93 12.04 -1.17
N PRO C 347 -57.23 12.21 -2.48
CA PRO C 347 -57.80 13.45 -3.03
C PRO C 347 -58.85 14.11 -2.12
N GLY C 358 -52.42 18.56 3.00
CA GLY C 358 -51.70 17.32 2.73
C GLY C 358 -50.21 17.58 2.58
N PHE C 359 -49.40 16.84 3.33
CA PHE C 359 -47.95 17.01 3.27
C PHE C 359 -47.45 16.85 1.84
N ASN C 360 -46.63 17.80 1.40
CA ASN C 360 -46.09 17.72 0.03
C ASN C 360 -44.57 17.56 -0.01
N GLY C 361 -43.97 17.17 1.11
CA GLY C 361 -42.53 16.96 1.17
C GLY C 361 -41.66 18.14 0.75
N TYR C 362 -42.26 19.32 0.73
CA TYR C 362 -41.60 20.57 0.32
C TYR C 362 -40.98 20.40 -1.06
N GLN C 363 -41.53 19.44 -1.79
CA GLN C 363 -41.03 19.08 -3.13
C GLN C 363 -40.94 20.14 -4.20
N SER C 364 -39.91 20.01 -5.04
CA SER C 364 -39.73 20.91 -6.14
C SER C 364 -39.12 20.08 -7.25
N ALA C 365 -39.09 20.64 -8.45
CA ALA C 365 -38.54 19.94 -9.60
C ALA C 365 -37.88 20.97 -10.49
N VAL C 366 -37.07 20.49 -11.43
CA VAL C 366 -36.45 21.38 -12.40
C VAL C 366 -36.89 20.77 -13.72
N VAL C 367 -37.64 21.56 -14.49
CA VAL C 367 -38.15 21.10 -15.78
C VAL C 367 -37.60 21.97 -16.89
N GLY C 368 -37.93 21.66 -18.13
CA GLY C 368 -37.42 22.46 -19.24
C GLY C 368 -35.97 22.12 -19.54
N ILE C 369 -35.50 20.98 -19.05
CA ILE C 369 -34.11 20.59 -19.29
C ILE C 369 -33.88 20.01 -20.67
N LYS C 370 -33.16 20.79 -21.47
CA LYS C 370 -32.79 20.46 -22.83
C LYS C 370 -31.75 21.49 -23.28
N PRO C 371 -30.97 21.14 -24.31
CA PRO C 371 -29.96 22.06 -24.82
C PRO C 371 -30.62 23.32 -25.39
N PHE D 4 -27.94 -32.61 -35.73
CA PHE D 4 -28.24 -32.47 -34.27
C PHE D 4 -28.22 -31.01 -33.84
N ALA D 5 -27.83 -30.13 -34.76
CA ALA D 5 -27.75 -28.70 -34.48
C ALA D 5 -29.04 -28.11 -33.91
N ARG D 6 -28.91 -27.28 -32.88
CA ARG D 6 -30.07 -26.62 -32.29
C ARG D 6 -30.02 -25.12 -32.61
N ASN D 7 -30.91 -24.69 -33.50
CA ASN D 7 -30.98 -23.31 -33.92
C ASN D 7 -31.42 -22.38 -32.80
N GLU D 8 -31.20 -21.09 -32.99
CA GLU D 8 -31.55 -20.08 -32.00
C GLU D 8 -33.02 -20.13 -31.59
N LYS D 9 -33.89 -20.53 -32.50
CA LYS D 9 -35.31 -20.61 -32.19
C LYS D 9 -35.62 -21.78 -31.27
N GLU D 10 -34.96 -22.91 -31.50
CA GLU D 10 -35.17 -24.09 -30.68
C GLU D 10 -34.55 -23.85 -29.31
N ALA D 11 -33.38 -23.23 -29.29
CA ALA D 11 -32.69 -22.96 -28.03
C ALA D 11 -33.58 -22.09 -27.17
N LYS D 12 -33.99 -20.94 -27.71
CA LYS D 12 -34.86 -20.03 -26.98
C LYS D 12 -36.12 -20.78 -26.60
N ASP D 13 -36.41 -21.81 -27.38
CA ASP D 13 -37.58 -22.64 -27.16
C ASP D 13 -37.34 -23.53 -25.93
N SER D 14 -36.15 -24.13 -25.87
CA SER D 14 -35.80 -24.99 -24.75
C SER D 14 -35.75 -24.24 -23.42
N ALA D 15 -35.25 -23.00 -23.47
CA ALA D 15 -35.14 -22.18 -22.27
C ALA D 15 -36.52 -21.97 -21.63
N ILE D 16 -37.49 -21.64 -22.46
CA ILE D 16 -38.86 -21.40 -21.99
C ILE D 16 -39.41 -22.68 -21.40
N THR D 17 -39.12 -23.80 -22.05
CA THR D 17 -39.58 -25.10 -21.58
C THR D 17 -39.00 -25.41 -20.21
N PHE D 18 -37.70 -25.18 -20.05
CA PHE D 18 -37.02 -25.42 -18.79
C PHE D 18 -37.62 -24.56 -17.69
N ILE D 19 -37.80 -23.27 -17.99
CA ILE D 19 -38.37 -22.33 -17.03
C ILE D 19 -39.77 -22.76 -16.59
N GLN D 20 -40.67 -22.90 -17.56
CA GLN D 20 -42.04 -23.31 -17.27
C GLN D 20 -42.05 -24.66 -16.57
N LYS D 21 -41.33 -25.62 -17.14
CA LYS D 21 -41.27 -26.95 -16.58
C LYS D 21 -40.62 -26.91 -15.20
N LEU D 37 -37.28 -13.07 -22.91
CA LEU D 37 -35.90 -13.57 -22.92
C LEU D 37 -35.02 -12.75 -23.84
N ASP D 38 -33.96 -12.18 -23.28
CA ASP D 38 -33.02 -11.39 -24.05
C ASP D 38 -31.71 -12.16 -24.25
N LYS D 39 -31.42 -12.51 -25.49
CA LYS D 39 -30.21 -13.24 -25.82
C LYS D 39 -28.99 -12.43 -25.39
N VAL D 40 -28.01 -13.09 -24.79
CA VAL D 40 -26.81 -12.38 -24.36
C VAL D 40 -25.77 -12.46 -25.48
N ASN D 41 -25.20 -11.30 -25.81
CA ASN D 41 -24.20 -11.21 -26.86
C ASN D 41 -22.86 -11.71 -26.37
N LEU D 42 -22.40 -12.81 -26.94
CA LEU D 42 -21.12 -13.41 -26.59
C LEU D 42 -20.18 -13.27 -27.79
N GLY D 43 -19.18 -12.40 -27.67
CA GLY D 43 -18.27 -12.19 -28.78
C GLY D 43 -16.82 -12.53 -28.50
N GLY D 44 -16.22 -13.31 -29.40
CA GLY D 44 -14.83 -13.69 -29.23
C GLY D 44 -14.72 -15.19 -29.18
N GLU D 45 -14.06 -15.70 -28.15
CA GLU D 45 -13.88 -17.13 -27.99
C GLU D 45 -15.19 -17.86 -27.74
N LEU D 46 -16.28 -17.11 -27.59
CA LEU D 46 -17.60 -17.70 -27.36
C LEU D 46 -18.59 -17.34 -28.46
N SER D 47 -18.08 -17.00 -29.63
CA SER D 47 -18.94 -16.65 -30.75
C SER D 47 -19.51 -17.96 -31.32
N GLY D 48 -20.53 -17.84 -32.16
CA GLY D 48 -21.12 -19.02 -32.77
C GLY D 48 -22.47 -19.41 -32.22
N SER D 49 -22.90 -20.63 -32.54
CA SER D 49 -24.17 -21.15 -32.11
C SER D 49 -23.98 -22.48 -31.38
N ASN D 50 -22.81 -22.64 -30.78
CA ASN D 50 -22.51 -23.86 -30.04
C ASN D 50 -23.19 -23.76 -28.68
N MET D 51 -23.44 -22.54 -28.25
CA MET D 51 -24.09 -22.31 -26.97
C MET D 51 -24.83 -20.98 -26.97
N TYR D 52 -25.96 -20.91 -26.27
CA TYR D 52 -26.76 -19.69 -26.18
C TYR D 52 -27.07 -19.34 -24.72
N VAL D 53 -27.14 -18.05 -24.42
CA VAL D 53 -27.46 -17.60 -23.07
C VAL D 53 -28.59 -16.57 -23.13
N TYR D 54 -29.65 -16.82 -22.37
CA TYR D 54 -30.79 -15.92 -22.34
C TYR D 54 -31.08 -15.38 -20.96
N ASN D 55 -31.13 -14.05 -20.84
CA ASN D 55 -31.47 -13.39 -19.58
C ASN D 55 -32.98 -13.16 -19.62
N ILE D 56 -33.65 -13.43 -18.51
CA ILE D 56 -35.09 -13.22 -18.40
C ILE D 56 -35.26 -11.77 -17.96
N SER D 57 -36.09 -11.01 -18.68
CA SER D 57 -36.28 -9.60 -18.34
C SER D 57 -36.66 -9.38 -16.87
N THR D 58 -37.49 -10.26 -16.32
CA THR D 58 -37.92 -10.11 -14.94
C THR D 58 -36.90 -10.59 -13.92
N GLY D 59 -35.96 -11.42 -14.36
CA GLY D 59 -34.93 -11.94 -13.47
C GLY D 59 -34.59 -13.40 -13.73
N GLY D 60 -33.30 -13.71 -13.73
CA GLY D 60 -32.88 -15.08 -13.98
C GLY D 60 -32.27 -15.27 -15.36
N PHE D 61 -31.80 -16.49 -15.64
CA PHE D 61 -31.20 -16.78 -16.94
C PHE D 61 -31.11 -18.29 -17.21
N VAL D 62 -30.87 -18.63 -18.47
CA VAL D 62 -30.76 -20.03 -18.88
C VAL D 62 -29.70 -20.13 -19.98
N ILE D 63 -28.84 -21.12 -19.86
CA ILE D 63 -27.77 -21.35 -20.84
C ILE D 63 -28.12 -22.64 -21.55
N VAL D 64 -28.24 -22.55 -22.87
CA VAL D 64 -28.61 -23.70 -23.69
C VAL D 64 -27.56 -24.13 -24.71
N SER D 65 -27.35 -25.44 -24.82
CA SER D 65 -26.39 -25.98 -25.77
C SER D 65 -26.96 -25.87 -27.18
N GLY D 66 -26.06 -25.72 -28.15
CA GLY D 66 -26.47 -25.59 -29.54
C GLY D 66 -26.38 -26.85 -30.37
N ASP D 67 -26.06 -27.98 -29.74
CA ASP D 67 -25.98 -29.26 -30.44
C ASP D 67 -26.65 -30.34 -29.59
N LYS D 68 -27.55 -31.09 -30.21
CA LYS D 68 -28.30 -32.13 -29.51
C LYS D 68 -27.50 -33.33 -28.99
N ARG D 69 -26.19 -33.32 -29.20
CA ARG D 69 -25.34 -34.40 -28.70
C ARG D 69 -24.79 -34.03 -27.32
N SER D 70 -25.16 -32.85 -26.84
CA SER D 70 -24.71 -32.37 -25.53
C SER D 70 -25.93 -32.15 -24.65
N PRO D 71 -25.73 -32.10 -23.32
CA PRO D 71 -26.88 -31.88 -22.44
C PRO D 71 -27.58 -30.60 -22.87
N GLU D 72 -28.89 -30.57 -22.80
CA GLU D 72 -29.66 -29.41 -23.26
C GLU D 72 -29.42 -28.14 -22.45
N ILE D 73 -29.72 -28.19 -21.16
CA ILE D 73 -29.51 -27.03 -20.30
C ILE D 73 -28.18 -27.20 -19.56
N LEU D 74 -27.33 -26.18 -19.64
CA LEU D 74 -26.01 -26.21 -19.03
C LEU D 74 -25.94 -25.41 -17.73
N GLY D 75 -26.78 -24.40 -17.62
CA GLY D 75 -26.78 -23.56 -16.44
C GLY D 75 -28.02 -22.71 -16.34
N TYR D 76 -28.27 -22.17 -15.16
CA TYR D 76 -29.45 -21.35 -14.97
C TYR D 76 -29.50 -20.73 -13.59
N SER D 77 -30.44 -19.79 -13.46
CA SER D 77 -30.74 -19.15 -12.19
C SER D 77 -32.11 -18.52 -12.32
N THR D 78 -32.89 -18.57 -11.24
CA THR D 78 -34.22 -17.98 -11.24
C THR D 78 -34.16 -16.49 -10.89
N SER D 79 -32.95 -15.97 -10.64
CA SER D 79 -32.77 -14.55 -10.31
C SER D 79 -31.52 -13.96 -10.95
N GLY D 80 -31.40 -12.63 -10.91
CA GLY D 80 -30.24 -11.97 -11.47
C GLY D 80 -30.07 -12.06 -12.96
N SER D 81 -28.83 -12.00 -13.41
CA SER D 81 -28.53 -12.04 -14.84
C SER D 81 -27.19 -12.72 -15.09
N PHE D 82 -26.90 -13.00 -16.36
CA PHE D 82 -25.63 -13.63 -16.74
C PHE D 82 -24.84 -12.71 -17.68
N ASP D 83 -23.55 -12.54 -17.41
CA ASP D 83 -22.71 -11.70 -18.24
C ASP D 83 -21.27 -12.18 -18.11
N VAL D 84 -20.47 -12.08 -19.17
CA VAL D 84 -19.07 -12.50 -19.07
C VAL D 84 -18.11 -11.38 -19.46
N ASN D 85 -18.65 -10.25 -19.86
CA ASN D 85 -17.84 -9.10 -20.27
C ASN D 85 -16.87 -8.64 -19.20
N GLY D 86 -15.57 -8.76 -19.50
CA GLY D 86 -14.53 -8.34 -18.56
C GLY D 86 -14.38 -9.22 -17.33
N LYS D 87 -14.97 -10.41 -17.39
CA LYS D 87 -14.92 -11.35 -16.26
C LYS D 87 -14.41 -12.69 -16.79
N GLU D 88 -13.11 -12.75 -16.96
CA GLU D 88 -12.45 -13.92 -17.53
C GLU D 88 -12.66 -15.27 -16.87
N ASN D 89 -12.83 -15.32 -15.55
CA ASN D 89 -13.02 -16.63 -14.95
C ASN D 89 -14.33 -17.24 -15.40
N ILE D 90 -15.33 -16.40 -15.67
CA ILE D 90 -16.63 -16.87 -16.16
C ILE D 90 -16.48 -17.22 -17.64
N ALA D 91 -15.84 -16.34 -18.40
CA ALA D 91 -15.67 -16.63 -19.83
C ALA D 91 -14.88 -17.91 -19.99
N SER D 92 -13.85 -18.09 -19.19
CA SER D 92 -13.03 -19.30 -19.31
C SER D 92 -13.82 -20.58 -19.06
N PHE D 93 -14.76 -20.55 -18.12
CA PHE D 93 -15.53 -21.74 -17.85
C PHE D 93 -16.50 -22.01 -19.01
N MET D 94 -17.05 -20.94 -19.56
CA MET D 94 -17.98 -21.07 -20.68
C MET D 94 -17.24 -21.65 -21.89
N GLU D 95 -15.98 -21.25 -22.07
CA GLU D 95 -15.20 -21.75 -23.19
C GLU D 95 -15.01 -23.25 -23.06
N SER D 96 -14.94 -23.73 -21.83
CA SER D 96 -14.79 -25.16 -21.63
C SER D 96 -16.06 -25.85 -22.11
N TYR D 97 -17.21 -25.27 -21.81
CA TYR D 97 -18.47 -25.84 -22.26
C TYR D 97 -18.42 -25.99 -23.79
N VAL D 98 -18.03 -24.91 -24.46
CA VAL D 98 -17.94 -24.88 -25.92
C VAL D 98 -17.01 -25.94 -26.47
N GLU D 99 -15.84 -26.10 -25.85
CA GLU D 99 -14.87 -27.09 -26.27
C GLU D 99 -15.44 -28.49 -26.07
N GLN D 100 -16.25 -28.64 -25.03
CA GLN D 100 -16.85 -29.93 -24.72
C GLN D 100 -18.02 -30.24 -25.65
N ILE D 101 -18.78 -29.20 -26.01
CA ILE D 101 -19.93 -29.37 -26.89
C ILE D 101 -19.44 -29.80 -28.27
N LYS D 102 -18.36 -29.19 -28.73
CA LYS D 102 -17.80 -29.51 -30.02
C LYS D 102 -17.21 -30.91 -29.91
N GLU D 103 -16.64 -31.20 -28.75
CA GLU D 103 -16.06 -32.49 -28.45
C GLU D 103 -17.11 -33.59 -28.60
N ASN D 104 -18.34 -33.29 -28.20
CA ASN D 104 -19.43 -34.25 -28.29
C ASN D 104 -19.86 -34.51 -29.73
N LYS D 105 -19.49 -33.60 -30.63
CA LYS D 105 -19.86 -33.76 -32.04
C LYS D 105 -19.22 -35.01 -32.66
N LYS D 106 -18.16 -35.52 -32.05
CA LYS D 106 -17.51 -36.71 -32.56
C LYS D 106 -18.46 -37.89 -32.40
N LEU D 107 -19.57 -37.64 -31.72
CA LEU D 107 -20.59 -38.65 -31.48
C LEU D 107 -21.69 -38.58 -32.54
N ASP D 108 -22.60 -39.55 -32.54
CA ASP D 108 -23.69 -39.57 -33.52
C ASP D 108 -25.02 -39.93 -32.87
N SER D 109 -25.10 -39.80 -31.55
CA SER D 109 -26.34 -40.11 -30.84
C SER D 109 -26.77 -38.94 -29.97
N THR D 110 -28.08 -38.71 -29.92
CA THR D 110 -28.63 -37.63 -29.12
C THR D 110 -28.24 -37.84 -27.66
N TYR D 111 -28.21 -36.76 -26.89
CA TYR D 111 -27.86 -36.83 -25.48
C TYR D 111 -28.90 -37.61 -24.67
N ALA D 112 -28.42 -38.53 -23.84
CA ALA D 112 -29.29 -39.35 -23.00
C ALA D 112 -28.80 -39.38 -21.55
N GLY D 113 -29.39 -40.24 -20.73
CA GLY D 113 -28.98 -40.33 -19.35
C GLY D 113 -29.86 -39.49 -18.44
N GLN D 119 -27.51 -37.20 -6.00
CA GLN D 119 -26.88 -35.95 -5.48
C GLN D 119 -27.83 -35.19 -4.56
N PRO D 120 -27.47 -35.07 -3.27
CA PRO D 120 -28.31 -34.36 -2.29
C PRO D 120 -28.42 -32.87 -2.64
N VAL D 121 -29.47 -32.22 -2.16
CA VAL D 121 -29.67 -30.79 -2.40
C VAL D 121 -28.98 -30.00 -1.29
N VAL D 122 -28.15 -29.03 -1.68
CA VAL D 122 -27.47 -28.19 -0.69
C VAL D 122 -27.67 -26.73 -1.08
N LYS D 123 -28.34 -25.97 -0.23
CA LYS D 123 -28.58 -24.55 -0.53
C LYS D 123 -27.27 -23.76 -0.41
N SER D 124 -27.09 -22.83 -1.34
CA SER D 124 -25.90 -21.98 -1.39
C SER D 124 -25.36 -21.60 -0.01
N LEU D 125 -24.21 -22.16 0.33
CA LEU D 125 -23.56 -21.87 1.61
C LEU D 125 -23.14 -20.41 1.74
N LEU D 126 -22.57 -19.84 0.69
CA LEU D 126 -22.16 -18.43 0.78
C LEU D 126 -23.40 -17.55 0.85
N ASP D 127 -24.44 -17.88 0.08
CA ASP D 127 -25.68 -17.09 0.14
C ASP D 127 -26.31 -17.13 1.54
N SER D 128 -26.13 -18.25 2.24
CA SER D 128 -26.73 -18.39 3.58
C SER D 128 -26.12 -17.42 4.58
N LYS D 129 -24.93 -16.92 4.25
CA LYS D 129 -24.22 -15.96 5.10
C LYS D 129 -24.09 -14.58 4.44
N GLY D 130 -24.75 -14.43 3.31
CA GLY D 130 -24.80 -13.16 2.58
C GLY D 130 -23.42 -12.75 2.07
N ILE D 131 -22.60 -13.73 1.76
CA ILE D 131 -21.24 -13.44 1.31
C ILE D 131 -21.20 -13.21 -0.20
N HIS D 132 -20.79 -12.01 -0.61
CA HIS D 132 -20.73 -11.67 -2.03
C HIS D 132 -19.60 -10.70 -2.28
N TYR D 133 -18.40 -11.22 -2.52
CA TYR D 133 -17.26 -10.34 -2.75
C TYR D 133 -17.06 -10.07 -4.23
N ASN D 134 -16.16 -9.14 -4.53
CA ASN D 134 -15.91 -8.75 -5.92
C ASN D 134 -14.40 -8.54 -6.04
N GLN D 135 -13.95 -8.02 -7.18
CA GLN D 135 -12.51 -7.81 -7.39
C GLN D 135 -12.04 -6.36 -7.38
N GLY D 136 -12.97 -5.41 -7.44
CA GLY D 136 -12.62 -4.02 -7.48
C GLY D 136 -12.82 -3.32 -6.15
N ASN D 137 -13.16 -2.04 -6.21
CA ASN D 137 -13.37 -1.27 -4.98
C ASN D 137 -14.57 -1.81 -4.21
N PRO D 138 -14.45 -1.89 -2.85
CA PRO D 138 -13.30 -1.53 -2.02
C PRO D 138 -12.40 -2.72 -1.71
N TYR D 139 -12.71 -3.87 -2.29
CA TYR D 139 -11.95 -5.09 -2.08
C TYR D 139 -10.49 -4.93 -2.41
N ASN D 140 -10.22 -4.15 -3.46
CA ASN D 140 -8.85 -3.98 -3.90
C ASN D 140 -8.17 -2.71 -3.41
N LEU D 141 -8.63 -2.10 -2.32
CA LEU D 141 -7.99 -0.87 -1.88
C LEU D 141 -6.55 -0.96 -1.44
N LEU D 142 -6.07 -2.16 -1.16
CA LEU D 142 -4.68 -2.29 -0.74
C LEU D 142 -3.82 -3.10 -1.69
N THR D 143 -4.34 -3.41 -2.88
CA THR D 143 -3.49 -4.13 -3.85
C THR D 143 -2.53 -3.08 -4.42
N PRO D 144 -1.46 -3.55 -5.08
CA PRO D 144 -0.49 -2.62 -5.66
C PRO D 144 -1.13 -1.68 -6.69
N VAL D 145 -0.70 -0.44 -6.69
CA VAL D 145 -1.20 0.56 -7.64
C VAL D 145 -0.40 0.47 -8.93
N ILE D 146 -1.12 0.29 -10.03
CA ILE D 146 -0.54 0.12 -11.37
C ILE D 146 0.32 1.35 -11.66
N GLU D 147 1.55 1.09 -12.14
CA GLU D 147 2.49 2.17 -12.41
C GLU D 147 2.74 2.44 -13.90
N LYS D 148 2.51 1.43 -14.72
CA LYS D 148 2.78 1.56 -16.16
C LYS D 148 1.63 1.23 -17.07
N VAL D 149 1.75 1.71 -18.31
CA VAL D 149 0.74 1.45 -19.32
C VAL D 149 1.22 0.28 -20.16
N LYS D 150 0.37 -0.72 -20.38
CA LYS D 150 0.79 -1.85 -21.20
C LYS D 150 0.62 -1.44 -22.67
N PRO D 151 1.68 -1.64 -23.48
CA PRO D 151 1.59 -1.27 -24.90
C PRO D 151 0.34 -1.83 -25.56
N GLY D 152 -0.37 -0.96 -26.28
CA GLY D 152 -1.56 -1.35 -26.99
C GLY D 152 -2.85 -1.26 -26.19
N GLU D 153 -2.72 -0.88 -24.92
CA GLU D 153 -3.85 -0.82 -24.01
C GLU D 153 -4.03 0.55 -23.41
N GLN D 154 -5.26 0.91 -23.08
CA GLN D 154 -5.53 2.17 -22.42
C GLN D 154 -4.83 2.14 -21.03
N SER D 155 -4.62 3.31 -20.45
CA SER D 155 -3.94 3.39 -19.17
C SER D 155 -4.82 3.11 -17.98
N PHE D 156 -4.23 2.39 -17.01
CA PHE D 156 -4.89 2.12 -15.73
C PHE D 156 -3.96 2.59 -14.63
N VAL D 157 -3.00 3.41 -15.00
CA VAL D 157 -2.00 3.90 -14.07
C VAL D 157 -2.69 4.70 -12.97
N GLY D 158 -2.34 4.37 -11.73
CA GLY D 158 -2.96 5.04 -10.59
C GLY D 158 -4.09 4.22 -9.98
N GLN D 159 -4.61 3.24 -10.70
CA GLN D 159 -5.68 2.38 -10.16
C GLN D 159 -5.09 1.20 -9.41
N HIS D 160 -5.79 0.76 -8.37
CA HIS D 160 -5.32 -0.42 -7.65
C HIS D 160 -5.65 -1.60 -8.55
N ALA D 161 -4.73 -2.55 -8.59
CA ALA D 161 -4.92 -3.77 -9.39
C ALA D 161 -6.11 -4.60 -8.90
N ALA D 162 -6.65 -5.43 -9.78
CA ALA D 162 -7.77 -6.30 -9.42
C ALA D 162 -7.27 -7.26 -8.31
N THR D 163 -8.17 -7.69 -7.44
CA THR D 163 -7.73 -8.65 -6.43
C THR D 163 -7.37 -10.01 -7.05
N GLY D 164 -7.97 -10.37 -8.20
CA GLY D 164 -7.71 -11.68 -8.82
C GLY D 164 -8.81 -12.68 -8.42
N SER D 165 -9.33 -13.46 -9.36
CA SER D 165 -10.37 -14.43 -9.00
C SER D 165 -9.89 -15.45 -7.95
N VAL D 166 -8.61 -15.79 -7.96
CA VAL D 166 -8.08 -16.75 -6.99
C VAL D 166 -8.20 -16.18 -5.58
N ALA D 167 -7.87 -14.90 -5.43
CA ALA D 167 -7.96 -14.28 -4.10
C ALA D 167 -9.39 -14.08 -3.68
N THR D 168 -10.25 -13.61 -4.58
CA THR D 168 -11.66 -13.39 -4.22
C THR D 168 -12.34 -14.71 -3.85
N ALA D 169 -12.04 -15.79 -4.58
CA ALA D 169 -12.65 -17.07 -4.25
C ALA D 169 -12.21 -17.52 -2.86
N THR D 170 -10.91 -17.46 -2.63
CA THR D 170 -10.34 -17.86 -1.35
C THR D 170 -10.88 -17.00 -0.21
N ALA D 171 -10.92 -15.69 -0.42
CA ALA D 171 -11.43 -14.79 0.63
C ALA D 171 -12.88 -15.08 1.00
N GLN D 172 -13.72 -15.39 0.03
CA GLN D 172 -15.11 -15.69 0.34
C GLN D 172 -15.22 -16.93 1.20
N ILE D 173 -14.40 -17.94 0.89
CA ILE D 173 -14.41 -19.17 1.68
C ILE D 173 -13.92 -18.87 3.10
N MET D 174 -12.88 -18.06 3.23
CA MET D 174 -12.37 -17.70 4.57
C MET D 174 -13.45 -16.96 5.36
N LYS D 175 -14.19 -16.08 4.69
CA LYS D 175 -15.26 -15.35 5.39
C LYS D 175 -16.35 -16.32 5.86
N TYR D 176 -16.61 -17.37 5.07
CA TYR D 176 -17.61 -18.34 5.50
C TYR D 176 -17.23 -18.95 6.85
N HIS D 177 -15.95 -19.17 7.09
CA HIS D 177 -15.45 -19.74 8.34
C HIS D 177 -15.05 -18.72 9.39
N ASN D 178 -14.94 -17.44 8.99
CA ASN D 178 -14.48 -16.32 9.85
C ASN D 178 -13.25 -16.79 10.57
N TYR D 179 -12.26 -17.23 9.81
CA TYR D 179 -11.04 -17.80 10.37
C TYR D 179 -9.86 -17.47 9.44
N PRO D 180 -8.66 -17.21 10.00
CA PRO D 180 -8.30 -17.23 11.43
C PRO D 180 -8.39 -15.86 12.08
N ASN D 181 -8.31 -15.83 13.42
CA ASN D 181 -8.27 -14.56 14.09
C ASN D 181 -6.83 -14.06 14.08
N LYS D 182 -5.87 -14.96 14.04
CA LYS D 182 -4.46 -14.58 14.02
C LYS D 182 -3.75 -15.20 12.79
N GLY D 183 -3.08 -14.36 11.98
CA GLY D 183 -2.32 -14.90 10.86
C GLY D 183 -1.15 -15.70 11.44
N LEU D 184 -0.65 -16.68 10.68
CA LEU D 184 0.42 -17.55 11.17
C LEU D 184 1.82 -17.30 10.63
N LYS D 185 1.96 -17.04 9.33
CA LYS D 185 3.32 -16.85 8.79
C LYS D 185 3.32 -15.77 7.73
N ASP D 186 4.40 -15.00 7.67
CA ASP D 186 4.59 -13.92 6.69
C ASP D 186 4.80 -14.55 5.31
N TYR D 187 4.69 -13.72 4.28
CA TYR D 187 4.87 -14.23 2.93
C TYR D 187 5.48 -13.17 2.05
N THR D 188 6.35 -13.60 1.13
CA THR D 188 6.96 -12.62 0.22
C THR D 188 7.16 -13.29 -1.14
N TYR D 189 7.18 -12.50 -2.21
CA TYR D 189 7.45 -13.08 -3.54
C TYR D 189 7.87 -11.97 -4.45
N THR D 190 8.50 -12.36 -5.55
CA THR D 190 8.97 -11.38 -6.53
C THR D 190 7.99 -11.30 -7.70
N LEU D 191 7.58 -10.08 -8.07
CA LEU D 191 6.64 -9.95 -9.18
C LEU D 191 7.29 -10.44 -10.48
N SER D 192 6.50 -11.13 -11.28
CA SER D 192 6.96 -11.66 -12.56
C SER D 192 7.70 -10.61 -13.37
N SER D 193 8.89 -10.97 -13.87
CA SER D 193 9.69 -10.02 -14.63
C SER D 193 8.96 -9.56 -15.89
N ASN D 194 8.03 -10.38 -16.38
CA ASN D 194 7.27 -10.04 -17.58
C ASN D 194 6.05 -9.15 -17.33
N ASN D 195 5.77 -8.80 -16.07
CA ASN D 195 4.60 -7.98 -15.81
C ASN D 195 4.83 -6.57 -16.35
N PRO D 196 3.98 -6.10 -17.28
CA PRO D 196 4.13 -4.77 -17.88
C PRO D 196 3.60 -3.58 -17.12
N TYR D 197 2.94 -3.86 -16.00
CA TYR D 197 2.29 -2.81 -15.22
C TYR D 197 3.09 -2.20 -14.07
N PHE D 198 4.21 -2.82 -13.73
CA PHE D 198 5.01 -2.33 -12.62
C PHE D 198 6.46 -2.19 -12.96
N ASN D 199 7.13 -1.24 -12.31
CA ASN D 199 8.57 -1.09 -12.51
C ASN D 199 9.22 -2.28 -11.81
N HIS D 200 10.32 -2.76 -12.38
CA HIS D 200 11.04 -3.90 -11.81
C HIS D 200 12.40 -3.45 -11.29
N PRO D 201 12.94 -4.17 -10.30
CA PRO D 201 12.34 -5.35 -9.68
C PRO D 201 11.34 -4.90 -8.63
N LYS D 202 10.42 -5.79 -8.28
CA LYS D 202 9.43 -5.47 -7.25
C LYS D 202 9.20 -6.71 -6.41
N ASN D 203 9.40 -6.57 -5.10
CA ASN D 203 9.18 -7.70 -4.21
C ASN D 203 7.95 -7.32 -3.38
N LEU D 204 7.04 -8.26 -3.21
CA LEU D 204 5.83 -7.98 -2.42
C LEU D 204 5.94 -8.72 -1.10
N PHE D 205 5.39 -8.12 -0.05
CA PHE D 205 5.48 -8.72 1.27
C PHE D 205 4.23 -8.50 2.09
N ALA D 206 3.76 -9.54 2.79
CA ALA D 206 2.63 -9.33 3.70
C ALA D 206 3.01 -9.94 5.08
N ALA D 207 2.95 -9.12 6.11
CA ALA D 207 3.31 -9.56 7.46
C ALA D 207 2.13 -10.30 8.11
N ILE D 208 1.70 -11.40 7.50
CA ILE D 208 0.54 -12.12 7.97
C ILE D 208 0.70 -12.65 9.38
N SER D 209 1.94 -12.94 9.77
CA SER D 209 2.18 -13.45 11.15
C SER D 209 1.87 -12.40 12.21
N THR D 210 1.72 -11.13 11.83
CA THR D 210 1.42 -10.09 12.83
C THR D 210 -0.06 -9.70 12.80
N ARG D 211 -0.82 -10.31 11.90
CA ARG D 211 -2.22 -9.96 11.75
C ARG D 211 -3.16 -10.48 12.79
N GLN D 212 -4.07 -9.60 13.19
CA GLN D 212 -5.13 -9.94 14.15
C GLN D 212 -6.37 -9.56 13.33
N TYR D 213 -6.95 -10.55 12.66
CA TYR D 213 -8.14 -10.28 11.81
C TYR D 213 -9.40 -10.18 12.64
N ASN D 214 -10.13 -9.10 12.45
CA ASN D 214 -11.40 -8.89 13.17
C ASN D 214 -12.51 -9.19 12.18
N TRP D 215 -13.08 -10.39 12.25
CA TRP D 215 -14.09 -10.80 11.31
C TRP D 215 -15.40 -10.04 11.43
N ASN D 216 -15.57 -9.28 12.51
CA ASN D 216 -16.78 -8.47 12.63
C ASN D 216 -16.66 -7.28 11.65
N ASN D 217 -15.41 -6.89 11.37
CA ASN D 217 -15.15 -5.75 10.48
C ASN D 217 -15.01 -6.17 9.03
N ILE D 218 -14.72 -7.45 8.80
CA ILE D 218 -14.62 -7.95 7.44
C ILE D 218 -16.06 -8.38 7.10
N LEU D 219 -16.84 -7.47 6.50
CA LEU D 219 -18.24 -7.74 6.22
C LEU D 219 -18.47 -8.80 5.15
N PRO D 220 -19.68 -9.38 5.11
CA PRO D 220 -19.98 -10.41 4.10
C PRO D 220 -20.12 -9.80 2.70
N THR D 221 -20.44 -8.52 2.63
CA THR D 221 -20.49 -7.83 1.32
C THR D 221 -20.33 -6.32 1.57
N TYR D 222 -19.98 -5.59 0.51
CA TYR D 222 -19.75 -4.15 0.58
C TYR D 222 -20.51 -3.33 -0.46
N SER D 223 -21.03 -2.19 -0.02
CA SER D 223 -21.75 -1.30 -0.91
C SER D 223 -20.76 -0.23 -1.39
N GLY D 224 -19.75 0.05 -0.57
CA GLY D 224 -18.76 1.08 -0.88
C GLY D 224 -19.02 2.34 -0.05
N ARG D 225 -20.10 2.35 0.73
CA ARG D 225 -20.47 3.49 1.58
C ARG D 225 -19.91 3.29 3.01
N GLU D 226 -19.13 2.22 3.21
CA GLU D 226 -18.60 1.88 4.54
C GLU D 226 -17.46 2.75 5.05
N SER D 227 -17.32 2.79 6.37
CA SER D 227 -16.26 3.59 6.95
C SER D 227 -14.91 2.88 6.77
N ASN D 228 -13.86 3.58 7.15
CA ASN D 228 -12.48 3.05 7.05
C ASN D 228 -12.32 1.73 7.80
N VAL D 229 -13.01 1.60 8.94
CA VAL D 229 -12.89 0.37 9.73
C VAL D 229 -13.24 -0.89 8.92
N GLN D 230 -14.38 -0.87 8.23
CA GLN D 230 -14.75 -2.06 7.45
C GLN D 230 -14.02 -2.12 6.13
N LYS D 231 -13.77 -0.99 5.48
CA LYS D 231 -13.05 -1.06 4.19
C LYS D 231 -11.59 -1.52 4.39
N MET D 232 -10.92 -1.00 5.43
CA MET D 232 -9.53 -1.44 5.66
C MET D 232 -9.50 -2.93 5.96
N ALA D 233 -10.49 -3.42 6.70
CA ALA D 233 -10.49 -4.84 7.03
C ALA D 233 -10.60 -5.77 5.81
N ILE D 234 -11.53 -5.50 4.90
CA ILE D 234 -11.64 -6.38 3.73
C ILE D 234 -10.46 -6.19 2.78
N SER D 235 -10.00 -4.96 2.65
CA SER D 235 -8.92 -4.71 1.69
C SER D 235 -7.61 -5.33 2.19
N GLU D 236 -7.39 -5.32 3.51
CA GLU D 236 -6.19 -5.94 4.07
C GLU D 236 -6.27 -7.47 3.84
N LEU D 237 -7.43 -8.08 4.08
CA LEU D 237 -7.58 -9.53 3.84
C LEU D 237 -7.28 -9.86 2.35
N MET D 238 -7.90 -9.11 1.45
CA MET D 238 -7.71 -9.40 0.02
C MET D 238 -6.26 -9.23 -0.41
N ALA D 239 -5.57 -8.22 0.16
CA ALA D 239 -4.16 -7.97 -0.18
C ALA D 239 -3.28 -9.07 0.40
N ASP D 240 -3.56 -9.51 1.64
CA ASP D 240 -2.79 -10.59 2.22
C ASP D 240 -2.98 -11.92 1.45
N VAL D 241 -4.23 -12.23 1.11
CA VAL D 241 -4.53 -13.47 0.40
C VAL D 241 -3.87 -13.42 -0.99
N GLY D 242 -4.02 -12.31 -1.70
CA GLY D 242 -3.38 -12.21 -3.02
C GLY D 242 -1.86 -12.39 -2.96
N ILE D 243 -1.21 -11.73 -2.01
CA ILE D 243 0.22 -11.90 -1.88
C ILE D 243 0.56 -13.37 -1.57
N SER D 244 -0.21 -14.02 -0.70
CA SER D 244 0.11 -15.41 -0.36
C SER D 244 0.00 -16.39 -1.52
N VAL D 245 -0.65 -15.98 -2.61
CA VAL D 245 -0.77 -16.89 -3.77
C VAL D 245 0.02 -16.32 -4.97
N ASP D 246 1.00 -15.48 -4.66
CA ASP D 246 1.90 -14.90 -5.67
C ASP D 246 1.15 -14.20 -6.80
N MET D 247 0.19 -13.36 -6.46
CA MET D 247 -0.59 -12.69 -7.49
C MET D 247 0.19 -11.82 -8.47
N ASP D 248 -0.06 -12.04 -9.76
CA ASP D 248 0.57 -11.25 -10.82
C ASP D 248 -0.45 -10.15 -11.10
N TYR D 249 -0.28 -9.05 -10.39
CA TYR D 249 -1.20 -7.95 -10.46
C TYR D 249 -1.30 -7.12 -11.70
N GLY D 250 -2.53 -6.72 -12.01
CA GLY D 250 -2.78 -5.88 -13.18
C GLY D 250 -4.26 -5.52 -13.21
N PRO D 251 -4.76 -4.97 -14.32
CA PRO D 251 -6.17 -4.58 -14.51
C PRO D 251 -6.95 -5.87 -14.25
N SER D 252 -6.37 -7.00 -14.65
CA SER D 252 -6.91 -8.31 -14.29
C SER D 252 -5.65 -8.89 -13.59
N SER D 253 -5.84 -9.79 -12.61
CA SER D 253 -4.71 -10.31 -11.86
C SER D 253 -4.71 -11.81 -11.87
N GLY D 254 -3.54 -12.40 -12.08
CA GLY D 254 -3.48 -13.85 -12.16
C GLY D 254 -2.60 -14.62 -11.19
N SER D 255 -3.03 -15.82 -10.82
CA SER D 255 -2.27 -16.69 -9.94
C SER D 255 -2.38 -18.12 -10.44
N ALA D 256 -1.38 -18.96 -10.09
CA ALA D 256 -1.40 -20.39 -10.46
C ALA D 256 -2.63 -21.01 -9.81
N GLY D 257 -3.05 -20.43 -8.70
CA GLY D 257 -4.25 -20.93 -8.05
C GLY D 257 -4.15 -22.03 -7.02
N SER D 258 -4.87 -23.12 -7.28
CA SER D 258 -4.94 -24.25 -6.34
C SER D 258 -3.70 -24.63 -5.56
N SER D 259 -2.56 -24.80 -6.23
CA SER D 259 -1.33 -25.20 -5.56
C SER D 259 -0.89 -24.16 -4.53
N ARG D 260 -1.09 -22.88 -4.86
CA ARG D 260 -0.73 -21.77 -3.98
C ARG D 260 -1.77 -21.65 -2.86
N VAL D 261 -3.03 -21.78 -3.25
CA VAL D 261 -4.14 -21.64 -2.30
C VAL D 261 -4.08 -22.70 -1.20
N GLN D 262 -3.85 -23.96 -1.56
CA GLN D 262 -3.87 -24.95 -0.49
C GLN D 262 -2.74 -24.75 0.49
N ARG D 263 -1.58 -24.35 -0.02
CA ARG D 263 -0.42 -24.13 0.82
C ARG D 263 -0.63 -22.89 1.69
N ALA D 264 -1.19 -21.83 1.12
CA ALA D 264 -1.40 -20.60 1.90
C ALA D 264 -2.39 -20.79 3.02
N LEU D 265 -3.47 -21.50 2.71
CA LEU D 265 -4.51 -21.73 3.72
C LEU D 265 -3.94 -22.41 4.95
N LYS D 266 -3.10 -23.43 4.74
CA LYS D 266 -2.54 -24.13 5.89
C LYS D 266 -1.35 -23.36 6.50
N GLU D 267 -0.38 -22.99 5.68
CA GLU D 267 0.83 -22.36 6.17
C GLU D 267 0.73 -20.93 6.67
N ASN D 268 0.07 -20.06 5.91
CA ASN D 268 -0.03 -18.68 6.36
C ASN D 268 -1.28 -18.40 7.19
N PHE D 269 -2.36 -19.13 6.95
CA PHE D 269 -3.62 -18.85 7.65
C PHE D 269 -4.06 -19.91 8.67
N GLY D 270 -3.31 -20.98 8.82
CA GLY D 270 -3.64 -21.94 9.86
C GLY D 270 -4.83 -22.86 9.69
N TYR D 271 -5.29 -23.05 8.47
CA TYR D 271 -6.42 -23.95 8.27
C TYR D 271 -5.96 -25.39 8.49
N ASN D 272 -6.94 -26.30 8.63
CA ASN D 272 -6.70 -27.73 8.88
C ASN D 272 -5.82 -28.41 7.84
N GLN D 273 -5.09 -29.44 8.30
CA GLN D 273 -4.22 -30.23 7.42
C GLN D 273 -5.07 -30.97 6.37
N SER D 274 -6.38 -31.00 6.60
CA SER D 274 -7.31 -31.64 5.68
C SER D 274 -7.34 -30.90 4.34
N VAL D 275 -6.89 -29.65 4.33
CA VAL D 275 -6.88 -28.86 3.11
C VAL D 275 -5.96 -29.49 2.08
N HIS D 276 -6.42 -29.68 0.85
CA HIS D 276 -5.55 -30.23 -0.18
C HIS D 276 -6.15 -30.02 -1.56
N GLN D 277 -5.29 -30.02 -2.56
CA GLN D 277 -5.69 -29.85 -3.92
C GLN D 277 -6.02 -31.21 -4.54
N ILE D 278 -7.09 -31.26 -5.30
CA ILE D 278 -7.43 -32.47 -6.05
C ILE D 278 -7.53 -32.05 -7.52
N ASN D 279 -7.03 -32.91 -8.41
CA ASN D 279 -7.05 -32.62 -9.84
C ASN D 279 -8.12 -33.41 -10.58
N ARG D 280 -8.87 -32.75 -11.44
CA ARG D 280 -9.97 -33.39 -12.16
C ARG D 280 -9.49 -34.63 -12.91
N GLY D 281 -8.28 -34.57 -13.44
CA GLY D 281 -7.74 -35.67 -14.22
C GLY D 281 -7.32 -36.91 -13.44
N ASP D 282 -7.46 -36.88 -12.13
CA ASP D 282 -7.08 -38.03 -11.31
C ASP D 282 -8.32 -38.82 -10.85
N PHE D 283 -9.49 -38.38 -11.27
CA PHE D 283 -10.75 -38.99 -10.87
C PHE D 283 -11.73 -39.23 -12.02
N SER D 284 -12.55 -40.26 -11.89
CA SER D 284 -13.60 -40.50 -12.88
C SER D 284 -14.65 -39.44 -12.55
N LYS D 285 -15.53 -39.13 -13.50
CA LYS D 285 -16.55 -38.12 -13.26
C LYS D 285 -17.35 -38.40 -12.00
N GLN D 286 -17.75 -39.66 -11.81
CA GLN D 286 -18.54 -40.00 -10.64
C GLN D 286 -17.81 -39.76 -9.32
N ASP D 287 -16.53 -40.11 -9.27
CA ASP D 287 -15.73 -39.92 -8.05
C ASP D 287 -15.46 -38.43 -7.81
N TRP D 288 -15.27 -37.67 -8.89
CA TRP D 288 -15.01 -36.23 -8.78
C TRP D 288 -16.24 -35.56 -8.17
N GLU D 289 -17.41 -35.87 -8.70
CA GLU D 289 -18.64 -35.30 -8.17
C GLU D 289 -18.85 -35.73 -6.72
N ALA D 290 -18.48 -36.97 -6.42
CA ALA D 290 -18.63 -37.48 -5.06
C ALA D 290 -17.78 -36.65 -4.08
N GLN D 291 -16.59 -36.24 -4.52
CA GLN D 291 -15.68 -35.45 -3.68
C GLN D 291 -16.36 -34.12 -3.37
N ILE D 292 -16.87 -33.47 -4.41
CA ILE D 292 -17.53 -32.19 -4.21
C ILE D 292 -18.80 -32.35 -3.36
N ASP D 293 -19.60 -33.39 -3.63
CA ASP D 293 -20.80 -33.59 -2.81
C ASP D 293 -20.47 -33.81 -1.32
N LYS D 294 -19.37 -34.49 -1.05
CA LYS D 294 -18.96 -34.77 0.32
C LYS D 294 -18.61 -33.47 1.06
N GLU D 295 -17.92 -32.58 0.37
CA GLU D 295 -17.57 -31.29 0.95
C GLU D 295 -18.85 -30.50 1.28
N LEU D 296 -19.77 -30.42 0.33
CA LEU D 296 -21.00 -29.67 0.53
C LEU D 296 -21.85 -30.23 1.67
N SER D 297 -21.78 -31.54 1.86
CA SER D 297 -22.53 -32.22 2.91
C SER D 297 -22.00 -31.86 4.29
N GLN D 298 -20.76 -31.39 4.34
CA GLN D 298 -20.09 -30.99 5.57
C GLN D 298 -20.04 -29.48 5.69
N ASN D 299 -20.89 -28.80 4.91
CA ASN D 299 -20.97 -27.34 4.91
C ASN D 299 -19.61 -26.72 4.65
N GLN D 300 -18.88 -27.29 3.68
CA GLN D 300 -17.57 -26.75 3.34
C GLN D 300 -17.55 -26.31 1.88
N PRO D 301 -17.66 -24.99 1.60
CA PRO D 301 -17.61 -24.52 0.20
C PRO D 301 -16.30 -24.98 -0.40
N VAL D 302 -16.31 -25.14 -1.72
CA VAL D 302 -15.16 -25.64 -2.45
C VAL D 302 -14.55 -24.62 -3.39
N TYR D 303 -13.23 -24.52 -3.34
CA TYR D 303 -12.48 -23.61 -4.22
C TYR D 303 -12.34 -24.46 -5.49
N TYR D 304 -12.63 -23.86 -6.64
CA TYR D 304 -12.58 -24.59 -7.91
C TYR D 304 -11.96 -23.69 -8.98
N GLN D 305 -11.27 -24.28 -9.97
CA GLN D 305 -10.70 -23.46 -11.02
C GLN D 305 -10.45 -24.23 -12.31
N GLY D 306 -10.42 -23.47 -13.39
CA GLY D 306 -10.06 -24.00 -14.70
C GLY D 306 -8.72 -23.30 -14.94
N VAL D 307 -7.95 -23.70 -15.95
CA VAL D 307 -6.67 -23.04 -16.15
C VAL D 307 -6.60 -22.36 -17.50
N GLY D 308 -5.91 -21.23 -17.54
CA GLY D 308 -5.74 -20.49 -18.77
C GLY D 308 -4.29 -20.06 -18.89
N LYS D 309 -3.98 -19.29 -19.93
CA LYS D 309 -2.63 -18.83 -20.13
C LYS D 309 -2.12 -18.04 -18.94
N VAL D 310 -2.97 -17.24 -18.33
CA VAL D 310 -2.54 -16.41 -17.19
C VAL D 310 -2.63 -17.09 -15.82
N GLY D 311 -3.04 -18.36 -15.79
CA GLY D 311 -3.15 -19.04 -14.52
C GLY D 311 -4.53 -19.60 -14.24
N GLY D 312 -4.85 -19.78 -12.96
CA GLY D 312 -6.14 -20.33 -12.63
C GLY D 312 -7.27 -19.33 -12.63
N HIS D 313 -8.41 -19.74 -13.17
CA HIS D 313 -9.61 -18.90 -13.21
C HIS D 313 -10.52 -19.56 -12.21
N ALA D 314 -10.58 -18.95 -11.04
CA ALA D 314 -11.29 -19.53 -9.90
C ALA D 314 -12.69 -19.06 -9.58
N PHE D 315 -13.39 -19.90 -8.84
CA PHE D 315 -14.72 -19.59 -8.32
C PHE D 315 -15.01 -20.52 -7.15
N VAL D 316 -16.16 -20.32 -6.52
CA VAL D 316 -16.56 -21.15 -5.39
C VAL D 316 -17.79 -21.96 -5.71
N ILE D 317 -17.76 -23.26 -5.40
CA ILE D 317 -18.94 -24.13 -5.57
C ILE D 317 -19.44 -24.26 -4.14
N ASP D 318 -20.69 -23.88 -3.92
CA ASP D 318 -21.21 -23.89 -2.57
C ASP D 318 -22.63 -24.41 -2.45
N GLY D 319 -23.06 -25.19 -3.43
CA GLY D 319 -24.43 -25.72 -3.39
C GLY D 319 -24.66 -26.66 -4.55
N ALA D 320 -25.83 -27.31 -4.57
CA ALA D 320 -26.16 -28.26 -5.63
C ALA D 320 -27.68 -28.31 -5.68
N ASP D 321 -28.25 -28.58 -6.84
CA ASP D 321 -29.71 -28.61 -6.96
C ASP D 321 -30.31 -30.00 -6.96
N GLY D 322 -29.46 -31.01 -6.82
CA GLY D 322 -29.93 -32.39 -6.80
C GLY D 322 -30.16 -32.95 -8.19
N ARG D 323 -29.93 -32.14 -9.23
CA ARG D 323 -30.11 -32.60 -10.60
C ARG D 323 -28.82 -32.47 -11.41
N ASN D 324 -27.69 -32.58 -10.71
CA ASN D 324 -26.36 -32.50 -11.32
C ASN D 324 -25.85 -31.09 -11.62
N PHE D 325 -26.54 -30.07 -11.10
CA PHE D 325 -26.06 -28.69 -11.30
C PHE D 325 -25.47 -28.24 -9.97
N TYR D 326 -24.38 -27.48 -10.02
CA TYR D 326 -23.77 -26.99 -8.78
C TYR D 326 -23.87 -25.47 -8.71
N HIS D 327 -24.09 -24.96 -7.52
CA HIS D 327 -24.20 -23.51 -7.37
C HIS D 327 -22.81 -22.91 -7.31
N VAL D 328 -22.63 -21.88 -8.11
CA VAL D 328 -21.37 -21.18 -8.26
C VAL D 328 -21.44 -19.72 -7.90
N ASN D 329 -20.43 -19.25 -7.17
CA ASN D 329 -20.28 -17.84 -6.82
C ASN D 329 -19.02 -17.44 -7.59
N TRP D 330 -19.19 -16.63 -8.65
CA TRP D 330 -18.09 -16.21 -9.50
C TRP D 330 -17.20 -15.13 -8.91
N GLY D 331 -17.58 -14.57 -7.77
CA GLY D 331 -16.72 -13.54 -7.22
C GLY D 331 -16.77 -12.20 -7.91
N TRP D 332 -17.89 -11.90 -8.57
CA TRP D 332 -18.06 -10.60 -9.22
C TRP D 332 -19.23 -9.82 -8.61
N GLY D 333 -19.50 -10.09 -7.34
CA GLY D 333 -20.55 -9.37 -6.62
C GLY D 333 -21.95 -9.91 -6.76
N GLY D 334 -22.13 -10.96 -7.55
CA GLY D 334 -23.45 -11.53 -7.70
C GLY D 334 -23.79 -11.85 -9.14
N VAL D 335 -23.31 -11.03 -10.07
CA VAL D 335 -23.59 -11.25 -11.48
C VAL D 335 -23.16 -12.65 -11.93
N SER D 336 -24.02 -13.29 -12.72
CA SER D 336 -23.78 -14.64 -13.26
C SER D 336 -23.87 -15.79 -12.25
N ASP D 337 -24.00 -15.50 -10.95
CA ASP D 337 -24.10 -16.58 -9.98
C ASP D 337 -25.33 -17.42 -10.33
N GLY D 338 -25.23 -18.72 -10.12
CA GLY D 338 -26.33 -19.61 -10.42
C GLY D 338 -25.92 -21.07 -10.39
N PHE D 339 -26.68 -21.93 -11.06
CA PHE D 339 -26.41 -23.36 -11.11
C PHE D 339 -25.78 -23.75 -12.43
N PHE D 340 -24.71 -24.52 -12.36
CA PHE D 340 -23.99 -24.91 -13.54
C PHE D 340 -23.57 -26.38 -13.52
N ARG D 341 -23.53 -27.01 -14.69
CA ARG D 341 -23.05 -28.39 -14.73
C ARG D 341 -21.52 -28.29 -14.63
N LEU D 342 -20.86 -29.30 -14.07
CA LEU D 342 -19.41 -29.25 -14.00
C LEU D 342 -18.81 -29.31 -15.39
N ASP D 343 -19.58 -29.88 -16.32
CA ASP D 343 -19.13 -29.96 -17.70
C ASP D 343 -20.31 -30.27 -18.62
N ALA D 344 -20.12 -30.08 -19.92
CA ALA D 344 -21.18 -30.34 -20.88
C ALA D 344 -20.88 -31.58 -21.71
N LEU D 345 -20.06 -32.47 -21.17
CA LEU D 345 -19.68 -33.67 -21.90
C LEU D 345 -20.74 -34.75 -21.87
N ASN D 346 -20.79 -35.54 -22.94
CA ASN D 346 -21.73 -36.65 -23.04
C ASN D 346 -20.98 -37.87 -22.53
N PRO D 347 -21.58 -38.63 -21.60
CA PRO D 347 -20.91 -39.83 -21.07
C PRO D 347 -21.04 -41.02 -22.02
N TYR D 362 -5.41 -28.55 -16.44
CA TYR D 362 -6.82 -28.87 -16.45
C TYR D 362 -7.45 -28.34 -15.18
N GLN D 363 -8.71 -28.70 -14.94
CA GLN D 363 -9.45 -28.23 -13.77
C GLN D 363 -8.99 -28.86 -12.45
N SER D 364 -9.10 -28.08 -11.37
CA SER D 364 -8.70 -28.58 -10.06
C SER D 364 -9.53 -27.90 -8.99
N ALA D 365 -9.44 -28.44 -7.79
CA ALA D 365 -10.19 -27.86 -6.66
C ALA D 365 -9.36 -27.96 -5.40
N VAL D 366 -9.70 -27.13 -4.40
CA VAL D 366 -9.05 -27.27 -3.11
C VAL D 366 -10.22 -27.62 -2.20
N VAL D 367 -10.09 -28.76 -1.54
CA VAL D 367 -11.13 -29.26 -0.66
C VAL D 367 -10.58 -29.47 0.74
N GLY D 368 -11.45 -29.87 1.67
CA GLY D 368 -11.03 -30.08 3.03
C GLY D 368 -10.78 -28.76 3.75
N ILE D 369 -11.35 -27.67 3.23
CA ILE D 369 -11.13 -26.38 3.85
C ILE D 369 -12.01 -26.16 5.09
N LYS D 370 -11.34 -26.17 6.23
CA LYS D 370 -11.98 -25.93 7.51
C LYS D 370 -10.90 -25.53 8.48
N PRO D 371 -11.27 -24.89 9.59
CA PRO D 371 -10.29 -24.46 10.59
C PRO D 371 -9.52 -25.65 11.16
#